data_1SO0
#
_entry.id   1SO0
#
_cell.length_a   61.000
_cell.length_b   68.700
_cell.length_c   98.900
_cell.angle_alpha   107.70
_cell.angle_beta   98.40
_cell.angle_gamma   102.70
#
_symmetry.space_group_name_H-M   'P 1'
#
loop_
_entity.id
_entity.type
_entity.pdbx_description
1 polymer 'aldose 1-epimerase'
2 non-polymer beta-D-galactopyranose
3 water water
#
_entity_poly.entity_id   1
_entity_poly.type   'polypeptide(L)'
_entity_poly.pdbx_seq_one_letter_code
;GHMASVTRAVFGELPSGGGTVEKFQLQSDLLRVDIISWGCTITALEVKDRQGRASDVVLGFAELEGYLQKQPYFGAVIGR
VANRIAKGTFKVDGKEYHLAINKEPNSLHGGVRGFDKVLWTPRVLSNGVQFSRISPDGEEGYPGELKVWVTYTLDGGELI
VNYRAQASQATPVNLTNHSYFNLAGQASPNINDHEVTIEADTYLPVDETLIPTGEVAPVQGTAFDLRKPVELGKHLQDFH
LNGFDHNFCLKGSKEKHFCARVHHAASGRVLEVYTTQPGVQFYTGNFLDGTLKGKNGAVYPKHSGFCLETQNWPDAVNQP
RFPPVLLRPGEEYDHTTWFKFSVA
;
_entity_poly.pdbx_strand_id   A,B,C,D
#
loop_
_chem_comp.id
_chem_comp.type
_chem_comp.name
_chem_comp.formula
GAL D-saccharide, beta linking beta-D-galactopyranose 'C6 H12 O6'
#
# COMPACT_ATOMS: atom_id res chain seq x y z
N GLY A 1 -4.73 20.18 6.23
CA GLY A 1 -5.78 20.36 7.23
C GLY A 1 -5.22 20.95 8.52
N HIS A 2 -5.58 22.21 8.79
CA HIS A 2 -5.06 22.91 9.96
C HIS A 2 -5.77 22.72 11.28
N MET A 3 -5.01 22.98 12.33
CA MET A 3 -5.56 22.85 13.64
C MET A 3 -6.44 24.05 13.86
N ALA A 4 -7.60 23.86 14.48
CA ALA A 4 -8.51 24.97 14.69
C ALA A 4 -8.13 25.92 15.78
N SER A 5 -8.63 27.11 15.56
CA SER A 5 -8.47 28.20 16.49
C SER A 5 -9.87 28.36 17.02
N VAL A 6 -9.89 28.84 18.23
CA VAL A 6 -11.12 29.00 18.98
C VAL A 6 -11.41 30.41 19.44
N THR A 7 -12.64 30.87 19.20
CA THR A 7 -13.07 32.17 19.69
C THR A 7 -14.31 32.01 20.54
N ARG A 8 -14.50 32.90 21.49
CA ARG A 8 -15.70 32.76 22.30
C ARG A 8 -16.43 34.09 22.36
N ALA A 9 -17.72 34.08 22.63
CA ALA A 9 -18.52 35.27 22.77
C ALA A 9 -19.80 34.98 23.53
N VAL A 10 -20.47 36.01 24.03
CA VAL A 10 -21.75 35.80 24.69
C VAL A 10 -22.77 35.58 23.58
N PHE A 11 -23.59 34.54 23.72
CA PHE A 11 -24.61 34.12 22.77
C PHE A 11 -25.95 34.50 23.32
N GLY A 12 -26.20 34.18 24.57
CA GLY A 12 -27.46 34.48 25.17
C GLY A 12 -27.42 34.45 26.70
N GLU A 13 -28.57 34.68 27.33
CA GLU A 13 -28.71 34.71 28.77
C GLU A 13 -29.96 33.94 29.13
N LEU A 14 -29.85 32.97 30.04
CA LEU A 14 -31.00 32.18 30.45
C LEU A 14 -31.98 32.93 31.30
N PRO A 15 -33.24 32.70 31.08
CA PRO A 15 -34.30 33.34 31.85
C PRO A 15 -34.18 32.91 33.31
N SER A 16 -34.91 33.61 34.20
CA SER A 16 -34.88 33.27 35.62
C SER A 16 -33.44 33.23 36.09
N GLY A 17 -32.65 34.12 35.49
CA GLY A 17 -31.24 34.22 35.79
C GLY A 17 -30.57 32.86 35.78
N GLY A 18 -30.87 32.06 34.77
CA GLY A 18 -30.27 30.74 34.69
C GLY A 18 -28.79 30.78 34.26
N GLY A 19 -28.28 31.94 33.88
CA GLY A 19 -26.87 32.02 33.51
C GLY A 19 -26.62 32.45 32.10
N THR A 20 -25.39 32.88 31.90
CA THR A 20 -24.99 33.32 30.59
C THR A 20 -24.53 32.18 29.70
N VAL A 21 -25.01 32.15 28.47
CA VAL A 21 -24.59 31.14 27.58
C VAL A 21 -23.60 31.66 26.57
N GLU A 22 -22.47 30.95 26.44
CA GLU A 22 -21.48 31.34 25.47
C GLU A 22 -21.47 30.49 24.22
N LYS A 23 -20.92 31.09 23.19
CA LYS A 23 -20.80 30.45 21.90
C LYS A 23 -19.32 30.34 21.59
N PHE A 24 -18.87 29.17 21.23
CA PHE A 24 -17.47 28.90 20.93
C PHE A 24 -17.37 28.57 19.46
N GLN A 25 -16.49 29.25 18.80
CA GLN A 25 -16.36 28.99 17.39
C GLN A 25 -15.02 28.37 17.10
N LEU A 26 -15.07 27.19 16.50
CA LEU A 26 -13.85 26.48 16.19
C LEU A 26 -13.62 26.56 14.71
N GLN A 27 -12.46 27.03 14.33
CA GLN A 27 -12.26 27.14 12.93
C GLN A 27 -10.94 26.71 12.51
N SER A 28 -11.01 25.96 11.41
CA SER A 28 -9.83 25.43 10.73
C SER A 28 -9.89 25.96 9.32
N ASP A 29 -8.99 25.49 8.47
CA ASP A 29 -9.01 25.90 7.06
C ASP A 29 -10.09 25.15 6.30
N LEU A 30 -10.74 24.18 6.94
CA LEU A 30 -11.75 23.37 6.27
C LEU A 30 -13.10 23.48 6.83
N LEU A 31 -13.18 23.53 8.14
CA LEU A 31 -14.50 23.59 8.73
C LEU A 31 -14.63 24.70 9.72
N ARG A 32 -15.88 25.05 9.97
CA ARG A 32 -16.19 26.04 10.99
C ARG A 32 -17.28 25.43 11.83
N VAL A 33 -17.01 25.22 13.11
CA VAL A 33 -17.96 24.66 14.03
C VAL A 33 -18.30 25.61 15.18
N ASP A 34 -19.60 25.78 15.40
CA ASP A 34 -20.09 26.68 16.45
C ASP A 34 -20.74 25.87 17.52
N ILE A 35 -20.39 26.17 18.78
CA ILE A 35 -20.95 25.39 19.87
C ILE A 35 -21.22 26.25 21.07
N ILE A 36 -22.35 25.99 21.73
CA ILE A 36 -22.79 26.69 22.91
C ILE A 36 -22.83 25.77 24.13
N SER A 37 -22.57 26.44 25.24
CA SER A 37 -22.49 25.89 26.55
C SER A 37 -23.80 25.38 27.10
N TRP A 38 -24.89 25.56 26.35
CA TRP A 38 -26.17 25.07 26.78
C TRP A 38 -26.31 23.69 26.12
N GLY A 39 -26.24 22.64 26.93
CA GLY A 39 -26.33 21.34 26.30
C GLY A 39 -25.20 21.02 25.27
N CYS A 40 -24.03 21.63 25.39
CA CYS A 40 -22.95 21.35 24.45
C CYS A 40 -23.44 21.23 23.04
N THR A 41 -24.38 22.11 22.67
CA THR A 41 -25.03 22.15 21.37
C THR A 41 -24.31 22.66 20.16
N ILE A 42 -24.15 21.78 19.16
CA ILE A 42 -23.51 22.28 17.99
C ILE A 42 -24.57 23.11 17.31
N THR A 43 -24.23 24.33 16.99
CA THR A 43 -25.17 25.26 16.41
C THR A 43 -25.06 25.51 14.92
N ALA A 44 -23.88 25.30 14.40
CA ALA A 44 -23.63 25.47 13.00
C ALA A 44 -22.42 24.66 12.66
N LEU A 45 -22.43 24.24 11.42
CA LEU A 45 -21.34 23.44 10.94
C LEU A 45 -21.25 23.71 9.46
N GLU A 46 -20.23 24.49 9.18
CA GLU A 46 -19.93 24.88 7.84
C GLU A 46 -18.87 24.03 7.14
N VAL A 47 -19.26 23.46 6.00
CA VAL A 47 -18.44 22.55 5.20
C VAL A 47 -18.55 22.91 3.75
N LYS A 48 -17.43 22.70 3.06
CA LYS A 48 -17.29 23.05 1.64
C LYS A 48 -17.75 22.01 0.62
N ASP A 49 -18.26 22.48 -0.52
CA ASP A 49 -18.62 21.56 -1.58
C ASP A 49 -17.41 21.49 -2.51
N ARG A 50 -17.57 20.87 -3.68
CA ARG A 50 -16.44 20.80 -4.59
C ARG A 50 -16.01 22.12 -5.16
N GLN A 51 -16.86 23.14 -5.09
CA GLN A 51 -16.47 24.43 -5.61
C GLN A 51 -15.69 25.20 -4.57
N GLY A 52 -15.74 24.72 -3.34
CA GLY A 52 -15.05 25.37 -2.26
C GLY A 52 -16.03 26.26 -1.52
N ARG A 53 -17.29 26.07 -1.86
CA ARG A 53 -18.35 26.81 -1.26
C ARG A 53 -18.77 26.15 0.05
N ALA A 54 -18.83 26.99 1.08
CA ALA A 54 -19.22 26.52 2.41
C ALA A 54 -20.69 26.63 2.75
N SER A 55 -21.30 25.54 3.19
CA SER A 55 -22.66 25.64 3.61
C SER A 55 -22.68 25.04 4.98
N ASP A 56 -23.60 25.53 5.81
CA ASP A 56 -23.77 25.01 7.15
C ASP A 56 -24.67 23.82 6.95
N VAL A 57 -24.18 22.67 7.31
CA VAL A 57 -24.92 21.45 7.07
C VAL A 57 -25.67 20.97 8.27
N VAL A 58 -25.92 21.87 9.17
CA VAL A 58 -26.63 21.42 10.34
C VAL A 58 -27.82 22.26 10.68
N LEU A 59 -28.94 21.60 10.95
CA LEU A 59 -30.17 22.28 11.30
C LEU A 59 -30.00 22.87 12.68
N GLY A 60 -30.62 24.01 12.91
CA GLY A 60 -30.48 24.66 14.19
C GLY A 60 -31.10 26.03 14.19
N PHE A 61 -30.83 26.75 15.26
CA PHE A 61 -31.39 28.07 15.45
C PHE A 61 -30.35 29.16 15.52
N ALA A 62 -30.77 30.40 15.24
CA ALA A 62 -29.86 31.54 15.26
C ALA A 62 -29.72 32.13 16.62
N GLU A 63 -30.69 31.86 17.47
CA GLU A 63 -30.62 32.42 18.80
C GLU A 63 -30.93 31.41 19.87
N LEU A 64 -30.43 31.71 21.04
CA LEU A 64 -30.70 30.84 22.17
C LEU A 64 -32.16 30.42 22.27
N GLU A 65 -33.02 31.42 22.22
CA GLU A 65 -34.45 31.22 22.38
C GLU A 65 -34.94 30.11 21.48
N GLY A 66 -34.27 29.90 20.36
CA GLY A 66 -34.64 28.88 19.41
C GLY A 66 -34.56 27.49 20.02
N TYR A 67 -33.52 27.30 20.81
CA TYR A 67 -33.33 26.06 21.48
C TYR A 67 -34.18 25.88 22.69
N LEU A 68 -34.65 26.99 23.28
CA LEU A 68 -35.43 26.91 24.52
C LEU A 68 -36.89 26.57 24.24
N GLN A 69 -37.27 26.64 22.98
CA GLN A 69 -38.61 26.31 22.62
C GLN A 69 -38.69 24.82 22.41
N LYS A 70 -39.90 24.32 22.26
CA LYS A 70 -40.14 22.92 22.08
C LYS A 70 -39.64 22.45 20.72
N GLN A 71 -38.41 21.95 20.73
CA GLN A 71 -37.70 21.45 19.56
C GLN A 71 -37.12 20.07 19.86
N PRO A 72 -36.98 19.28 18.82
CA PRO A 72 -36.54 17.93 19.03
C PRO A 72 -35.10 17.67 19.24
N TYR A 73 -34.56 18.15 20.36
CA TYR A 73 -33.16 17.87 20.65
C TYR A 73 -32.12 18.31 19.63
N PHE A 74 -32.33 19.38 18.89
CA PHE A 74 -31.32 19.82 17.93
C PHE A 74 -29.87 20.00 18.42
N GLY A 75 -28.94 19.34 17.71
CA GLY A 75 -27.49 19.36 17.85
C GLY A 75 -26.86 19.27 19.24
N ALA A 76 -27.65 18.85 20.22
CA ALA A 76 -27.27 18.74 21.61
C ALA A 76 -26.68 17.42 22.07
N VAL A 77 -26.15 17.47 23.28
CA VAL A 77 -25.64 16.27 23.88
C VAL A 77 -26.81 15.64 24.61
N ILE A 78 -26.93 14.33 24.53
CA ILE A 78 -28.02 13.62 25.16
C ILE A 78 -27.51 12.69 26.23
N GLY A 79 -28.23 12.63 27.37
CA GLY A 79 -27.89 11.82 28.51
C GLY A 79 -28.84 12.22 29.60
N ARG A 80 -28.81 11.56 30.73
CA ARG A 80 -27.88 10.48 31.09
C ARG A 80 -27.83 9.24 30.21
N VAL A 81 -28.98 8.84 29.75
CA VAL A 81 -29.09 7.67 28.90
C VAL A 81 -29.89 8.07 27.68
N ALA A 82 -29.25 7.92 26.53
CA ALA A 82 -29.88 8.29 25.26
C ALA A 82 -30.88 7.23 24.80
N ASN A 83 -31.86 7.73 24.10
CA ASN A 83 -32.92 6.95 23.53
C ASN A 83 -33.93 6.55 24.60
N ARG A 84 -34.63 5.44 24.41
CA ARG A 84 -35.68 4.91 25.28
C ARG A 84 -35.39 3.78 26.21
N ILE A 85 -36.12 3.87 27.32
CA ILE A 85 -36.13 2.91 28.40
C ILE A 85 -37.55 2.48 28.61
N ALA A 86 -37.79 1.19 28.39
CA ALA A 86 -39.13 0.65 28.55
C ALA A 86 -39.73 1.02 29.90
N LYS A 87 -40.94 1.48 29.82
CA LYS A 87 -41.71 1.84 31.01
C LYS A 87 -41.03 2.80 31.95
N GLY A 88 -40.01 3.47 31.47
CA GLY A 88 -39.29 4.42 32.29
C GLY A 88 -38.80 3.72 33.55
N THR A 89 -38.46 2.44 33.38
CA THR A 89 -38.03 1.70 34.53
C THR A 89 -36.92 0.69 34.24
N PHE A 90 -36.04 0.54 35.25
CA PHE A 90 -34.90 -0.36 35.18
C PHE A 90 -34.51 -0.65 36.62
N LYS A 91 -33.71 -1.70 36.78
CA LYS A 91 -33.21 -2.12 38.08
C LYS A 91 -31.71 -2.14 37.99
N VAL A 92 -31.08 -1.80 39.08
CA VAL A 92 -29.64 -1.87 39.11
C VAL A 92 -29.30 -2.51 40.42
N ASP A 93 -28.49 -3.55 40.42
CA ASP A 93 -28.13 -4.21 41.67
C ASP A 93 -29.32 -4.44 42.56
N GLY A 94 -30.39 -4.99 41.97
CA GLY A 94 -31.60 -5.32 42.72
C GLY A 94 -32.58 -4.21 43.09
N LYS A 95 -32.17 -2.96 42.90
CA LYS A 95 -33.01 -1.81 43.21
C LYS A 95 -33.65 -1.31 41.91
N GLU A 96 -34.93 -1.09 42.05
CA GLU A 96 -35.73 -0.66 40.95
C GLU A 96 -35.79 0.83 40.90
N TYR A 97 -35.59 1.37 39.70
CA TYR A 97 -35.61 2.81 39.55
C TYR A 97 -36.68 3.24 38.57
N HIS A 98 -37.26 4.40 38.84
CA HIS A 98 -38.31 4.96 38.03
C HIS A 98 -37.92 6.31 37.50
N LEU A 99 -38.17 6.50 36.19
CA LEU A 99 -37.85 7.73 35.49
C LEU A 99 -39.12 8.40 35.00
N ALA A 100 -38.95 9.61 34.48
CA ALA A 100 -40.04 10.38 33.94
C ALA A 100 -40.55 9.75 32.67
N ILE A 101 -41.88 9.63 32.56
CA ILE A 101 -42.44 9.10 31.35
C ILE A 101 -42.72 10.27 30.44
N ASN A 102 -41.67 10.72 29.79
CA ASN A 102 -41.77 11.87 28.90
C ASN A 102 -42.15 11.49 27.49
N LYS A 103 -42.26 10.19 27.24
CA LYS A 103 -42.67 9.62 25.94
C LYS A 103 -43.48 8.35 26.11
N GLU A 104 -44.73 8.51 26.58
CA GLU A 104 -45.66 7.41 26.82
C GLU A 104 -45.42 6.27 25.84
N PRO A 105 -45.22 5.07 26.34
CA PRO A 105 -45.22 4.75 27.77
C PRO A 105 -43.81 4.64 28.26
N ASN A 106 -42.88 5.24 27.54
CA ASN A 106 -41.53 5.10 27.94
C ASN A 106 -40.92 6.42 28.36
N SER A 107 -39.63 6.34 28.77
CA SER A 107 -38.77 7.43 29.12
C SER A 107 -37.78 7.54 27.95
N LEU A 108 -37.47 8.81 27.56
CA LEU A 108 -36.64 9.08 26.41
C LEU A 108 -35.60 10.15 26.58
N HIS A 109 -34.41 9.86 26.09
CA HIS A 109 -33.32 10.81 26.12
C HIS A 109 -33.06 11.56 27.44
N GLY A 110 -32.97 10.85 28.56
CA GLY A 110 -32.63 11.48 29.83
C GLY A 110 -33.71 12.08 30.69
N GLY A 111 -34.93 12.17 30.15
CA GLY A 111 -36.01 12.72 30.98
C GLY A 111 -36.55 14.07 30.59
N VAL A 112 -37.08 14.78 31.57
CA VAL A 112 -37.69 16.04 31.31
C VAL A 112 -36.62 17.10 31.07
N ARG A 113 -35.65 17.10 31.95
CA ARG A 113 -34.56 18.03 31.86
C ARG A 113 -33.25 17.24 31.69
N GLY A 114 -33.03 16.75 30.46
CA GLY A 114 -31.87 15.94 30.14
C GLY A 114 -30.62 16.78 29.96
N PHE A 115 -29.56 16.11 29.60
CA PHE A 115 -28.29 16.79 29.39
C PHE A 115 -28.29 17.86 28.34
N ASP A 116 -29.23 17.80 27.45
CA ASP A 116 -29.28 18.77 26.38
C ASP A 116 -29.89 20.07 26.85
N LYS A 117 -30.52 20.04 28.03
CA LYS A 117 -31.12 21.26 28.54
C LYS A 117 -30.61 21.75 29.90
N VAL A 118 -29.31 21.79 30.00
CA VAL A 118 -28.69 22.29 31.20
C VAL A 118 -27.45 23.02 30.75
N LEU A 119 -26.98 23.89 31.63
CA LEU A 119 -25.84 24.70 31.30
C LEU A 119 -24.54 24.02 31.69
N TRP A 120 -23.67 23.80 30.74
CA TRP A 120 -22.39 23.16 30.98
C TRP A 120 -21.32 24.21 31.22
N THR A 121 -20.22 23.84 31.88
CA THR A 121 -19.13 24.73 32.16
C THR A 121 -18.03 24.52 31.13
N PRO A 122 -17.64 25.59 30.45
CA PRO A 122 -16.70 25.48 29.37
C PRO A 122 -15.30 25.85 29.70
N ARG A 123 -14.39 25.13 29.07
CA ARG A 123 -13.00 25.32 29.20
C ARG A 123 -12.43 25.24 27.80
N VAL A 124 -11.88 26.35 27.41
CA VAL A 124 -11.33 26.48 26.10
C VAL A 124 -10.02 25.76 25.97
N LEU A 125 -9.90 24.99 24.89
CA LEU A 125 -8.69 24.27 24.64
C LEU A 125 -7.88 24.90 23.56
N SER A 126 -6.67 24.39 23.43
CA SER A 126 -5.87 24.96 22.35
C SER A 126 -6.56 24.81 21.00
N ASN A 127 -7.20 23.67 20.73
CA ASN A 127 -7.87 23.49 19.43
C ASN A 127 -9.31 23.05 19.58
N GLY A 128 -9.97 23.54 20.63
CA GLY A 128 -11.33 23.16 20.89
C GLY A 128 -11.83 23.61 22.24
N VAL A 129 -12.88 22.93 22.71
CA VAL A 129 -13.48 23.30 23.96
C VAL A 129 -14.03 22.10 24.66
N GLN A 130 -13.97 22.21 25.95
CA GLN A 130 -14.46 21.15 26.79
C GLN A 130 -15.55 21.61 27.71
N PHE A 131 -16.61 20.85 27.77
CA PHE A 131 -17.68 21.20 28.67
C PHE A 131 -17.74 20.17 29.77
N SER A 132 -18.13 20.62 30.95
CA SER A 132 -18.18 19.74 32.06
C SER A 132 -19.35 20.18 32.88
N ARG A 133 -19.91 19.18 33.57
CA ARG A 133 -21.06 19.30 34.41
C ARG A 133 -21.16 18.13 35.37
N ILE A 134 -21.81 18.38 36.49
CA ILE A 134 -22.08 17.34 37.45
C ILE A 134 -23.57 17.07 37.43
N SER A 135 -23.93 15.80 37.25
CA SER A 135 -25.32 15.37 37.26
C SER A 135 -25.41 14.73 38.64
N PRO A 136 -26.11 15.34 39.55
CA PRO A 136 -26.18 14.83 40.90
C PRO A 136 -27.03 13.59 40.98
N ASP A 137 -26.86 12.89 42.10
CA ASP A 137 -27.56 11.65 42.38
C ASP A 137 -29.01 11.97 42.34
N GLY A 138 -29.75 11.06 41.77
CA GLY A 138 -31.17 11.29 41.68
C GLY A 138 -31.52 12.16 40.49
N GLU A 139 -30.56 12.77 39.87
CA GLU A 139 -30.97 13.58 38.73
C GLU A 139 -31.84 12.81 37.77
N GLU A 140 -33.05 13.32 37.55
CA GLU A 140 -33.97 12.68 36.66
C GLU A 140 -34.26 11.22 37.01
N GLY A 141 -34.21 10.90 38.28
CA GLY A 141 -34.50 9.55 38.64
C GLY A 141 -33.28 8.65 38.58
N TYR A 142 -32.16 9.17 38.14
CA TYR A 142 -31.00 8.28 38.12
C TYR A 142 -30.19 8.26 39.39
N PRO A 143 -29.69 7.09 39.71
CA PRO A 143 -28.86 6.97 40.89
C PRO A 143 -27.43 7.35 40.52
N GLY A 144 -26.78 7.93 41.49
CA GLY A 144 -25.40 8.31 41.37
C GLY A 144 -25.18 9.69 40.78
N GLU A 145 -24.12 10.29 41.33
CA GLU A 145 -23.63 11.56 40.92
C GLU A 145 -22.78 11.25 39.73
N LEU A 146 -23.05 11.93 38.62
CA LEU A 146 -22.29 11.63 37.45
C LEU A 146 -21.48 12.83 37.07
N LYS A 147 -20.18 12.66 36.97
CA LYS A 147 -19.31 13.73 36.53
C LYS A 147 -19.00 13.48 35.04
N VAL A 148 -19.40 14.42 34.20
CA VAL A 148 -19.19 14.28 32.76
C VAL A 148 -18.37 15.38 32.09
N TRP A 149 -17.57 14.95 31.12
CA TRP A 149 -16.79 15.87 30.33
C TRP A 149 -16.99 15.62 28.87
N VAL A 150 -17.47 16.61 28.14
CA VAL A 150 -17.67 16.52 26.72
C VAL A 150 -16.64 17.41 26.05
N THR A 151 -15.77 16.78 25.23
CA THR A 151 -14.72 17.51 24.59
C THR A 151 -14.82 17.47 23.10
N TYR A 152 -14.86 18.67 22.52
CA TYR A 152 -14.94 18.76 21.10
C TYR A 152 -13.67 19.38 20.60
N THR A 153 -13.04 18.73 19.64
CA THR A 153 -11.82 19.30 19.05
C THR A 153 -11.92 19.17 17.57
N LEU A 154 -11.21 20.09 16.92
CA LEU A 154 -11.22 20.18 15.45
C LEU A 154 -9.85 20.23 14.84
N ASP A 155 -9.61 19.46 13.80
CA ASP A 155 -8.30 19.49 13.17
C ASP A 155 -8.53 19.17 11.71
N GLY A 156 -8.47 20.16 10.84
CA GLY A 156 -8.74 19.96 9.42
C GLY A 156 -10.23 19.78 9.21
N GLY A 157 -10.60 18.72 8.51
CA GLY A 157 -12.03 18.55 8.33
C GLY A 157 -12.61 17.48 9.25
N GLU A 158 -11.95 17.27 10.38
CA GLU A 158 -12.40 16.25 11.30
C GLU A 158 -12.78 16.81 12.63
N LEU A 159 -14.05 16.62 12.98
CA LEU A 159 -14.52 17.07 14.23
C LEU A 159 -14.58 15.84 15.15
N ILE A 160 -13.96 15.96 16.35
CA ILE A 160 -13.90 14.92 17.35
C ILE A 160 -14.59 15.27 18.64
N VAL A 161 -15.50 14.36 19.01
CA VAL A 161 -16.29 14.48 20.22
C VAL A 161 -15.98 13.35 21.12
N ASN A 162 -15.57 13.69 22.34
CA ASN A 162 -15.28 12.62 23.29
C ASN A 162 -16.16 12.82 24.49
N TYR A 163 -16.61 11.72 25.09
CA TYR A 163 -17.46 11.67 26.29
C TYR A 163 -16.78 10.91 27.41
N ARG A 164 -16.61 11.58 28.55
CA ARG A 164 -15.97 11.01 29.72
C ARG A 164 -16.89 11.25 30.90
N ALA A 165 -17.01 10.22 31.71
CA ALA A 165 -17.87 10.26 32.87
C ALA A 165 -17.35 9.38 33.95
N GLN A 166 -17.74 9.77 35.16
CA GLN A 166 -17.39 9.07 36.39
C GLN A 166 -18.60 9.05 37.30
N ALA A 167 -19.04 7.86 37.73
CA ALA A 167 -20.19 7.72 38.59
C ALA A 167 -19.83 7.40 40.03
N SER A 168 -20.58 7.92 40.99
CA SER A 168 -20.30 7.64 42.39
C SER A 168 -21.06 6.42 42.84
N GLN A 169 -21.86 5.89 41.94
CA GLN A 169 -22.66 4.73 42.23
C GLN A 169 -23.06 4.14 40.91
N ALA A 170 -23.20 2.82 40.86
CA ALA A 170 -23.61 2.21 39.60
C ALA A 170 -24.86 2.87 38.97
N THR A 171 -24.72 3.23 37.71
CA THR A 171 -25.79 3.82 36.91
C THR A 171 -25.57 3.56 35.42
N PRO A 172 -26.64 3.47 34.67
CA PRO A 172 -26.48 3.33 33.24
C PRO A 172 -26.04 4.68 32.67
N VAL A 173 -25.35 4.66 31.54
CA VAL A 173 -24.89 5.88 30.93
C VAL A 173 -24.82 5.65 29.42
N ASN A 174 -25.27 6.62 28.65
CA ASN A 174 -25.24 6.43 27.21
C ASN A 174 -25.41 7.77 26.58
N LEU A 175 -24.28 8.34 26.26
CA LEU A 175 -24.22 9.69 25.74
C LEU A 175 -24.01 9.81 24.26
N THR A 176 -24.66 10.80 23.70
CA THR A 176 -24.51 10.96 22.31
C THR A 176 -24.82 12.39 21.95
N ASN A 177 -24.77 12.66 20.64
CA ASN A 177 -25.00 13.99 20.07
C ASN A 177 -26.02 13.87 18.96
N HIS A 178 -27.09 14.65 19.10
CA HIS A 178 -28.23 14.62 18.23
C HIS A 178 -28.23 15.63 17.10
N SER A 179 -27.07 15.88 16.53
CA SER A 179 -27.08 16.84 15.46
C SER A 179 -27.87 16.31 14.28
N TYR A 180 -28.63 17.20 13.64
CA TYR A 180 -29.37 16.78 12.47
C TYR A 180 -28.55 17.24 11.26
N PHE A 181 -28.16 16.36 10.37
CA PHE A 181 -27.35 16.81 9.25
C PHE A 181 -28.13 16.86 7.95
N ASN A 182 -27.64 17.69 7.06
CA ASN A 182 -28.18 17.76 5.73
C ASN A 182 -27.02 18.20 4.91
N LEU A 183 -26.42 17.26 4.21
CA LEU A 183 -25.24 17.56 3.42
C LEU A 183 -25.41 18.48 2.24
N ALA A 184 -26.66 18.65 1.81
CA ALA A 184 -26.93 19.50 0.67
C ALA A 184 -27.07 20.87 1.24
N GLY A 185 -26.85 21.01 2.55
CA GLY A 185 -27.01 22.27 3.23
C GLY A 185 -28.28 22.27 4.07
N GLN A 186 -28.20 22.97 5.19
CA GLN A 186 -29.27 23.09 6.18
C GLN A 186 -30.65 23.43 5.62
N ALA A 187 -30.62 24.32 4.61
CA ALA A 187 -31.81 24.81 3.94
C ALA A 187 -32.41 23.85 2.95
N SER A 188 -31.79 22.72 2.61
CA SER A 188 -32.49 21.86 1.68
C SER A 188 -33.64 21.21 2.42
N PRO A 189 -34.67 20.96 1.68
CA PRO A 189 -35.90 20.40 2.15
C PRO A 189 -35.88 18.93 2.50
N ASN A 190 -34.99 18.19 1.87
CA ASN A 190 -34.96 16.75 2.15
C ASN A 190 -33.58 16.13 1.93
N ILE A 191 -33.49 14.88 2.34
CA ILE A 191 -32.25 14.14 2.25
C ILE A 191 -32.31 12.95 1.32
N ASN A 192 -33.34 12.91 0.50
CA ASN A 192 -33.56 11.82 -0.46
C ASN A 192 -32.42 11.56 -1.40
N ASP A 193 -31.68 12.60 -1.72
CA ASP A 193 -30.59 12.42 -2.63
C ASP A 193 -29.35 11.99 -1.91
N HIS A 194 -29.46 11.73 -0.61
CA HIS A 194 -28.27 11.30 0.09
C HIS A 194 -28.02 9.83 -0.15
N GLU A 195 -26.75 9.52 -0.17
CA GLU A 195 -26.31 8.15 -0.33
C GLU A 195 -25.73 7.72 1.01
N VAL A 196 -26.31 6.66 1.55
CA VAL A 196 -25.96 6.15 2.83
C VAL A 196 -25.39 4.72 2.85
N THR A 197 -24.42 4.54 3.74
CA THR A 197 -23.80 3.26 3.97
C THR A 197 -23.59 3.07 5.47
N ILE A 198 -24.11 1.98 6.03
CA ILE A 198 -23.91 1.70 7.44
C ILE A 198 -23.30 0.31 7.52
N GLU A 199 -22.13 0.20 8.14
CA GLU A 199 -21.45 -1.07 8.25
C GLU A 199 -22.02 -1.84 9.42
N ALA A 200 -23.19 -2.45 9.20
CA ALA A 200 -23.93 -3.19 10.22
C ALA A 200 -24.47 -4.49 9.61
N ASP A 201 -24.36 -5.61 10.32
CA ASP A 201 -24.81 -6.92 9.86
C ASP A 201 -26.17 -7.27 10.42
N THR A 202 -26.44 -6.65 11.56
CA THR A 202 -27.69 -6.79 12.28
C THR A 202 -28.20 -5.44 12.74
N TYR A 203 -29.49 -5.47 13.05
CA TYR A 203 -30.20 -4.29 13.48
C TYR A 203 -31.17 -4.69 14.55
N LEU A 204 -31.81 -3.72 15.17
CA LEU A 204 -32.74 -4.01 16.23
C LEU A 204 -34.13 -3.66 15.80
N PRO A 205 -34.95 -4.68 15.54
CA PRO A 205 -36.31 -4.47 15.19
C PRO A 205 -36.99 -3.93 16.47
N VAL A 206 -38.05 -3.14 16.35
CA VAL A 206 -38.70 -2.53 17.51
C VAL A 206 -40.16 -2.80 17.59
N ASP A 207 -40.73 -2.36 18.68
CA ASP A 207 -42.13 -2.58 18.87
C ASP A 207 -42.97 -1.36 18.61
N GLU A 208 -44.23 -1.52 18.92
CA GLU A 208 -45.22 -0.48 18.73
C GLU A 208 -44.80 0.79 19.49
N THR A 209 -44.03 0.65 20.58
CA THR A 209 -43.65 1.86 21.28
C THR A 209 -42.22 2.35 20.95
N LEU A 210 -41.56 1.56 20.10
CA LEU A 210 -40.23 1.74 19.60
C LEU A 210 -39.18 1.22 20.50
N ILE A 211 -39.54 0.23 21.26
CA ILE A 211 -38.59 -0.34 22.13
C ILE A 211 -38.19 -1.56 21.37
N PRO A 212 -36.94 -1.86 21.46
CA PRO A 212 -36.45 -3.03 20.75
C PRO A 212 -37.18 -4.28 21.22
N THR A 213 -37.38 -5.21 20.29
CA THR A 213 -38.11 -6.42 20.62
C THR A 213 -37.27 -7.33 21.44
N GLY A 214 -35.99 -7.16 21.27
CA GLY A 214 -35.00 -7.95 21.94
C GLY A 214 -34.23 -8.80 20.95
N GLU A 215 -34.75 -8.80 19.74
CA GLU A 215 -34.19 -9.55 18.65
C GLU A 215 -33.02 -8.82 17.98
N VAL A 216 -31.94 -9.56 17.72
CA VAL A 216 -30.84 -8.98 17.03
C VAL A 216 -31.00 -9.54 15.63
N ALA A 217 -31.75 -8.85 14.77
CA ALA A 217 -32.03 -9.34 13.43
C ALA A 217 -30.98 -8.96 12.43
N PRO A 218 -30.70 -9.95 11.63
CA PRO A 218 -29.77 -9.82 10.57
C PRO A 218 -30.36 -8.86 9.54
N VAL A 219 -29.55 -8.07 8.82
CA VAL A 219 -30.13 -7.18 7.85
C VAL A 219 -30.30 -7.85 6.47
N GLN A 220 -29.68 -9.01 6.31
CA GLN A 220 -29.75 -9.72 5.00
C GLN A 220 -31.12 -9.81 4.38
N GLY A 221 -31.21 -9.41 3.12
CA GLY A 221 -32.45 -9.48 2.40
C GLY A 221 -33.46 -8.49 2.92
N THR A 222 -33.13 -7.67 3.92
CA THR A 222 -34.09 -6.69 4.41
C THR A 222 -33.79 -5.29 3.91
N ALA A 223 -34.71 -4.34 4.19
CA ALA A 223 -34.50 -2.97 3.81
C ALA A 223 -33.50 -2.33 4.75
N PHE A 224 -33.10 -3.09 5.77
CA PHE A 224 -32.16 -2.55 6.74
C PHE A 224 -30.73 -2.82 6.36
N ASP A 225 -30.54 -3.44 5.20
CA ASP A 225 -29.20 -3.75 4.78
C ASP A 225 -28.54 -2.57 4.07
N LEU A 226 -27.77 -1.77 4.82
CA LEU A 226 -27.09 -0.58 4.27
C LEU A 226 -25.61 -0.76 4.13
N ARG A 227 -25.18 -2.03 4.07
CA ARG A 227 -23.77 -2.26 3.92
C ARG A 227 -23.24 -1.82 2.59
N LYS A 228 -24.13 -1.59 1.63
CA LYS A 228 -23.71 -1.09 0.35
C LYS A 228 -24.44 0.21 0.14
N PRO A 229 -23.75 1.24 -0.28
CA PRO A 229 -24.38 2.50 -0.48
C PRO A 229 -25.70 2.38 -1.23
N VAL A 230 -26.72 3.05 -0.67
CA VAL A 230 -28.03 3.16 -1.25
C VAL A 230 -28.47 4.59 -1.22
N GLU A 231 -29.22 4.95 -2.23
CA GLU A 231 -29.77 6.28 -2.31
C GLU A 231 -30.95 6.23 -1.37
N LEU A 232 -30.96 7.11 -0.43
CA LEU A 232 -32.00 7.09 0.54
C LEU A 232 -33.42 7.08 -0.05
N GLY A 233 -33.77 8.05 -0.86
CA GLY A 233 -35.11 8.08 -1.42
C GLY A 233 -35.50 6.79 -2.16
N LYS A 234 -34.63 6.36 -3.06
CA LYS A 234 -34.92 5.16 -3.82
C LYS A 234 -35.20 3.99 -2.90
N HIS A 235 -34.29 3.79 -1.99
CA HIS A 235 -34.38 2.70 -1.05
C HIS A 235 -35.66 2.71 -0.27
N LEU A 236 -36.00 3.87 0.28
CA LEU A 236 -37.19 3.93 1.09
C LEU A 236 -38.39 3.57 0.26
N GLN A 237 -38.26 3.95 -0.97
CA GLN A 237 -39.32 3.70 -1.90
C GLN A 237 -39.46 2.25 -2.25
N ASP A 238 -38.35 1.72 -2.69
CA ASP A 238 -38.30 0.34 -3.07
C ASP A 238 -38.70 -0.56 -1.93
N PHE A 239 -38.47 -0.10 -0.72
CA PHE A 239 -38.82 -0.92 0.41
C PHE A 239 -40.08 -0.53 1.10
N HIS A 240 -40.76 0.50 0.62
CA HIS A 240 -42.01 0.87 1.28
C HIS A 240 -41.85 1.24 2.75
N LEU A 241 -40.76 1.96 3.04
CA LEU A 241 -40.42 2.44 4.38
C LEU A 241 -40.72 3.90 4.57
N ASN A 242 -41.11 4.24 5.76
CA ASN A 242 -41.39 5.66 5.92
C ASN A 242 -40.11 6.46 6.16
N GLY A 243 -39.08 5.73 6.61
CA GLY A 243 -37.78 6.30 6.90
C GLY A 243 -37.16 5.38 7.92
N PHE A 244 -36.08 5.84 8.58
CA PHE A 244 -35.50 5.02 9.63
C PHE A 244 -35.50 5.72 10.98
N ASP A 245 -35.43 4.87 11.96
CA ASP A 245 -35.32 5.26 13.36
C ASP A 245 -34.99 4.00 14.08
N HIS A 246 -33.87 3.42 13.70
CA HIS A 246 -33.45 2.18 14.25
C HIS A 246 -32.03 2.17 14.67
N ASN A 247 -31.71 1.34 15.64
CA ASN A 247 -30.35 1.21 16.02
C ASN A 247 -29.69 0.11 15.20
N PHE A 248 -28.60 0.48 14.54
CA PHE A 248 -27.83 -0.49 13.79
C PHE A 248 -26.70 -0.94 14.69
N CYS A 249 -26.50 -2.23 14.74
CA CYS A 249 -25.50 -2.89 15.53
C CYS A 249 -24.18 -2.86 14.82
N LEU A 250 -23.20 -2.22 15.43
CA LEU A 250 -21.88 -2.07 14.86
C LEU A 250 -20.99 -3.23 15.26
N LYS A 251 -20.06 -3.53 14.37
CA LYS A 251 -19.16 -4.64 14.66
C LYS A 251 -18.17 -4.12 15.69
N GLY A 252 -18.66 -4.05 16.93
CA GLY A 252 -17.95 -3.53 18.08
C GLY A 252 -16.97 -4.35 18.93
N SER A 253 -15.93 -3.59 19.22
CA SER A 253 -14.80 -3.79 20.09
C SER A 253 -14.85 -2.39 20.66
N LYS A 254 -13.92 -1.92 21.44
CA LYS A 254 -14.06 -0.55 21.93
C LYS A 254 -13.12 0.30 21.14
N GLU A 255 -12.71 -0.28 20.06
CA GLU A 255 -11.77 0.35 19.19
C GLU A 255 -12.46 1.23 18.18
N LYS A 256 -11.72 2.23 17.70
CA LYS A 256 -12.31 3.12 16.71
C LYS A 256 -12.77 2.30 15.51
N HIS A 257 -14.06 2.29 15.18
CA HIS A 257 -14.45 1.51 14.05
C HIS A 257 -15.32 2.35 13.15
N PHE A 258 -15.30 2.00 11.87
CA PHE A 258 -16.10 2.69 10.86
C PHE A 258 -17.57 2.51 11.15
N CYS A 259 -18.30 3.59 11.04
CA CYS A 259 -19.67 3.45 11.37
C CYS A 259 -20.55 3.61 10.18
N ALA A 260 -20.42 4.75 9.50
CA ALA A 260 -21.25 5.01 8.36
C ALA A 260 -20.67 6.10 7.48
N ARG A 261 -21.07 6.09 6.22
CA ARG A 261 -20.68 7.08 5.24
C ARG A 261 -21.91 7.63 4.54
N VAL A 262 -21.92 8.94 4.42
CA VAL A 262 -22.97 9.71 3.79
C VAL A 262 -22.38 10.62 2.77
N HIS A 263 -22.90 10.39 1.57
CA HIS A 263 -22.43 11.13 0.42
C HIS A 263 -23.53 11.87 -0.29
N HIS A 264 -23.18 13.07 -0.72
CA HIS A 264 -24.12 13.89 -1.44
C HIS A 264 -23.42 14.32 -2.72
N ALA A 265 -23.68 13.53 -3.73
CA ALA A 265 -23.04 13.70 -5.02
C ALA A 265 -23.12 15.06 -5.64
N ALA A 266 -24.26 15.68 -5.57
CA ALA A 266 -24.34 16.99 -6.18
C ALA A 266 -23.34 18.01 -5.64
N SER A 267 -23.14 18.02 -4.33
CA SER A 267 -22.22 18.98 -3.77
C SER A 267 -20.89 18.30 -3.68
N GLY A 268 -20.98 17.01 -3.64
CA GLY A 268 -19.78 16.22 -3.53
C GLY A 268 -19.35 16.03 -2.07
N ARG A 269 -20.08 16.65 -1.15
CA ARG A 269 -19.76 16.48 0.28
C ARG A 269 -19.85 15.02 0.79
N VAL A 270 -18.96 14.69 1.71
CA VAL A 270 -18.97 13.35 2.26
C VAL A 270 -18.75 13.50 3.72
N LEU A 271 -19.55 12.73 4.46
CA LEU A 271 -19.45 12.69 5.90
C LEU A 271 -19.17 11.26 6.25
N GLU A 272 -18.08 11.00 7.00
CA GLU A 272 -17.72 9.66 7.40
C GLU A 272 -17.69 9.68 8.88
N VAL A 273 -18.19 8.59 9.46
CA VAL A 273 -18.30 8.51 10.89
C VAL A 273 -17.65 7.29 11.45
N TYR A 274 -16.82 7.54 12.44
CA TYR A 274 -16.11 6.49 13.16
C TYR A 274 -16.47 6.60 14.62
N THR A 275 -16.49 5.44 15.29
CA THR A 275 -16.85 5.51 16.69
C THR A 275 -16.38 4.31 17.43
N THR A 276 -16.42 4.48 18.75
CA THR A 276 -16.04 3.47 19.68
C THR A 276 -17.33 2.84 20.20
N GLN A 277 -18.48 3.44 19.84
CA GLN A 277 -19.77 2.94 20.26
C GLN A 277 -20.22 1.66 19.59
N PRO A 278 -21.01 0.85 20.32
CA PRO A 278 -21.51 -0.44 19.85
C PRO A 278 -22.63 -0.35 18.86
N GLY A 279 -23.18 0.83 18.72
CA GLY A 279 -24.28 1.01 17.82
C GLY A 279 -24.45 2.45 17.38
N VAL A 280 -25.42 2.62 16.51
CA VAL A 280 -25.73 3.93 15.97
C VAL A 280 -27.18 3.97 15.64
N GLN A 281 -27.78 5.05 16.06
CA GLN A 281 -29.18 5.33 15.80
C GLN A 281 -29.14 6.10 14.52
N PHE A 282 -29.88 5.60 13.56
CA PHE A 282 -29.97 6.24 12.26
C PHE A 282 -31.45 6.63 12.16
N TYR A 283 -31.72 7.91 12.27
CA TYR A 283 -33.06 8.47 12.31
C TYR A 283 -33.15 9.53 11.26
N THR A 284 -34.03 9.31 10.33
CA THR A 284 -34.24 10.18 9.18
C THR A 284 -35.15 11.37 9.38
N GLY A 285 -35.23 11.95 10.61
CA GLY A 285 -36.02 13.12 10.92
C GLY A 285 -37.48 12.94 10.56
N ASN A 286 -38.00 11.74 10.81
CA ASN A 286 -39.38 11.45 10.50
C ASN A 286 -40.38 12.36 11.24
N PHE A 287 -40.08 12.70 12.47
CA PHE A 287 -41.02 13.51 13.19
C PHE A 287 -41.02 15.01 12.90
N LEU A 288 -40.14 15.54 12.04
CA LEU A 288 -40.20 16.98 11.80
C LEU A 288 -41.44 17.22 11.00
N ASP A 289 -42.17 18.28 11.34
CA ASP A 289 -43.40 18.60 10.68
C ASP A 289 -43.41 19.95 10.00
N GLY A 290 -42.23 20.52 9.79
CA GLY A 290 -42.11 21.78 9.10
C GLY A 290 -42.75 22.93 9.80
N THR A 291 -42.64 22.97 11.11
CA THR A 291 -43.23 24.07 11.85
C THR A 291 -42.18 24.85 12.66
N LEU A 292 -40.93 24.40 12.58
CA LEU A 292 -39.87 25.07 13.27
C LEU A 292 -39.20 26.15 12.45
N LYS A 293 -38.94 27.24 13.16
CA LYS A 293 -38.31 28.48 12.69
C LYS A 293 -36.78 28.38 12.79
N GLY A 294 -36.20 27.76 11.76
CA GLY A 294 -34.78 27.50 11.65
C GLY A 294 -33.89 28.69 11.30
N LYS A 295 -32.66 28.38 11.00
CA LYS A 295 -31.71 29.39 10.61
C LYS A 295 -31.98 29.83 9.21
N ASN A 296 -31.76 31.09 8.98
CA ASN A 296 -31.99 31.65 7.66
C ASN A 296 -33.37 31.40 7.10
N GLY A 297 -34.38 31.58 7.94
CA GLY A 297 -35.75 31.40 7.49
C GLY A 297 -36.05 29.97 7.05
N ALA A 298 -35.15 29.05 7.39
CA ALA A 298 -35.40 27.66 7.05
C ALA A 298 -36.42 27.07 8.02
N VAL A 299 -37.31 26.25 7.48
CA VAL A 299 -38.36 25.56 8.25
C VAL A 299 -38.05 24.10 8.13
N TYR A 300 -38.26 23.28 9.11
CA TYR A 300 -37.79 21.95 8.85
C TYR A 300 -38.82 20.89 8.71
N PRO A 301 -39.01 20.54 7.48
CA PRO A 301 -39.99 19.55 7.15
C PRO A 301 -39.48 18.16 7.39
N LYS A 302 -40.39 17.21 7.42
CA LYS A 302 -40.11 15.81 7.60
C LYS A 302 -38.94 15.38 6.70
N HIS A 303 -38.01 14.56 7.17
CA HIS A 303 -36.93 14.16 6.29
C HIS A 303 -35.95 15.27 5.89
N SER A 304 -36.08 16.44 6.50
CA SER A 304 -35.14 17.48 6.12
C SER A 304 -33.74 17.27 6.63
N GLY A 305 -33.58 16.39 7.62
CA GLY A 305 -32.29 16.07 8.23
C GLY A 305 -32.26 14.65 8.80
N PHE A 306 -31.08 14.10 8.98
CA PHE A 306 -30.98 12.78 9.57
C PHE A 306 -29.99 12.88 10.70
N CYS A 307 -30.08 11.95 11.63
CA CYS A 307 -29.15 11.88 12.75
C CYS A 307 -28.42 10.55 12.70
N LEU A 308 -27.23 10.51 13.29
CA LEU A 308 -26.39 9.32 13.40
C LEU A 308 -25.89 9.36 14.82
N GLU A 309 -26.70 8.89 15.76
CA GLU A 309 -26.35 8.93 17.13
C GLU A 309 -25.59 7.72 17.51
N THR A 310 -24.32 7.90 17.69
CA THR A 310 -23.50 6.75 18.08
C THR A 310 -23.78 6.51 19.53
N GLN A 311 -24.02 5.27 19.92
CA GLN A 311 -24.41 4.99 21.28
C GLN A 311 -24.45 3.52 21.58
N ASN A 312 -24.88 3.25 22.78
CA ASN A 312 -25.03 1.87 23.12
C ASN A 312 -26.48 1.59 22.72
N TRP A 313 -26.91 0.35 22.49
CA TRP A 313 -28.27 0.02 22.10
C TRP A 313 -29.39 0.48 23.05
N PRO A 314 -30.52 0.91 22.50
CA PRO A 314 -31.59 1.37 23.32
C PRO A 314 -32.16 0.25 24.20
N ASP A 315 -32.66 0.65 25.37
CA ASP A 315 -33.24 -0.23 26.34
C ASP A 315 -32.28 -1.31 26.86
N ALA A 316 -30.99 -1.12 26.64
CA ALA A 316 -29.97 -2.06 27.01
C ALA A 316 -30.04 -2.42 28.48
N VAL A 317 -30.38 -1.43 29.26
CA VAL A 317 -30.50 -1.63 30.68
C VAL A 317 -31.54 -2.71 31.04
N ASN A 318 -32.47 -3.02 30.13
CA ASN A 318 -33.46 -4.02 30.41
C ASN A 318 -33.32 -5.18 29.51
N GLN A 319 -32.28 -5.17 28.69
CA GLN A 319 -32.05 -6.28 27.80
C GLN A 319 -30.69 -6.87 27.97
N PRO A 320 -30.58 -7.81 28.88
CA PRO A 320 -29.35 -8.48 29.24
C PRO A 320 -28.49 -8.97 28.08
N ARG A 321 -29.11 -9.37 26.98
CA ARG A 321 -28.24 -9.80 25.94
C ARG A 321 -27.60 -8.62 25.18
N PHE A 322 -27.90 -7.38 25.59
CA PHE A 322 -27.35 -6.20 24.94
C PHE A 322 -26.03 -5.81 25.61
N PRO A 323 -25.21 -5.06 24.87
CA PRO A 323 -23.94 -4.60 25.43
C PRO A 323 -24.19 -3.88 26.78
N PRO A 324 -23.33 -4.14 27.75
CA PRO A 324 -23.47 -3.56 29.08
C PRO A 324 -23.56 -2.05 29.05
N VAL A 325 -24.47 -1.46 29.83
CA VAL A 325 -24.66 -0.02 29.88
C VAL A 325 -24.40 0.58 31.27
N LEU A 326 -24.06 -0.26 32.21
CA LEU A 326 -23.82 0.22 33.56
C LEU A 326 -22.41 0.71 33.79
N LEU A 327 -22.31 1.83 34.48
CA LEU A 327 -21.04 2.43 34.86
C LEU A 327 -20.96 2.35 36.37
N ARG A 328 -19.95 1.64 36.84
CA ARG A 328 -19.82 1.49 38.26
C ARG A 328 -18.73 2.37 38.77
N PRO A 329 -18.78 2.70 40.04
CA PRO A 329 -17.72 3.53 40.60
C PRO A 329 -16.40 2.85 40.35
N GLY A 330 -15.40 3.66 40.13
CA GLY A 330 -14.10 3.12 39.88
C GLY A 330 -13.86 2.97 38.39
N GLU A 331 -14.89 2.79 37.58
CA GLU A 331 -14.56 2.69 36.16
C GLU A 331 -14.73 4.02 35.46
N GLU A 332 -14.41 4.04 34.21
CA GLU A 332 -14.54 5.28 33.46
C GLU A 332 -15.27 5.10 32.14
N TYR A 333 -16.19 6.01 31.90
CA TYR A 333 -16.92 5.96 30.67
C TYR A 333 -16.17 6.86 29.73
N ASP A 334 -15.84 6.30 28.59
CA ASP A 334 -15.05 7.01 27.62
C ASP A 334 -15.33 6.54 26.21
N HIS A 335 -16.02 7.39 25.44
CA HIS A 335 -16.37 7.08 24.09
C HIS A 335 -16.10 8.23 23.19
N THR A 336 -15.67 7.90 22.00
CA THR A 336 -15.33 8.93 21.03
C THR A 336 -15.96 8.68 19.70
N THR A 337 -16.38 9.77 19.10
CA THR A 337 -16.95 9.71 17.78
C THR A 337 -16.24 10.72 16.87
N TRP A 338 -15.91 10.28 15.67
CA TRP A 338 -15.23 11.11 14.69
C TRP A 338 -16.14 11.49 13.54
N PHE A 339 -16.23 12.79 13.30
CA PHE A 339 -17.06 13.28 12.23
C PHE A 339 -16.08 13.84 11.19
N LYS A 340 -15.81 12.99 10.18
CA LYS A 340 -14.88 13.31 9.12
C LYS A 340 -15.54 13.80 7.85
N PHE A 341 -15.24 15.07 7.55
CA PHE A 341 -15.81 15.74 6.43
C PHE A 341 -15.00 15.75 5.15
N SER A 342 -15.60 15.50 4.04
CA SER A 342 -14.73 15.52 2.93
C SER A 342 -15.48 15.81 1.64
N VAL A 343 -14.72 15.70 0.56
CA VAL A 343 -15.20 15.95 -0.77
C VAL A 343 -14.94 14.81 -1.76
N ALA A 344 -15.99 14.40 -2.45
CA ALA A 344 -15.86 13.34 -3.44
C ALA A 344 -16.68 13.70 -4.66
N MET B 3 -5.58 -1.84 19.48
CA MET B 3 -4.95 -0.58 19.84
C MET B 3 -4.36 -0.60 21.24
N ALA B 4 -4.08 0.62 21.63
CA ALA B 4 -3.49 0.94 22.90
C ALA B 4 -4.47 1.57 23.83
N SER B 5 -4.04 1.55 25.06
CA SER B 5 -4.80 2.14 26.15
C SER B 5 -3.89 3.16 26.75
N VAL B 6 -4.46 4.18 27.32
CA VAL B 6 -3.66 5.24 27.89
C VAL B 6 -4.02 5.39 29.35
N THR B 7 -3.02 5.62 30.19
CA THR B 7 -3.27 5.81 31.59
C THR B 7 -2.50 7.05 32.06
N ARG B 8 -3.07 7.76 33.00
CA ARG B 8 -2.35 8.89 33.49
C ARG B 8 -1.98 8.78 34.95
N ALA B 9 -1.08 9.64 35.40
CA ALA B 9 -0.64 9.63 36.77
C ALA B 9 0.27 10.80 37.01
N VAL B 10 0.31 11.22 38.25
CA VAL B 10 1.15 12.30 38.70
C VAL B 10 2.58 11.78 38.79
N PHE B 11 3.49 12.53 38.17
CA PHE B 11 4.85 12.11 38.16
C PHE B 11 5.56 12.92 39.18
N GLY B 12 5.21 14.19 39.26
CA GLY B 12 5.87 14.98 40.26
C GLY B 12 5.44 16.41 40.25
N GLU B 13 6.14 17.19 41.06
CA GLU B 13 5.81 18.58 41.14
C GLU B 13 7.01 19.49 40.93
N LEU B 14 6.81 20.48 40.10
CA LEU B 14 7.87 21.43 39.89
C LEU B 14 8.04 22.31 41.12
N PRO B 15 9.26 22.65 41.36
CA PRO B 15 9.61 23.50 42.46
C PRO B 15 9.14 24.92 42.16
N SER B 16 9.06 25.69 43.23
CA SER B 16 8.67 27.09 43.12
C SER B 16 7.29 27.20 42.47
N GLY B 17 6.40 26.29 42.88
CA GLY B 17 5.03 26.21 42.37
C GLY B 17 4.93 26.16 40.85
N GLY B 18 6.00 25.70 40.20
CA GLY B 18 6.07 25.60 38.76
C GLY B 18 4.86 24.87 38.21
N GLY B 19 4.35 23.91 38.97
CA GLY B 19 3.19 23.17 38.53
C GLY B 19 3.39 21.65 38.63
N THR B 20 2.31 20.92 38.47
CA THR B 20 2.33 19.45 38.53
C THR B 20 2.61 18.76 37.19
N VAL B 21 3.57 17.86 37.21
CA VAL B 21 3.94 17.11 36.03
C VAL B 21 3.26 15.76 36.06
N GLU B 22 2.70 15.39 34.93
CA GLU B 22 2.03 14.12 34.82
C GLU B 22 2.76 13.20 33.88
N LYS B 23 2.43 11.94 34.06
CA LYS B 23 2.96 10.85 33.27
C LYS B 23 1.83 10.12 32.59
N PHE B 24 2.02 9.92 31.31
CA PHE B 24 1.03 9.22 30.52
C PHE B 24 1.68 8.02 29.91
N GLN B 25 1.07 6.88 30.21
CA GLN B 25 1.51 5.61 29.75
C GLN B 25 0.64 5.09 28.63
N LEU B 26 1.31 4.84 27.51
CA LEU B 26 0.62 4.33 26.33
C LEU B 26 0.95 2.87 26.20
N GLN B 27 -0.07 2.01 26.10
CA GLN B 27 0.22 0.60 26.01
C GLN B 27 -0.53 -0.17 24.97
N SER B 28 0.24 -0.87 24.18
CA SER B 28 -0.35 -1.71 23.16
C SER B 28 0.06 -3.15 23.42
N ASP B 29 -0.36 -4.03 22.56
CA ASP B 29 0.05 -5.42 22.77
C ASP B 29 1.55 -5.60 22.52
N LEU B 30 2.14 -4.59 21.92
CA LEU B 30 3.56 -4.73 21.64
C LEU B 30 4.51 -3.82 22.38
N LEU B 31 4.05 -2.59 22.64
CA LEU B 31 4.83 -1.54 23.29
C LEU B 31 4.13 -0.91 24.47
N ARG B 32 4.98 -0.34 25.32
CA ARG B 32 4.67 0.44 26.48
C ARG B 32 5.53 1.68 26.44
N VAL B 33 4.88 2.85 26.38
CA VAL B 33 5.57 4.13 26.31
C VAL B 33 5.15 5.08 27.39
N ASP B 34 6.12 5.64 28.11
CA ASP B 34 5.81 6.62 29.13
C ASP B 34 6.24 7.97 28.66
N ILE B 35 5.38 8.97 28.84
CA ILE B 35 5.62 10.34 28.41
C ILE B 35 5.19 11.29 29.49
N ILE B 36 5.95 12.35 29.68
CA ILE B 36 5.52 13.28 30.70
C ILE B 36 5.20 14.66 30.15
N SER B 37 4.42 15.41 30.87
CA SER B 37 4.06 16.76 30.40
C SER B 37 5.23 17.71 30.40
N TRP B 38 6.32 17.34 31.02
CA TRP B 38 7.46 18.24 31.04
C TRP B 38 8.29 18.00 29.76
N GLY B 39 8.29 18.99 28.90
CA GLY B 39 9.03 18.88 27.66
C GLY B 39 8.59 17.72 26.78
N CYS B 40 7.33 17.26 26.94
CA CYS B 40 6.76 16.12 26.20
C CYS B 40 7.79 15.02 26.16
N THR B 41 8.38 14.72 27.33
CA THR B 41 9.46 13.76 27.44
C THR B 41 9.10 12.28 27.43
N ILE B 42 9.68 11.52 26.51
CA ILE B 42 9.43 10.07 26.52
C ILE B 42 10.37 9.61 27.57
N THR B 43 9.82 9.04 28.59
CA THR B 43 10.58 8.62 29.76
C THR B 43 10.97 7.14 29.77
N ALA B 44 10.12 6.32 29.17
CA ALA B 44 10.43 4.92 29.08
C ALA B 44 9.79 4.41 27.83
N LEU B 45 10.44 3.41 27.21
CA LEU B 45 9.98 2.76 25.99
C LEU B 45 10.39 1.30 26.03
N GLU B 46 9.39 0.45 26.23
CA GLU B 46 9.58 -0.98 26.39
C GLU B 46 9.19 -1.81 25.17
N VAL B 47 10.16 -2.52 24.63
CA VAL B 47 10.06 -3.34 23.42
C VAL B 47 10.47 -4.78 23.64
N LYS B 48 9.82 -5.68 22.90
CA LYS B 48 10.12 -7.10 23.07
C LYS B 48 11.18 -7.64 22.17
N ASP B 49 11.91 -8.61 22.74
CA ASP B 49 12.94 -9.26 21.97
C ASP B 49 12.33 -10.47 21.28
N ARG B 50 13.18 -11.36 20.75
CA ARG B 50 12.70 -12.57 20.12
C ARG B 50 11.92 -13.40 21.13
N GLN B 51 12.51 -13.53 22.30
CA GLN B 51 11.88 -14.31 23.34
C GLN B 51 10.60 -13.67 23.82
N GLY B 52 10.37 -12.43 23.40
CA GLY B 52 9.19 -11.75 23.82
C GLY B 52 9.50 -11.06 25.13
N ARG B 53 10.79 -10.91 25.39
CA ARG B 53 11.22 -10.23 26.60
C ARG B 53 11.18 -8.73 26.32
N ALA B 54 10.52 -8.01 27.21
CA ALA B 54 10.40 -6.60 27.01
C ALA B 54 11.46 -5.87 27.77
N SER B 55 12.12 -4.95 27.05
CA SER B 55 13.15 -4.16 27.67
C SER B 55 12.91 -2.68 27.42
N ASP B 56 13.31 -1.83 28.37
CA ASP B 56 13.15 -0.41 28.21
C ASP B 56 14.34 -0.01 27.39
N VAL B 57 14.07 0.61 26.27
CA VAL B 57 15.16 0.94 25.35
C VAL B 57 15.56 2.40 25.23
N VAL B 58 15.09 3.20 26.19
CA VAL B 58 15.49 4.56 26.13
C VAL B 58 16.16 4.99 27.41
N LEU B 59 17.18 5.84 27.26
CA LEU B 59 17.81 6.33 28.47
C LEU B 59 16.91 7.41 29.06
N GLY B 60 17.00 7.64 30.33
CA GLY B 60 16.15 8.60 30.96
C GLY B 60 16.31 8.53 32.47
N PHE B 61 15.36 9.15 33.16
CA PHE B 61 15.37 9.19 34.61
C PHE B 61 14.12 8.60 35.28
N ALA B 62 14.32 8.11 36.49
CA ALA B 62 13.18 7.52 37.16
C ALA B 62 12.31 8.57 37.80
N GLU B 63 12.92 9.72 38.14
CA GLU B 63 12.25 10.87 38.77
C GLU B 63 12.44 12.21 38.08
N LEU B 64 11.44 13.04 38.27
CA LEU B 64 11.41 14.36 37.73
C LEU B 64 12.71 15.12 37.96
N GLU B 65 13.16 15.13 39.19
CA GLU B 65 14.37 15.86 39.50
C GLU B 65 15.46 15.55 38.54
N GLY B 66 15.48 14.27 38.17
CA GLY B 66 16.43 13.72 37.22
C GLY B 66 16.43 14.56 35.97
N TYR B 67 15.24 14.92 35.52
CA TYR B 67 15.14 15.71 34.32
C TYR B 67 15.48 17.15 34.56
N LEU B 68 15.32 17.60 35.80
CA LEU B 68 15.61 18.95 36.19
C LEU B 68 17.07 19.24 36.35
N GLN B 69 17.89 18.25 36.66
CA GLN B 69 19.31 18.55 36.75
C GLN B 69 19.91 18.89 35.35
N LYS B 70 21.22 19.09 35.25
CA LYS B 70 21.88 19.43 34.00
C LYS B 70 22.02 18.14 33.27
N GLN B 71 21.28 17.97 32.17
CA GLN B 71 21.35 16.73 31.43
C GLN B 71 21.06 16.93 29.96
N PRO B 72 21.80 16.22 29.12
CA PRO B 72 21.72 16.32 27.68
C PRO B 72 20.40 16.11 26.96
N TYR B 73 19.35 16.80 27.38
CA TYR B 73 18.06 16.75 26.71
C TYR B 73 17.42 15.37 26.55
N PHE B 74 17.56 14.55 27.56
CA PHE B 74 16.96 13.23 27.44
C PHE B 74 15.47 13.12 27.01
N GLY B 75 15.23 12.41 25.87
CA GLY B 75 13.89 12.10 25.34
C GLY B 75 12.89 13.24 25.21
N ALA B 76 13.36 14.48 25.30
CA ALA B 76 12.41 15.58 25.19
C ALA B 76 12.15 16.11 23.79
N VAL B 77 11.20 17.02 23.75
CA VAL B 77 10.93 17.67 22.49
C VAL B 77 11.83 18.89 22.43
N ILE B 78 12.42 19.11 21.25
CA ILE B 78 13.33 20.21 20.99
C ILE B 78 12.70 21.34 20.17
N GLY B 79 12.76 22.54 20.73
CA GLY B 79 12.19 23.70 20.11
C GLY B 79 12.80 24.94 20.75
N ARG B 80 12.61 26.15 20.18
CA ARG B 80 11.87 26.45 18.99
C ARG B 80 12.51 25.90 17.68
N VAL B 81 13.84 25.92 17.68
CA VAL B 81 14.67 25.43 16.59
C VAL B 81 15.70 24.45 17.15
N ALA B 82 15.71 23.26 16.64
CA ALA B 82 16.62 22.25 17.14
C ALA B 82 18.00 22.47 16.61
N ASN B 83 18.96 21.96 17.31
CA ASN B 83 20.32 22.08 16.86
C ASN B 83 20.89 23.48 16.94
N ARG B 84 21.92 23.74 16.14
CA ARG B 84 22.61 25.03 16.22
C ARG B 84 22.35 26.10 15.20
N ILE B 85 22.50 27.30 15.72
CA ILE B 85 22.36 28.49 14.93
C ILE B 85 23.64 29.28 15.08
N ALA B 86 24.29 29.46 13.99
CA ALA B 86 25.53 30.21 13.96
C ALA B 86 25.53 31.52 14.69
N LYS B 87 26.48 31.64 15.61
CA LYS B 87 26.65 32.85 16.38
C LYS B 87 25.34 33.33 16.98
N GLY B 88 24.39 32.44 17.14
CA GLY B 88 23.11 32.79 17.73
C GLY B 88 22.47 33.99 17.03
N THR B 89 22.62 34.02 15.71
CA THR B 89 22.09 35.17 15.03
C THR B 89 21.47 34.79 13.73
N PHE B 90 20.39 35.46 13.40
CA PHE B 90 19.81 35.21 12.12
C PHE B 90 18.99 36.42 11.72
N LYS B 91 18.56 36.47 10.48
CA LYS B 91 17.72 37.58 10.03
C LYS B 91 16.46 37.06 9.41
N VAL B 92 15.40 37.77 9.75
CA VAL B 92 14.12 37.45 9.21
C VAL B 92 13.55 38.69 8.61
N ASP B 93 13.15 38.58 7.36
CA ASP B 93 12.53 39.70 6.70
C ASP B 93 13.24 41.00 7.06
N GLY B 94 14.55 40.98 6.82
CA GLY B 94 15.33 42.17 7.06
C GLY B 94 15.58 42.51 8.53
N LYS B 95 15.12 41.70 9.42
CA LYS B 95 15.42 42.05 10.78
C LYS B 95 16.40 41.03 11.35
N GLU B 96 17.38 41.55 12.10
CA GLU B 96 18.42 40.77 12.78
C GLU B 96 18.00 40.37 14.17
N TYR B 97 18.02 39.07 14.46
CA TYR B 97 17.61 38.57 15.76
C TYR B 97 18.82 37.94 16.44
N HIS B 98 18.88 38.09 17.76
CA HIS B 98 19.99 37.58 18.57
C HIS B 98 19.49 36.61 19.61
N LEU B 99 20.09 35.40 19.63
CA LEU B 99 19.70 34.36 20.58
C LEU B 99 20.63 34.24 21.76
N ALA B 100 20.33 33.32 22.65
CA ALA B 100 21.23 33.19 23.77
C ALA B 100 22.39 32.35 23.30
N ILE B 101 23.55 32.62 23.85
CA ILE B 101 24.73 31.90 23.48
C ILE B 101 25.03 30.88 24.52
N ASN B 102 24.16 29.86 24.52
CA ASN B 102 24.24 28.75 25.43
C ASN B 102 25.32 27.81 24.96
N LYS B 103 25.84 27.99 23.76
CA LYS B 103 26.90 27.07 23.38
C LYS B 103 27.97 27.73 22.54
N GLU B 104 28.81 28.53 23.23
CA GLU B 104 29.87 29.31 22.62
C GLU B 104 30.47 28.62 21.44
N PRO B 105 30.45 29.28 20.30
CA PRO B 105 29.90 30.60 20.15
C PRO B 105 28.54 30.55 19.51
N ASN B 106 27.82 29.45 19.70
CA ASN B 106 26.50 29.41 19.06
C ASN B 106 25.33 29.26 20.02
N SER B 107 24.17 29.20 19.43
CA SER B 107 22.94 28.99 20.15
C SER B 107 22.48 27.55 19.88
N LEU B 108 21.98 26.85 20.89
CA LEU B 108 21.64 25.48 20.62
C LEU B 108 20.33 25.01 21.22
N HIS B 109 19.67 24.14 20.46
CA HIS B 109 18.43 23.57 20.85
C HIS B 109 17.41 24.55 21.44
N GLY B 110 17.33 25.77 20.95
CA GLY B 110 16.26 26.52 21.52
C GLY B 110 16.55 27.48 22.64
N GLY B 111 17.81 27.51 23.01
CA GLY B 111 18.25 28.43 24.03
C GLY B 111 18.30 27.94 25.46
N VAL B 112 18.22 28.93 26.34
CA VAL B 112 18.30 28.63 27.75
C VAL B 112 17.21 27.74 28.25
N ARG B 113 16.01 28.20 28.03
CA ARG B 113 14.83 27.46 28.42
C ARG B 113 14.03 27.07 27.18
N GLY B 114 14.59 26.13 26.41
CA GLY B 114 13.92 25.66 25.21
C GLY B 114 12.62 24.91 25.52
N PHE B 115 12.07 24.27 24.52
CA PHE B 115 10.80 23.55 24.74
C PHE B 115 10.91 22.24 25.53
N ASP B 116 12.14 21.78 25.76
CA ASP B 116 12.30 20.55 26.49
C ASP B 116 12.12 20.89 27.94
N LYS B 117 12.33 22.17 28.25
CA LYS B 117 12.25 22.53 29.67
C LYS B 117 11.08 23.41 30.09
N VAL B 118 9.93 23.08 29.57
CA VAL B 118 8.77 23.83 29.90
C VAL B 118 7.64 22.85 30.06
N LEU B 119 6.68 23.27 30.83
CA LEU B 119 5.57 22.42 31.08
C LEU B 119 4.56 22.55 29.98
N TRP B 120 4.10 21.44 29.43
CA TRP B 120 3.12 21.44 28.35
C TRP B 120 1.73 21.03 28.83
N THR B 121 0.74 21.37 28.06
CA THR B 121 -0.61 21.02 28.46
C THR B 121 -1.05 19.75 27.74
N PRO B 122 -1.39 18.70 28.46
CA PRO B 122 -1.84 17.44 27.91
C PRO B 122 -3.31 17.25 27.68
N ARG B 123 -3.64 16.38 26.77
CA ARG B 123 -5.03 16.06 26.51
C ARG B 123 -5.00 14.59 26.14
N VAL B 124 -5.86 13.81 26.75
CA VAL B 124 -5.80 12.38 26.46
C VAL B 124 -6.52 11.99 25.20
N LEU B 125 -5.86 11.21 24.39
CA LEU B 125 -6.47 10.78 23.13
C LEU B 125 -6.90 9.32 23.22
N SER B 126 -7.68 8.92 22.24
CA SER B 126 -8.18 7.54 22.20
C SER B 126 -7.04 6.53 22.12
N ASN B 127 -5.93 6.95 21.55
CA ASN B 127 -4.81 6.06 21.44
C ASN B 127 -3.52 6.79 21.59
N GLY B 128 -3.47 7.76 22.52
CA GLY B 128 -2.23 8.49 22.70
C GLY B 128 -2.48 9.72 23.49
N VAL B 129 -1.59 10.71 23.33
CA VAL B 129 -1.77 11.95 24.05
C VAL B 129 -1.21 13.16 23.32
N GLN B 130 -1.83 14.30 23.51
CA GLN B 130 -1.38 15.46 22.80
C GLN B 130 -1.06 16.60 23.72
N PHE B 131 0.06 17.23 23.43
CA PHE B 131 0.54 18.32 24.25
C PHE B 131 0.50 19.62 23.48
N SER B 132 0.10 20.67 24.16
CA SER B 132 0.07 21.89 23.44
C SER B 132 0.62 22.94 24.37
N ARG B 133 1.10 24.01 23.76
CA ARG B 133 1.66 25.04 24.53
C ARG B 133 1.94 26.20 23.59
N ILE B 134 1.94 27.39 24.15
CA ILE B 134 2.22 28.57 23.37
C ILE B 134 3.58 29.16 23.68
N SER B 135 4.41 29.38 22.66
CA SER B 135 5.73 29.99 22.83
C SER B 135 5.46 31.43 22.45
N PRO B 136 5.55 32.31 23.42
CA PRO B 136 5.24 33.71 23.17
C PRO B 136 6.29 34.42 22.35
N ASP B 137 5.87 35.51 21.75
CA ASP B 137 6.79 36.26 20.96
C ASP B 137 7.90 36.83 21.83
N GLY B 138 9.15 36.61 21.42
CA GLY B 138 10.32 37.07 22.17
C GLY B 138 10.93 35.92 22.99
N GLU B 139 10.13 34.88 23.10
CA GLU B 139 10.65 33.81 23.85
C GLU B 139 11.99 33.36 23.27
N GLU B 140 12.98 33.44 24.15
CA GLU B 140 14.31 33.00 23.76
C GLU B 140 14.83 33.81 22.59
N GLY B 141 14.16 34.92 22.38
CA GLY B 141 14.60 35.80 21.35
C GLY B 141 13.97 35.54 20.00
N TYR B 142 13.06 34.57 19.93
CA TYR B 142 12.45 34.34 18.67
C TYR B 142 11.27 35.24 18.49
N PRO B 143 11.17 35.79 17.30
CA PRO B 143 10.02 36.65 17.01
C PRO B 143 8.82 35.78 16.79
N GLY B 144 7.65 36.32 17.11
CA GLY B 144 6.42 35.62 16.87
C GLY B 144 5.99 34.63 17.94
N GLU B 145 4.69 34.64 18.11
CA GLU B 145 3.98 33.79 19.06
C GLU B 145 3.72 32.54 18.30
N LEU B 146 4.23 31.46 18.84
CA LEU B 146 4.12 30.18 18.22
C LEU B 146 3.23 29.25 19.03
N LYS B 147 2.21 28.68 18.37
CA LYS B 147 1.31 27.70 18.96
C LYS B 147 1.81 26.35 18.49
N VAL B 148 2.17 25.51 19.47
CA VAL B 148 2.66 24.21 19.16
C VAL B 148 1.84 23.09 19.77
N TRP B 149 1.78 22.00 18.96
CA TRP B 149 1.13 20.77 19.34
C TRP B 149 2.02 19.62 18.97
N VAL B 150 2.22 18.78 19.95
CA VAL B 150 2.98 17.58 19.80
C VAL B 150 2.01 16.45 20.19
N THR B 151 1.83 15.54 19.25
CA THR B 151 0.92 14.43 19.48
C THR B 151 1.63 13.13 19.31
N TYR B 152 1.50 12.31 20.32
CA TYR B 152 2.10 11.00 20.28
C TYR B 152 0.97 9.97 20.18
N THR B 153 1.07 9.06 19.23
CA THR B 153 0.06 8.01 19.20
C THR B 153 0.73 6.67 19.03
N LEU B 154 0.04 5.66 19.53
CA LEU B 154 0.59 4.33 19.45
C LEU B 154 -0.30 3.39 18.69
N ASP B 155 0.33 2.65 17.81
CA ASP B 155 -0.36 1.66 16.99
C ASP B 155 0.50 0.41 16.86
N GLY B 156 0.19 -0.60 17.68
CA GLY B 156 0.94 -1.84 17.66
C GLY B 156 2.33 -1.58 18.18
N GLY B 157 3.30 -1.90 17.36
CA GLY B 157 4.70 -1.67 17.74
C GLY B 157 5.27 -0.43 17.06
N GLU B 158 4.37 0.47 16.62
CA GLU B 158 4.74 1.72 15.94
C GLU B 158 4.29 2.91 16.73
N LEU B 159 5.25 3.78 17.06
CA LEU B 159 4.99 4.99 17.82
C LEU B 159 5.08 6.13 16.86
N ILE B 160 3.97 6.84 16.75
CA ILE B 160 3.86 7.99 15.91
C ILE B 160 3.87 9.27 16.69
N VAL B 161 4.71 10.20 16.21
CA VAL B 161 4.85 11.54 16.77
C VAL B 161 4.60 12.60 15.73
N ASN B 162 3.70 13.48 16.00
CA ASN B 162 3.47 14.50 15.04
C ASN B 162 3.62 15.84 15.70
N TYR B 163 4.17 16.78 14.93
CA TYR B 163 4.34 18.15 15.32
C TYR B 163 3.64 19.02 14.32
N ARG B 164 2.98 20.02 14.89
CA ARG B 164 2.21 21.04 14.21
C ARG B 164 2.45 22.31 15.00
N ALA B 165 2.49 23.42 14.28
CA ALA B 165 2.64 24.74 14.83
C ALA B 165 2.13 25.78 13.86
N GLN B 166 1.70 26.85 14.52
CA GLN B 166 1.20 28.01 13.86
C GLN B 166 1.88 29.25 14.45
N ALA B 167 2.36 30.17 13.59
CA ALA B 167 3.07 31.37 14.00
C ALA B 167 2.28 32.65 13.79
N SER B 168 2.45 33.64 14.69
CA SER B 168 1.77 34.91 14.54
C SER B 168 2.68 35.87 13.75
N GLN B 169 3.92 35.47 13.54
CA GLN B 169 4.86 36.27 12.77
C GLN B 169 5.89 35.28 12.27
N ALA B 170 6.49 35.58 11.14
CA ALA B 170 7.44 34.70 10.49
C ALA B 170 8.51 34.34 11.43
N THR B 171 8.75 33.04 11.55
CA THR B 171 9.78 32.55 12.44
C THR B 171 10.26 31.19 12.00
N PRO B 172 11.52 30.89 12.30
CA PRO B 172 12.06 29.59 11.97
C PRO B 172 11.53 28.64 13.02
N VAL B 173 11.26 27.41 12.63
CA VAL B 173 10.73 26.39 13.50
C VAL B 173 11.32 25.12 13.00
N ASN B 174 11.87 24.33 13.92
CA ASN B 174 12.51 23.06 13.65
C ASN B 174 12.35 22.20 14.89
N LEU B 175 11.32 21.38 14.93
CA LEU B 175 11.04 20.53 16.09
C LEU B 175 11.39 19.08 15.96
N THR B 176 11.88 18.49 17.02
CA THR B 176 12.26 17.09 16.96
C THR B 176 12.21 16.51 18.38
N ASN B 177 12.52 15.23 18.48
CA ASN B 177 12.52 14.57 19.77
C ASN B 177 13.90 13.99 19.96
N HIS B 178 14.48 14.25 21.15
CA HIS B 178 15.85 13.84 21.45
C HIS B 178 16.00 12.60 22.32
N SER B 179 15.24 11.60 22.01
CA SER B 179 15.38 10.37 22.76
C SER B 179 16.70 9.70 22.43
N TYR B 180 17.32 9.13 23.44
CA TYR B 180 18.53 8.37 23.25
C TYR B 180 18.10 6.93 23.31
N PHE B 181 18.49 6.16 22.31
CA PHE B 181 18.06 4.79 22.28
C PHE B 181 19.18 3.83 22.46
N ASN B 182 18.85 2.63 22.93
CA ASN B 182 19.78 1.51 23.09
C ASN B 182 18.92 0.27 22.97
N LEU B 183 19.04 -0.34 21.82
CA LEU B 183 18.22 -1.47 21.48
C LEU B 183 18.47 -2.71 22.33
N ALA B 184 19.68 -2.77 22.86
CA ALA B 184 19.98 -3.92 23.67
C ALA B 184 19.48 -3.67 25.06
N GLY B 185 18.89 -2.49 25.30
CA GLY B 185 18.38 -2.14 26.63
C GLY B 185 19.12 -0.92 27.19
N GLN B 186 18.36 -0.04 27.80
CA GLN B 186 18.97 1.15 28.32
C GLN B 186 20.20 0.95 29.18
N ALA B 187 20.21 -0.05 30.02
CA ALA B 187 21.38 -0.15 30.85
C ALA B 187 22.59 -0.67 30.17
N SER B 188 22.54 -0.89 28.86
CA SER B 188 23.74 -1.36 28.15
C SER B 188 24.75 -0.24 28.09
N PRO B 189 26.00 -0.62 28.11
CA PRO B 189 27.10 0.33 28.11
C PRO B 189 27.35 1.01 26.78
N ASN B 190 27.03 0.37 25.66
CA ASN B 190 27.27 1.00 24.40
C ASN B 190 26.41 0.44 23.33
N ILE B 191 26.55 1.01 22.13
CA ILE B 191 25.73 0.58 21.02
C ILE B 191 26.57 0.03 19.89
N ASN B 192 27.79 -0.30 20.18
CA ASN B 192 28.73 -0.83 19.20
C ASN B 192 28.21 -1.95 18.32
N ASP B 193 27.44 -2.81 18.97
CA ASP B 193 26.84 -3.99 18.37
C ASP B 193 25.60 -3.66 17.59
N HIS B 194 25.29 -2.40 17.40
CA HIS B 194 24.09 -2.14 16.65
C HIS B 194 24.42 -2.00 15.17
N GLU B 195 23.48 -2.44 14.34
CA GLU B 195 23.51 -2.36 12.89
C GLU B 195 22.67 -1.16 12.46
N VAL B 196 23.30 -0.18 11.81
CA VAL B 196 22.64 1.00 11.35
C VAL B 196 22.63 1.20 9.82
N THR B 197 21.48 1.65 9.34
CA THR B 197 21.25 1.97 7.95
C THR B 197 20.57 3.33 7.85
N ILE B 198 21.19 4.22 7.07
CA ILE B 198 20.57 5.54 6.86
C ILE B 198 20.39 5.77 5.38
N GLU B 199 19.16 6.01 4.96
CA GLU B 199 18.89 6.23 3.57
C GLU B 199 19.24 7.62 3.15
N ALA B 200 20.53 7.90 3.05
CA ALA B 200 20.97 9.24 2.67
C ALA B 200 22.07 9.22 1.62
N ASP B 201 22.02 10.08 0.62
CA ASP B 201 23.07 10.13 -0.40
C ASP B 201 24.02 11.23 -0.05
N THR B 202 23.54 12.20 0.69
CA THR B 202 24.47 13.24 1.06
C THR B 202 24.44 13.48 2.58
N TYR B 203 25.36 14.29 3.09
CA TYR B 203 25.48 14.61 4.49
C TYR B 203 26.04 16.02 4.55
N LEU B 204 25.93 16.68 5.72
CA LEU B 204 26.46 17.98 5.93
C LEU B 204 27.72 17.92 6.80
N PRO B 205 28.86 18.10 6.21
CA PRO B 205 30.08 18.16 7.00
C PRO B 205 29.97 19.44 7.81
N VAL B 206 30.63 19.54 8.96
CA VAL B 206 30.51 20.74 9.76
C VAL B 206 31.86 21.31 10.11
N ASP B 207 31.88 22.51 10.70
CA ASP B 207 33.11 23.16 11.10
C ASP B 207 33.47 22.90 12.57
N GLU B 208 34.55 23.59 12.99
CA GLU B 208 35.12 23.56 14.34
C GLU B 208 34.08 23.89 15.39
N THR B 209 33.01 24.56 15.01
CA THR B 209 32.04 24.84 16.05
C THR B 209 30.83 23.98 15.80
N LEU B 210 30.98 22.97 14.95
CA LEU B 210 29.84 22.11 14.71
C LEU B 210 28.74 22.75 13.92
N ILE B 211 29.09 23.73 13.12
CA ILE B 211 28.13 24.39 12.26
C ILE B 211 28.36 23.85 10.85
N PRO B 212 27.29 23.55 10.14
CA PRO B 212 27.54 22.99 8.83
C PRO B 212 28.39 23.90 7.97
N THR B 213 29.34 23.34 7.23
CA THR B 213 30.20 24.11 6.35
C THR B 213 29.39 24.76 5.22
N GLY B 214 28.32 24.15 4.83
CA GLY B 214 27.58 24.78 3.77
C GLY B 214 27.57 23.83 2.62
N GLU B 215 28.52 22.92 2.63
CA GLU B 215 28.63 21.95 1.57
C GLU B 215 27.62 20.83 1.77
N VAL B 216 27.06 20.32 0.66
CA VAL B 216 26.12 19.20 0.68
C VAL B 216 26.92 18.08 0.08
N ALA B 217 27.64 17.33 0.92
CA ALA B 217 28.55 16.29 0.46
C ALA B 217 28.00 14.90 0.28
N PRO B 218 28.44 14.29 -0.81
CA PRO B 218 28.11 12.94 -1.17
C PRO B 218 28.69 12.00 -0.15
N VAL B 219 27.91 10.99 0.25
CA VAL B 219 28.36 10.07 1.27
C VAL B 219 29.29 9.02 0.71
N GLN B 220 29.06 8.69 -0.56
CA GLN B 220 29.82 7.69 -1.28
C GLN B 220 31.31 7.84 -1.08
N GLY B 221 31.94 6.75 -0.66
CA GLY B 221 33.37 6.81 -0.44
C GLY B 221 33.76 7.42 0.90
N THR B 222 32.78 7.66 1.76
CA THR B 222 33.07 8.24 3.06
C THR B 222 32.54 7.30 4.11
N ALA B 223 32.90 7.62 5.34
CA ALA B 223 32.49 6.87 6.47
C ALA B 223 31.06 7.23 6.69
N PHE B 224 30.60 8.24 5.93
CA PHE B 224 29.22 8.64 6.11
C PHE B 224 28.23 7.88 5.25
N ASP B 225 28.69 6.82 4.56
CA ASP B 225 27.81 6.04 3.72
C ASP B 225 27.13 4.91 4.46
N LEU B 226 25.94 5.18 4.99
CA LEU B 226 25.22 4.18 5.74
C LEU B 226 24.00 3.66 5.06
N ARG B 227 23.99 3.75 3.73
CA ARG B 227 22.91 3.26 2.90
C ARG B 227 22.85 1.73 2.98
N LYS B 228 23.99 1.13 3.33
CA LYS B 228 24.06 -0.30 3.52
C LYS B 228 24.28 -0.52 5.00
N PRO B 229 23.57 -1.45 5.59
CA PRO B 229 23.72 -1.62 7.00
C PRO B 229 25.17 -1.84 7.34
N VAL B 230 25.59 -1.20 8.43
CA VAL B 230 26.94 -1.33 8.92
C VAL B 230 26.97 -1.50 10.43
N GLU B 231 27.94 -2.25 10.93
CA GLU B 231 28.05 -2.43 12.34
C GLU B 231 28.74 -1.23 12.93
N LEU B 232 27.98 -0.49 13.72
CA LEU B 232 28.50 0.72 14.33
C LEU B 232 29.95 0.66 14.73
N GLY B 233 30.26 -0.28 15.63
CA GLY B 233 31.63 -0.46 16.14
C GLY B 233 32.70 -0.54 15.06
N LYS B 234 32.67 -1.66 14.37
CA LYS B 234 33.61 -1.92 13.31
C LYS B 234 33.71 -0.70 12.46
N HIS B 235 32.55 -0.16 12.15
CA HIS B 235 32.51 0.97 11.28
C HIS B 235 33.30 2.16 11.81
N LEU B 236 33.01 2.53 13.03
CA LEU B 236 33.69 3.67 13.61
C LEU B 236 35.20 3.39 13.60
N GLN B 237 35.51 2.17 13.97
CA GLN B 237 36.92 1.83 13.99
C GLN B 237 37.56 1.90 12.59
N ASP B 238 36.94 1.25 11.63
CA ASP B 238 37.47 1.24 10.30
C ASP B 238 37.60 2.62 9.68
N PHE B 239 36.80 3.56 10.19
CA PHE B 239 36.87 4.89 9.62
C PHE B 239 37.60 5.88 10.52
N HIS B 240 38.12 5.34 11.62
CA HIS B 240 38.84 6.17 12.54
C HIS B 240 37.96 7.32 12.98
N LEU B 241 36.73 6.99 13.30
CA LEU B 241 35.82 8.03 13.70
C LEU B 241 35.41 7.91 15.15
N ASN B 242 35.35 9.04 15.80
CA ASN B 242 34.99 8.99 17.19
C ASN B 242 33.51 8.67 17.40
N GLY B 243 32.70 9.01 16.40
CA GLY B 243 31.28 8.76 16.46
C GLY B 243 30.63 9.65 15.44
N PHE B 244 29.31 9.86 15.56
CA PHE B 244 28.64 10.73 14.60
C PHE B 244 27.88 11.77 15.36
N ASP B 245 27.70 12.86 14.65
CA ASP B 245 26.97 14.01 15.13
C ASP B 245 26.80 14.86 13.90
N HIS B 246 26.02 14.28 13.03
CA HIS B 246 25.79 14.91 11.78
C HIS B 246 24.39 14.73 11.29
N ASN B 247 24.06 15.65 10.43
CA ASN B 247 22.81 15.60 9.74
C ASN B 247 22.95 14.85 8.39
N PHE B 248 22.14 13.80 8.19
CA PHE B 248 22.08 13.03 6.98
C PHE B 248 20.96 13.62 6.15
N CYS B 249 21.19 13.87 4.84
CA CYS B 249 20.17 14.48 4.04
C CYS B 249 19.28 13.45 3.43
N LEU B 250 18.05 13.50 3.89
CA LEU B 250 17.08 12.52 3.45
C LEU B 250 16.46 12.86 2.15
N LYS B 251 16.40 11.84 1.32
CA LYS B 251 15.82 11.98 0.00
C LYS B 251 14.34 12.18 0.21
N GLY B 252 13.93 13.46 0.23
CA GLY B 252 12.54 13.70 0.47
C GLY B 252 11.78 14.85 -0.15
N SER B 253 10.51 14.50 -0.11
CA SER B 253 9.31 15.20 -0.47
C SER B 253 8.85 15.52 0.93
N LYS B 254 7.59 15.81 1.10
CA LYS B 254 7.17 16.09 2.46
C LYS B 254 6.44 14.84 2.88
N GLU B 255 6.36 13.96 1.90
CA GLU B 255 5.71 12.70 2.04
C GLU B 255 6.51 11.75 2.92
N LYS B 256 5.78 10.88 3.60
CA LYS B 256 6.41 9.90 4.46
C LYS B 256 7.49 9.10 3.75
N HIS B 257 8.72 9.24 4.20
CA HIS B 257 9.80 8.50 3.61
C HIS B 257 10.56 7.75 4.66
N PHE B 258 11.25 6.70 4.19
CA PHE B 258 12.09 5.83 5.01
C PHE B 258 13.25 6.64 5.48
N CYS B 259 13.56 6.52 6.75
CA CYS B 259 14.68 7.31 7.20
C CYS B 259 15.78 6.41 7.68
N ALA B 260 15.50 5.50 8.62
CA ALA B 260 16.61 4.72 9.07
C ALA B 260 16.24 3.35 9.62
N ARG B 261 17.24 2.48 9.73
CA ARG B 261 16.99 1.17 10.30
C ARG B 261 18.11 0.76 11.23
N VAL B 262 17.73 0.49 12.44
CA VAL B 262 18.69 0.08 13.40
C VAL B 262 18.28 -1.30 13.86
N HIS B 263 19.26 -2.21 13.81
CA HIS B 263 19.08 -3.61 14.17
C HIS B 263 20.03 -4.11 15.25
N HIS B 264 19.45 -4.71 16.26
CA HIS B 264 20.21 -5.28 17.34
C HIS B 264 20.02 -6.75 17.19
N ALA B 265 20.94 -7.38 16.47
CA ALA B 265 20.88 -8.78 16.19
C ALA B 265 20.83 -9.73 17.38
N ALA B 266 21.45 -9.39 18.50
CA ALA B 266 21.39 -10.26 19.66
C ALA B 266 19.99 -10.39 20.20
N SER B 267 19.26 -9.28 20.25
CA SER B 267 17.91 -9.28 20.80
C SER B 267 16.89 -9.48 19.73
N GLY B 268 17.33 -9.26 18.49
CA GLY B 268 16.41 -9.40 17.36
C GLY B 268 15.55 -8.15 17.20
N ARG B 269 15.80 -7.17 18.09
CA ARG B 269 15.06 -5.92 18.00
C ARG B 269 15.50 -5.08 16.80
N VAL B 270 14.51 -4.63 16.03
CA VAL B 270 14.65 -3.76 14.87
C VAL B 270 13.85 -2.49 15.09
N LEU B 271 14.52 -1.36 14.81
CA LEU B 271 13.95 -0.02 14.87
C LEU B 271 13.99 0.55 13.45
N GLU B 272 12.85 0.96 12.98
CA GLU B 272 12.79 1.53 11.67
C GLU B 272 12.19 2.88 11.90
N VAL B 273 12.79 3.87 11.24
CA VAL B 273 12.36 5.24 11.33
C VAL B 273 11.95 5.84 10.02
N TYR B 274 10.72 6.40 9.96
CA TYR B 274 10.15 7.09 8.79
C TYR B 274 9.86 8.50 9.20
N THR B 275 9.87 9.40 8.23
CA THR B 275 9.63 10.77 8.52
C THR B 275 9.24 11.59 7.33
N THR B 276 8.82 12.79 7.64
CA THR B 276 8.49 13.76 6.61
C THR B 276 9.61 14.79 6.55
N GLN B 277 10.50 14.79 7.54
CA GLN B 277 11.63 15.71 7.60
C GLN B 277 12.67 15.39 6.54
N PRO B 278 13.37 16.41 6.14
CA PRO B 278 14.35 16.36 5.10
C PRO B 278 15.69 15.90 5.61
N GLY B 279 15.76 15.83 6.92
CA GLY B 279 17.03 15.42 7.45
C GLY B 279 16.90 14.72 8.76
N VAL B 280 18.01 14.16 9.15
CA VAL B 280 18.05 13.46 10.39
C VAL B 280 19.39 13.63 11.07
N GLN B 281 19.35 14.16 12.29
CA GLN B 281 20.57 14.29 13.05
C GLN B 281 20.94 12.91 13.60
N PHE B 282 22.07 12.35 13.21
CA PHE B 282 22.49 11.06 13.77
C PHE B 282 23.59 11.33 14.77
N TYR B 283 23.31 11.12 16.04
CA TYR B 283 24.25 11.41 17.14
C TYR B 283 24.42 10.24 18.11
N THR B 284 25.68 9.80 18.25
CA THR B 284 26.06 8.64 19.04
C THR B 284 26.37 8.94 20.48
N GLY B 285 25.73 9.92 21.02
CA GLY B 285 25.95 10.23 22.42
C GLY B 285 27.42 10.33 22.78
N ASN B 286 28.15 10.97 21.89
CA ASN B 286 29.56 11.17 22.10
C ASN B 286 29.93 11.96 23.37
N PHE B 287 29.09 12.91 23.73
CA PHE B 287 29.24 13.79 24.91
C PHE B 287 28.84 13.24 26.25
N LEU B 288 28.29 12.03 26.27
CA LEU B 288 27.92 11.41 27.52
C LEU B 288 29.21 11.04 28.24
N ASP B 289 29.26 11.36 29.53
CA ASP B 289 30.45 11.11 30.33
C ASP B 289 30.25 10.23 31.53
N GLY B 290 29.26 9.37 31.45
CA GLY B 290 28.94 8.40 32.48
C GLY B 290 28.84 8.94 33.88
N THR B 291 28.44 10.20 34.04
CA THR B 291 28.32 10.76 35.37
C THR B 291 26.88 11.05 35.73
N LEU B 292 26.00 10.45 34.94
CA LEU B 292 24.61 10.68 35.15
C LEU B 292 24.00 9.45 35.77
N LYS B 293 23.09 9.76 36.67
CA LYS B 293 22.26 8.87 37.51
C LYS B 293 20.98 8.35 36.82
N GLY B 294 21.05 7.39 35.93
CA GLY B 294 19.84 6.99 35.25
C GLY B 294 18.97 5.94 35.91
N LYS B 295 18.00 5.46 35.14
CA LYS B 295 17.05 4.45 35.57
C LYS B 295 17.72 3.15 35.94
N ASN B 296 17.24 2.56 37.04
CA ASN B 296 17.74 1.31 37.61
C ASN B 296 19.23 1.26 37.79
N GLY B 297 19.74 2.36 38.37
CA GLY B 297 21.13 2.52 38.68
C GLY B 297 22.02 2.73 37.48
N ALA B 298 21.42 2.77 36.30
CA ALA B 298 22.17 3.00 35.09
C ALA B 298 22.89 4.35 35.14
N VAL B 299 24.06 4.32 34.55
CA VAL B 299 24.88 5.50 34.46
C VAL B 299 25.16 5.61 32.99
N TYR B 300 25.34 6.80 32.46
CA TYR B 300 25.52 6.65 31.03
C TYR B 300 26.83 7.10 30.44
N PRO B 301 27.60 6.12 30.04
CA PRO B 301 28.88 6.45 29.46
C PRO B 301 28.70 6.97 28.06
N LYS B 302 29.80 7.45 27.50
CA LYS B 302 29.83 7.92 26.15
C LYS B 302 29.40 6.75 25.26
N HIS B 303 28.61 7.03 24.21
CA HIS B 303 28.15 6.01 23.29
C HIS B 303 27.16 5.00 23.87
N SER B 304 26.60 5.27 25.06
CA SER B 304 25.63 4.37 25.68
C SER B 304 24.24 4.46 25.02
N GLY B 305 23.99 5.49 24.18
CA GLY B 305 22.70 5.66 23.48
C GLY B 305 22.84 6.44 22.18
N PHE B 306 21.87 6.33 21.30
CA PHE B 306 22.02 7.13 20.11
C PHE B 306 20.69 7.82 19.88
N CYS B 307 20.77 8.95 19.21
CA CYS B 307 19.62 9.78 18.84
C CYS B 307 19.44 9.82 17.32
N LEU B 308 18.19 9.88 16.87
CA LEU B 308 17.86 9.96 15.46
C LEU B 308 16.86 11.11 15.43
N GLU B 309 17.40 12.33 15.42
CA GLU B 309 16.55 13.51 15.45
C GLU B 309 16.05 13.86 14.08
N THR B 310 14.77 13.66 13.78
CA THR B 310 14.33 14.01 12.43
C THR B 310 14.14 15.49 12.40
N GLN B 311 14.52 16.11 11.30
CA GLN B 311 14.46 17.55 11.34
C GLN B 311 14.92 18.15 10.04
N ASN B 312 14.90 19.47 10.06
CA ASN B 312 15.39 20.31 8.99
C ASN B 312 16.85 20.48 9.36
N TRP B 313 17.69 20.71 8.36
CA TRP B 313 19.14 20.85 8.49
C TRP B 313 19.54 21.94 9.46
N PRO B 314 20.60 21.74 10.20
CA PRO B 314 21.00 22.74 11.14
C PRO B 314 21.45 24.03 10.44
N ASP B 315 21.18 25.13 11.14
CA ASP B 315 21.57 26.45 10.69
C ASP B 315 20.93 26.80 9.36
N ALA B 316 19.90 26.04 9.01
CA ALA B 316 19.20 26.34 7.76
C ALA B 316 18.92 27.82 7.65
N VAL B 317 18.56 28.47 8.76
CA VAL B 317 18.22 29.90 8.79
C VAL B 317 19.27 30.77 8.17
N ASN B 318 20.51 30.39 8.28
CA ASN B 318 21.51 31.22 7.69
C ASN B 318 22.08 30.56 6.46
N GLN B 319 21.43 29.50 6.03
CA GLN B 319 21.95 28.80 4.89
C GLN B 319 20.91 28.72 3.80
N PRO B 320 20.94 29.68 2.91
CA PRO B 320 19.99 29.77 1.83
C PRO B 320 19.83 28.52 0.97
N ARG B 321 20.87 27.75 0.76
CA ARG B 321 20.58 26.58 -0.07
C ARG B 321 19.94 25.39 0.66
N PHE B 322 19.74 25.53 1.99
CA PHE B 322 19.14 24.47 2.80
C PHE B 322 17.64 24.58 2.68
N PRO B 323 16.91 23.54 3.06
CA PRO B 323 15.47 23.61 2.98
C PRO B 323 14.93 24.69 3.92
N PRO B 324 13.94 25.40 3.47
CA PRO B 324 13.29 26.45 4.22
C PRO B 324 12.90 26.07 5.64
N VAL B 325 13.09 26.99 6.59
CA VAL B 325 12.71 26.74 7.95
C VAL B 325 11.77 27.77 8.45
N LEU B 326 11.52 28.75 7.64
CA LEU B 326 10.61 29.73 8.13
C LEU B 326 9.15 29.29 8.13
N LEU B 327 8.46 29.64 9.22
CA LEU B 327 7.06 29.44 9.31
C LEU B 327 6.40 30.82 9.26
N ARG B 328 5.50 31.06 8.28
CA ARG B 328 4.83 32.34 8.14
C ARG B 328 3.39 32.21 8.62
N PRO B 329 2.82 33.35 8.97
CA PRO B 329 1.45 33.36 9.42
C PRO B 329 0.53 32.83 8.36
N GLY B 330 -0.51 32.12 8.81
CA GLY B 330 -1.37 31.58 7.83
C GLY B 330 -0.90 30.19 7.44
N GLU B 331 0.40 29.95 7.55
CA GLU B 331 0.76 28.59 7.18
C GLU B 331 0.69 27.69 8.36
N GLU B 332 1.02 26.43 8.15
CA GLU B 332 1.00 25.50 9.24
C GLU B 332 2.15 24.56 9.20
N TYR B 333 2.93 24.52 10.27
CA TYR B 333 4.04 23.58 10.31
C TYR B 333 3.50 22.21 10.70
N ASP B 334 3.91 21.17 9.96
CA ASP B 334 3.39 19.84 10.22
C ASP B 334 4.33 18.74 9.87
N HIS B 335 4.95 18.17 10.85
CA HIS B 335 5.88 17.10 10.55
C HIS B 335 5.58 15.83 11.33
N THR B 336 5.85 14.67 10.72
CA THR B 336 5.56 13.42 11.37
C THR B 336 6.70 12.43 11.32
N THR B 337 6.85 11.70 12.42
CA THR B 337 7.91 10.74 12.49
C THR B 337 7.39 9.43 13.06
N TRP B 338 7.66 8.34 12.37
CA TRP B 338 7.18 7.05 12.83
C TRP B 338 8.34 6.25 13.36
N PHE B 339 8.14 5.71 14.58
CA PHE B 339 9.10 4.86 15.28
C PHE B 339 8.51 3.46 15.21
N LYS B 340 9.02 2.64 14.32
CA LYS B 340 8.43 1.33 14.15
C LYS B 340 9.34 0.25 14.68
N PHE B 341 8.78 -0.54 15.57
CA PHE B 341 9.56 -1.53 16.23
C PHE B 341 9.19 -2.94 15.83
N SER B 342 10.21 -3.72 15.57
CA SER B 342 9.89 -5.07 15.18
C SER B 342 10.92 -6.01 15.70
N VAL B 343 10.89 -7.23 15.28
CA VAL B 343 11.84 -8.22 15.70
C VAL B 343 12.30 -8.99 14.46
N ALA B 344 13.57 -9.17 14.34
CA ALA B 344 14.12 -9.89 13.21
C ALA B 344 15.03 -10.99 13.72
N GLY C 1 -19.40 -12.90 -30.04
CA GLY C 1 -18.86 -11.58 -29.84
C GLY C 1 -19.96 -10.57 -29.49
N HIS C 2 -19.80 -9.93 -28.35
CA HIS C 2 -20.78 -8.98 -27.85
C HIS C 2 -20.41 -7.52 -27.91
N MET C 3 -21.42 -6.74 -28.16
CA MET C 3 -21.22 -5.34 -28.17
C MET C 3 -20.68 -4.94 -26.79
N ALA C 4 -19.66 -4.10 -26.72
CA ALA C 4 -19.06 -3.70 -25.45
C ALA C 4 -19.86 -2.69 -24.69
N SER C 5 -19.55 -2.72 -23.41
CA SER C 5 -20.13 -1.81 -22.48
C SER C 5 -19.03 -0.82 -22.13
N VAL C 6 -19.44 0.38 -21.76
CA VAL C 6 -18.48 1.42 -21.44
C VAL C 6 -18.55 1.99 -20.04
N THR C 7 -17.40 2.11 -19.35
CA THR C 7 -17.38 2.68 -18.01
C THR C 7 -16.29 3.68 -17.92
N ARG C 8 -16.52 4.72 -17.12
CA ARG C 8 -15.52 5.76 -16.97
C ARG C 8 -15.11 6.01 -15.54
N ALA C 9 -14.00 6.67 -15.36
CA ALA C 9 -13.51 6.98 -14.04
C ALA C 9 -12.28 7.84 -14.16
N VAL C 10 -11.96 8.54 -13.10
CA VAL C 10 -10.82 9.39 -13.10
C VAL C 10 -9.56 8.57 -13.14
N PHE C 11 -8.59 9.09 -13.87
CA PHE C 11 -7.37 8.34 -13.95
C PHE C 11 -6.29 9.11 -13.28
N GLY C 12 -6.35 10.42 -13.38
CA GLY C 12 -5.36 11.30 -12.81
C GLY C 12 -5.58 12.76 -13.16
N GLU C 13 -4.73 13.58 -12.54
CA GLU C 13 -4.82 15.01 -12.78
C GLU C 13 -3.53 15.55 -13.35
N LEU C 14 -3.65 16.39 -14.35
CA LEU C 14 -2.49 16.99 -14.96
C LEU C 14 -1.91 18.08 -14.07
N PRO C 15 -0.61 18.17 -14.10
CA PRO C 15 0.13 19.15 -13.34
C PRO C 15 -0.11 20.54 -13.93
N SER C 16 0.08 21.57 -13.09
CA SER C 16 -0.08 22.98 -13.46
C SER C 16 -1.49 23.33 -13.93
N GLY C 17 -2.44 22.65 -13.27
CA GLY C 17 -3.88 22.76 -13.52
C GLY C 17 -4.22 22.40 -14.95
N GLY C 18 -3.43 21.46 -15.49
CA GLY C 18 -3.59 20.97 -16.84
C GLY C 18 -4.98 20.41 -17.06
N GLY C 19 -5.57 19.87 -16.00
CA GLY C 19 -6.90 19.30 -16.11
C GLY C 19 -6.92 17.85 -15.68
N THR C 20 -8.13 17.30 -15.66
CA THR C 20 -8.42 15.92 -15.27
C THR C 20 -8.44 14.94 -16.42
N VAL C 21 -7.73 13.83 -16.21
CA VAL C 21 -7.66 12.79 -17.20
C VAL C 21 -8.63 11.69 -16.80
N GLU C 22 -9.37 11.22 -17.79
CA GLU C 22 -10.31 10.17 -17.49
C GLU C 22 -9.86 8.90 -18.16
N LYS C 23 -10.50 7.84 -17.71
CA LYS C 23 -10.23 6.52 -18.21
C LYS C 23 -11.53 5.89 -18.63
N PHE C 24 -11.54 5.34 -19.83
CA PHE C 24 -12.74 4.71 -20.35
C PHE C 24 -12.46 3.24 -20.60
N GLN C 25 -13.23 2.38 -19.97
CA GLN C 25 -13.01 0.96 -20.12
C GLN C 25 -14.09 0.38 -21.00
N LEU C 26 -13.63 -0.25 -22.09
CA LEU C 26 -14.48 -0.88 -23.08
C LEU C 26 -14.49 -2.38 -22.86
N GLN C 27 -15.65 -2.93 -22.55
CA GLN C 27 -15.66 -4.33 -22.32
C GLN C 27 -16.78 -5.08 -22.98
N SER C 28 -16.31 -6.14 -23.60
CA SER C 28 -17.08 -7.14 -24.31
C SER C 28 -16.79 -8.46 -23.60
N ASP C 29 -17.47 -9.50 -24.04
CA ASP C 29 -17.31 -10.83 -23.47
C ASP C 29 -15.96 -11.39 -23.88
N LEU C 30 -15.32 -10.77 -24.89
CA LEU C 30 -14.03 -11.22 -25.38
C LEU C 30 -12.84 -10.39 -25.03
N LEU C 31 -13.08 -9.09 -24.87
CA LEU C 31 -11.97 -8.20 -24.55
C LEU C 31 -12.30 -7.06 -23.61
N ARG C 32 -11.22 -6.53 -23.10
CA ARG C 32 -11.28 -5.38 -22.29
C ARG C 32 -10.16 -4.49 -22.76
N VAL C 33 -10.53 -3.25 -22.99
CA VAL C 33 -9.64 -2.23 -23.44
C VAL C 33 -9.88 -0.95 -22.64
N ASP C 34 -8.77 -0.33 -22.21
CA ASP C 34 -8.76 0.91 -21.43
C ASP C 34 -8.13 2.00 -22.26
N ILE C 35 -8.74 3.16 -22.26
CA ILE C 35 -8.28 4.30 -23.06
C ILE C 35 -8.52 5.61 -22.30
N ILE C 36 -7.48 6.42 -22.25
CA ILE C 36 -7.56 7.70 -21.58
C ILE C 36 -7.62 8.87 -22.55
N SER C 37 -8.18 9.95 -22.02
CA SER C 37 -8.40 11.23 -22.71
C SER C 37 -7.09 11.97 -23.01
N TRP C 38 -6.00 11.55 -22.38
CA TRP C 38 -4.73 12.17 -22.71
C TRP C 38 -4.14 11.50 -23.98
N GLY C 39 -4.18 12.18 -25.11
CA GLY C 39 -3.65 11.57 -26.31
C GLY C 39 -4.41 10.34 -26.79
N CYS C 40 -5.66 10.16 -26.32
CA CYS C 40 -6.51 9.03 -26.65
C CYS C 40 -5.70 7.73 -26.53
N THR C 41 -4.89 7.61 -25.48
CA THR C 41 -4.00 6.49 -25.24
C THR C 41 -4.64 5.17 -24.72
N ILE C 42 -4.35 4.12 -25.48
CA ILE C 42 -4.81 2.82 -25.09
C ILE C 42 -3.77 2.39 -24.08
N THR C 43 -4.30 2.22 -22.91
CA THR C 43 -3.55 1.94 -21.70
C THR C 43 -3.44 0.47 -21.37
N ALA C 44 -4.48 -0.30 -21.71
CA ALA C 44 -4.51 -1.72 -21.43
C ALA C 44 -5.43 -2.45 -22.40
N LEU C 45 -5.03 -3.67 -22.74
CA LEU C 45 -5.77 -4.48 -23.70
C LEU C 45 -5.65 -5.96 -23.39
N GLU C 46 -6.63 -6.42 -22.65
CA GLU C 46 -6.68 -7.79 -22.25
C GLU C 46 -7.37 -8.71 -23.24
N VAL C 47 -6.68 -9.78 -23.62
CA VAL C 47 -7.17 -10.78 -24.55
C VAL C 47 -6.91 -12.18 -24.03
N LYS C 48 -7.79 -13.10 -24.41
CA LYS C 48 -7.79 -14.52 -23.97
C LYS C 48 -7.00 -15.43 -24.86
N ASP C 49 -6.47 -16.49 -24.22
CA ASP C 49 -5.72 -17.48 -24.95
C ASP C 49 -6.62 -18.67 -25.14
N ARG C 50 -6.08 -19.79 -25.57
CA ARG C 50 -6.90 -20.98 -25.72
C ARG C 50 -7.52 -21.42 -24.42
N GLN C 51 -6.80 -21.27 -23.33
CA GLN C 51 -7.39 -21.70 -22.08
C GLN C 51 -8.50 -20.76 -21.63
N GLY C 52 -8.59 -19.60 -22.28
CA GLY C 52 -9.57 -18.59 -21.96
C GLY C 52 -8.97 -17.65 -20.93
N ARG C 53 -7.66 -17.73 -20.85
CA ARG C 53 -6.96 -16.90 -19.92
C ARG C 53 -6.68 -15.55 -20.55
N ALA C 54 -6.99 -14.51 -19.80
CA ALA C 54 -6.79 -13.15 -20.23
C ALA C 54 -5.47 -12.50 -19.82
N SER C 55 -4.84 -11.93 -20.81
CA SER C 55 -3.59 -11.24 -20.64
C SER C 55 -3.73 -9.91 -21.33
N ASP C 56 -3.11 -8.94 -20.70
CA ASP C 56 -3.03 -7.62 -21.25
C ASP C 56 -1.89 -7.72 -22.25
N VAL C 57 -2.20 -7.49 -23.52
CA VAL C 57 -1.21 -7.59 -24.54
C VAL C 57 -0.64 -6.24 -24.99
N VAL C 58 -0.70 -5.22 -24.17
CA VAL C 58 -0.17 -3.94 -24.57
C VAL C 58 0.76 -3.27 -23.54
N LEU C 59 1.89 -2.68 -24.00
CA LEU C 59 2.84 -2.02 -23.11
C LEU C 59 2.26 -0.69 -22.72
N GLY C 60 2.41 -0.34 -21.48
CA GLY C 60 1.85 0.88 -20.93
C GLY C 60 2.34 1.17 -19.50
N PHE C 61 1.59 2.05 -18.81
CA PHE C 61 1.86 2.52 -17.46
C PHE C 61 0.62 2.46 -16.62
N ALA C 62 0.85 2.21 -15.35
CA ALA C 62 -0.25 2.07 -14.43
C ALA C 62 -0.82 3.41 -14.06
N GLU C 63 -0.01 4.44 -14.24
CA GLU C 63 -0.49 5.75 -13.92
C GLU C 63 -0.16 6.80 -14.94
N LEU C 64 -0.90 7.88 -14.78
CA LEU C 64 -0.75 9.02 -15.62
C LEU C 64 0.71 9.46 -15.74
N GLU C 65 1.33 9.65 -14.59
CA GLU C 65 2.72 10.08 -14.46
C GLU C 65 3.64 9.27 -15.32
N GLY C 66 3.28 8.02 -15.50
CA GLY C 66 4.11 7.21 -16.32
C GLY C 66 4.01 7.69 -17.76
N TYR C 67 2.84 8.20 -18.11
CA TYR C 67 2.67 8.68 -19.46
C TYR C 67 3.32 10.03 -19.67
N LEU C 68 3.52 10.82 -18.60
CA LEU C 68 4.12 12.15 -18.78
C LEU C 68 5.64 12.18 -18.75
N GLN C 69 6.23 11.06 -18.41
CA GLN C 69 7.68 11.07 -18.34
C GLN C 69 8.14 10.92 -19.77
N LYS C 70 9.41 10.81 -19.99
CA LYS C 70 9.95 10.64 -21.32
C LYS C 70 9.70 9.21 -21.74
N GLN C 71 8.79 9.02 -22.68
CA GLN C 71 8.45 7.70 -23.17
C GLN C 71 8.05 7.75 -24.64
N PRO C 72 8.51 6.75 -25.36
CA PRO C 72 8.30 6.70 -26.78
C PRO C 72 6.88 6.51 -27.24
N TYR C 73 5.98 7.45 -26.96
CA TYR C 73 4.64 7.35 -27.53
C TYR C 73 3.80 6.12 -27.19
N PHE C 74 3.94 5.51 -26.03
CA PHE C 74 3.09 4.34 -25.77
C PHE C 74 1.60 4.48 -26.06
N GLY C 75 1.06 3.55 -26.85
CA GLY C 75 -0.33 3.40 -27.27
C GLY C 75 -1.14 4.68 -27.53
N ALA C 76 -0.49 5.74 -27.95
CA ALA C 76 -1.26 6.97 -28.16
C ALA C 76 -1.62 7.26 -29.61
N VAL C 77 -2.48 8.24 -29.78
CA VAL C 77 -2.81 8.69 -31.10
C VAL C 77 -1.70 9.67 -31.51
N ILE C 78 -1.17 9.54 -32.73
CA ILE C 78 -0.10 10.37 -33.26
C ILE C 78 -0.54 11.30 -34.35
N GLY C 79 -0.09 12.56 -34.25
CA GLY C 79 -0.43 13.61 -35.21
C GLY C 79 0.19 14.95 -34.81
N ARG C 80 0.03 15.99 -35.62
CA ARG C 80 -0.78 16.00 -36.86
C ARG C 80 -0.35 15.05 -37.98
N VAL C 81 0.93 14.82 -38.09
CA VAL C 81 1.48 13.96 -39.15
C VAL C 81 2.43 12.93 -38.51
N ALA C 82 2.00 11.68 -38.49
CA ALA C 82 2.79 10.63 -37.91
C ALA C 82 4.09 10.42 -38.65
N ASN C 83 5.05 9.85 -37.96
CA ASN C 83 6.34 9.57 -38.51
C ASN C 83 7.17 10.80 -38.86
N ARG C 84 8.15 10.64 -39.75
CA ARG C 84 9.06 11.71 -40.12
C ARG C 84 8.81 12.57 -41.32
N ILE C 85 9.25 13.81 -41.17
CA ILE C 85 9.21 14.82 -42.20
C ILE C 85 10.60 15.38 -42.37
N ALA C 86 11.18 15.06 -43.52
CA ALA C 86 12.52 15.49 -43.83
C ALA C 86 12.79 16.93 -43.54
N LYS C 87 13.83 17.14 -42.74
CA LYS C 87 14.26 18.49 -42.39
C LYS C 87 13.19 19.33 -41.76
N GLY C 88 12.16 18.65 -41.20
CA GLY C 88 11.14 19.44 -40.55
C GLY C 88 10.64 20.58 -41.46
N THR C 89 10.63 20.32 -42.77
CA THR C 89 10.17 21.33 -43.67
C THR C 89 9.38 20.79 -44.84
N PHE C 90 8.37 21.52 -45.25
CA PHE C 90 7.56 21.10 -46.36
C PHE C 90 6.93 22.36 -46.96
N LYS C 91 6.40 22.23 -48.18
CA LYS C 91 5.73 23.35 -48.83
C LYS C 91 4.27 22.99 -49.12
N VAL C 92 3.32 23.94 -48.94
CA VAL C 92 1.88 23.73 -49.23
C VAL C 92 1.29 25.06 -49.83
N ASP C 93 0.87 24.78 -51.13
CA ASP C 93 0.26 25.65 -52.16
C ASP C 93 1.30 26.77 -52.37
N GLY C 94 2.47 26.55 -53.02
CA GLY C 94 3.53 27.60 -52.98
C GLY C 94 4.25 28.15 -51.67
N LYS C 95 3.93 27.92 -50.42
CA LYS C 95 4.51 28.41 -49.22
C LYS C 95 5.19 27.37 -48.38
N GLU C 96 6.37 27.76 -47.93
CA GLU C 96 7.27 26.94 -47.14
C GLU C 96 6.94 26.92 -45.68
N TYR C 97 6.98 25.72 -45.08
CA TYR C 97 6.63 25.60 -43.67
C TYR C 97 7.77 24.94 -42.93
N HIS C 98 7.91 25.35 -41.67
CA HIS C 98 8.97 24.88 -40.77
C HIS C 98 8.48 24.25 -39.48
N LEU C 99 8.90 23.01 -39.23
CA LEU C 99 8.49 22.36 -38.04
C LEU C 99 9.64 22.29 -37.05
N ALA C 100 9.33 21.70 -35.90
CA ALA C 100 10.31 21.53 -34.84
C ALA C 100 11.21 20.36 -35.16
N ILE C 101 12.51 20.55 -34.94
CA ILE C 101 13.40 19.44 -35.17
C ILE C 101 13.50 18.74 -33.86
N ASN C 102 12.60 17.81 -33.67
CA ASN C 102 12.57 17.12 -32.42
C ASN C 102 13.28 15.83 -32.58
N LYS C 103 13.77 15.63 -33.78
CA LYS C 103 14.51 14.43 -34.08
C LYS C 103 15.50 14.67 -35.20
N GLU C 104 16.46 15.57 -34.94
CA GLU C 104 17.52 15.95 -35.88
C GLU C 104 17.85 14.85 -36.88
N PRO C 105 17.94 15.12 -38.17
CA PRO C 105 17.70 16.46 -38.73
C PRO C 105 16.24 16.63 -39.14
N ASN C 106 15.36 15.80 -38.59
CA ASN C 106 13.98 15.89 -38.97
C ASN C 106 13.07 16.17 -37.81
N SER C 107 11.82 16.24 -38.22
CA SER C 107 10.68 16.41 -37.41
C SER C 107 9.97 15.05 -37.38
N LEU C 108 9.56 14.64 -36.17
CA LEU C 108 8.89 13.38 -35.90
C LEU C 108 7.59 13.44 -35.08
N HIS C 109 6.63 12.63 -35.50
CA HIS C 109 5.36 12.49 -34.87
C HIS C 109 4.69 13.76 -34.36
N GLY C 110 4.54 14.74 -35.23
CA GLY C 110 3.83 15.94 -34.83
C GLY C 110 4.56 17.06 -34.12
N GLY C 111 5.86 16.93 -33.83
CA GLY C 111 6.55 18.02 -33.17
C GLY C 111 6.73 17.84 -31.69
N VAL C 112 6.95 18.96 -31.01
CA VAL C 112 7.21 18.92 -29.58
C VAL C 112 6.06 18.39 -28.78
N ARG C 113 4.95 19.06 -29.01
CA ARG C 113 3.72 18.73 -28.35
C ARG C 113 2.68 18.26 -29.38
N GLY C 114 2.84 16.96 -29.73
CA GLY C 114 2.04 16.21 -30.68
C GLY C 114 0.67 15.91 -30.12
N PHE C 115 -0.13 15.18 -30.90
CA PHE C 115 -1.50 14.89 -30.47
C PHE C 115 -1.51 13.94 -29.29
N ASP C 116 -0.42 13.18 -29.18
CA ASP C 116 -0.30 12.19 -28.11
C ASP C 116 -0.12 12.85 -26.75
N LYS C 117 0.27 14.12 -26.76
CA LYS C 117 0.49 14.82 -25.54
C LYS C 117 -0.37 16.02 -25.29
N VAL C 118 -1.63 15.82 -25.57
CA VAL C 118 -2.61 16.84 -25.29
C VAL C 118 -3.83 16.13 -24.78
N LEU C 119 -4.65 16.87 -24.08
CA LEU C 119 -5.82 16.32 -23.48
C LEU C 119 -6.95 16.49 -24.46
N TRP C 120 -7.69 15.40 -24.76
CA TRP C 120 -8.80 15.46 -25.69
C TRP C 120 -10.11 15.45 -24.89
N THR C 121 -11.22 15.88 -25.53
CA THR C 121 -12.55 15.87 -24.94
C THR C 121 -13.24 14.56 -25.34
N PRO C 122 -13.68 13.81 -24.37
CA PRO C 122 -14.29 12.52 -24.65
C PRO C 122 -15.80 12.56 -24.67
N ARG C 123 -16.40 11.69 -25.42
CA ARG C 123 -17.85 11.58 -25.52
C ARG C 123 -18.15 10.10 -25.50
N VAL C 124 -18.92 9.65 -24.54
CA VAL C 124 -19.20 8.24 -24.48
C VAL C 124 -20.27 7.81 -25.47
N LEU C 125 -20.02 6.71 -26.14
CA LEU C 125 -20.91 6.12 -27.12
C LEU C 125 -21.53 4.88 -26.52
N SER C 126 -22.46 4.26 -27.20
CA SER C 126 -23.09 3.09 -26.65
C SER C 126 -22.15 1.95 -26.56
N ASN C 127 -21.29 1.80 -27.52
CA ASN C 127 -20.30 0.73 -27.48
C ASN C 127 -18.86 1.22 -27.70
N GLY C 128 -18.51 2.39 -27.13
CA GLY C 128 -17.17 2.92 -27.31
C GLY C 128 -17.06 4.37 -26.86
N VAL C 129 -16.01 5.06 -27.30
CA VAL C 129 -15.78 6.44 -26.86
C VAL C 129 -15.17 7.18 -27.99
N GLN C 130 -15.50 8.45 -27.98
CA GLN C 130 -15.07 9.36 -29.00
C GLN C 130 -14.40 10.57 -28.41
N PHE C 131 -13.23 10.78 -28.95
CA PHE C 131 -12.45 11.91 -28.52
C PHE C 131 -12.37 12.93 -29.62
N SER C 132 -12.37 14.20 -29.20
CA SER C 132 -12.29 15.29 -30.14
C SER C 132 -11.38 16.35 -29.59
N ARG C 133 -10.83 17.05 -30.52
CA ARG C 133 -9.96 18.12 -30.13
C ARG C 133 -9.83 19.07 -31.31
N ILE C 134 -9.36 20.29 -31.03
CA ILE C 134 -9.13 21.29 -32.05
C ILE C 134 -7.66 21.66 -32.06
N SER C 135 -7.00 21.47 -33.19
CA SER C 135 -5.60 21.82 -33.26
C SER C 135 -5.56 23.14 -34.01
N PRO C 136 -5.15 24.18 -33.32
CA PRO C 136 -5.08 25.51 -33.88
C PRO C 136 -4.15 25.73 -35.08
N ASP C 137 -4.39 26.79 -35.82
CA ASP C 137 -3.57 27.12 -36.96
C ASP C 137 -2.18 27.47 -36.47
N GLY C 138 -1.21 26.83 -37.08
CA GLY C 138 0.12 27.13 -36.69
C GLY C 138 0.57 26.23 -35.59
N GLU C 139 -0.32 25.38 -35.08
CA GLU C 139 0.09 24.47 -34.02
C GLU C 139 1.22 23.59 -34.53
N GLU C 140 2.32 23.62 -33.81
CA GLU C 140 3.50 22.85 -34.13
C GLU C 140 4.08 23.18 -35.47
N GLY C 141 3.62 24.29 -36.04
CA GLY C 141 4.14 24.78 -37.29
C GLY C 141 3.28 24.46 -38.46
N TYR C 142 2.22 23.74 -38.21
CA TYR C 142 1.27 23.34 -39.26
C TYR C 142 0.26 24.44 -39.54
N PRO C 143 -0.08 24.59 -40.82
CA PRO C 143 -1.04 25.61 -41.25
C PRO C 143 -2.44 25.14 -41.06
N GLY C 144 -3.25 26.05 -40.58
CA GLY C 144 -4.64 25.75 -40.41
C GLY C 144 -5.11 25.08 -39.14
N GLU C 145 -6.35 25.42 -38.91
CA GLU C 145 -7.01 24.85 -37.80
C GLU C 145 -7.50 23.45 -38.22
N LEU C 146 -7.21 22.45 -37.39
CA LEU C 146 -7.61 21.08 -37.64
C LEU C 146 -8.58 20.53 -36.60
N LYS C 147 -9.72 20.08 -37.04
CA LYS C 147 -10.64 19.50 -36.08
C LYS C 147 -10.60 17.98 -36.25
N VAL C 148 -10.37 17.33 -35.14
CA VAL C 148 -10.24 15.92 -35.13
C VAL C 148 -11.12 15.17 -34.16
N TRP C 149 -11.48 13.99 -34.64
CA TRP C 149 -12.27 13.06 -33.89
C TRP C 149 -11.68 11.69 -34.01
N VAL C 150 -11.42 11.06 -32.87
CA VAL C 150 -10.92 9.71 -32.77
C VAL C 150 -12.00 8.90 -32.09
N THR C 151 -12.45 7.88 -32.81
CA THR C 151 -13.52 7.03 -32.29
C THR C 151 -13.11 5.59 -32.05
N TYR C 152 -13.28 5.20 -30.82
CA TYR C 152 -12.96 3.81 -30.54
C TYR C 152 -14.22 3.02 -30.23
N THR C 153 -14.42 1.90 -30.90
CA THR C 153 -15.56 1.02 -30.60
C THR C 153 -15.12 -0.44 -30.55
N LEU C 154 -15.86 -1.16 -29.72
CA LEU C 154 -15.62 -2.57 -29.44
C LEU C 154 -16.83 -3.48 -29.63
N ASP C 155 -16.61 -4.50 -30.43
CA ASP C 155 -17.63 -5.50 -30.66
C ASP C 155 -16.99 -6.86 -30.68
N GLY C 156 -17.24 -7.59 -29.65
CA GLY C 156 -16.66 -8.90 -29.59
C GLY C 156 -15.16 -8.75 -29.37
N GLY C 157 -14.39 -9.35 -30.28
CA GLY C 157 -12.93 -9.31 -30.20
C GLY C 157 -12.33 -8.35 -31.22
N GLU C 158 -13.22 -7.51 -31.76
CA GLU C 158 -12.80 -6.54 -32.74
C GLU C 158 -12.86 -5.13 -32.22
N LEU C 159 -11.70 -4.49 -32.23
CA LEU C 159 -11.57 -3.09 -31.76
C LEU C 159 -11.46 -2.22 -32.98
N ILE C 160 -12.33 -1.25 -33.06
CA ILE C 160 -12.30 -0.37 -34.22
C ILE C 160 -11.91 1.08 -33.91
N VAL C 161 -10.96 1.60 -34.71
CA VAL C 161 -10.50 2.97 -34.52
C VAL C 161 -10.71 3.79 -35.73
N ASN C 162 -11.54 4.79 -35.60
CA ASN C 162 -11.70 5.63 -36.78
C ASN C 162 -11.24 7.03 -36.48
N TYR C 163 -10.65 7.64 -37.49
CA TYR C 163 -10.12 8.98 -37.44
C TYR C 163 -10.73 9.86 -38.49
N ARG C 164 -11.34 10.96 -38.04
CA ARG C 164 -11.93 11.94 -38.90
C ARG C 164 -11.34 13.33 -38.59
N ALA C 165 -11.04 14.05 -39.66
CA ALA C 165 -10.52 15.39 -39.54
C ALA C 165 -11.00 16.29 -40.69
N GLN C 166 -11.06 17.58 -40.34
CA GLN C 166 -11.39 18.70 -41.22
C GLN C 166 -10.41 19.85 -40.98
N ALA C 167 -9.90 20.45 -42.05
CA ALA C 167 -8.93 21.55 -42.02
C ALA C 167 -9.49 22.88 -42.50
N SER C 168 -9.07 23.98 -41.85
CA SER C 168 -9.53 25.29 -42.25
C SER C 168 -8.72 25.80 -43.39
N GLN C 169 -7.59 25.20 -43.62
CA GLN C 169 -6.69 25.53 -44.71
C GLN C 169 -5.95 24.27 -45.16
N ALA C 170 -5.46 24.19 -46.39
CA ALA C 170 -4.78 22.95 -46.79
C ALA C 170 -3.59 22.63 -45.90
N THR C 171 -3.52 21.39 -45.41
CA THR C 171 -2.45 20.94 -44.52
C THR C 171 -2.26 19.43 -44.59
N PRO C 172 -1.07 18.95 -44.35
CA PRO C 172 -0.88 17.49 -44.35
C PRO C 172 -1.48 16.89 -43.09
N VAL C 173 -1.98 15.66 -43.18
CA VAL C 173 -2.61 14.98 -42.05
C VAL C 173 -2.35 13.50 -42.11
N ASN C 174 -1.93 12.92 -41.00
CA ASN C 174 -1.69 11.53 -41.10
C ASN C 174 -1.57 10.99 -39.70
N LEU C 175 -2.70 10.45 -39.31
CA LEU C 175 -2.93 9.95 -37.98
C LEU C 175 -2.91 8.46 -37.88
N THR C 176 -2.38 8.02 -36.75
CA THR C 176 -2.34 6.61 -36.48
C THR C 176 -2.27 6.43 -34.97
N ASN C 177 -2.18 5.17 -34.57
CA ASN C 177 -2.13 4.83 -33.16
C ASN C 177 -0.82 4.08 -32.87
N HIS C 178 -0.13 4.48 -31.81
CA HIS C 178 1.17 3.90 -31.51
C HIS C 178 1.18 2.86 -30.41
N SER C 179 0.23 1.98 -30.42
CA SER C 179 0.21 0.94 -29.42
C SER C 179 1.32 -0.05 -29.65
N TYR C 180 2.00 -0.44 -28.57
CA TYR C 180 3.03 -1.44 -28.67
C TYR C 180 2.38 -2.74 -28.24
N PHE C 181 2.43 -3.79 -29.06
CA PHE C 181 1.80 -5.07 -28.67
C PHE C 181 2.79 -6.21 -28.34
N ASN C 182 2.28 -7.23 -27.65
CA ASN C 182 3.06 -8.42 -27.37
C ASN C 182 2.04 -9.46 -26.97
N LEU C 183 1.67 -10.28 -27.95
CA LEU C 183 0.66 -11.30 -27.84
C LEU C 183 0.91 -12.31 -26.77
N ALA C 184 2.13 -12.39 -26.32
CA ALA C 184 2.42 -13.33 -25.26
C ALA C 184 2.20 -12.66 -23.94
N GLY C 185 1.71 -11.44 -23.98
CA GLY C 185 1.46 -10.68 -22.76
C GLY C 185 2.47 -9.56 -22.68
N GLN C 186 2.02 -8.43 -22.15
CA GLN C 186 2.83 -7.22 -22.04
C GLN C 186 4.16 -7.46 -21.31
N ALA C 187 4.14 -8.45 -20.39
CA ALA C 187 5.29 -8.80 -19.58
C ALA C 187 6.28 -9.71 -20.26
N SER C 188 5.99 -10.21 -21.45
CA SER C 188 7.03 -11.03 -22.05
C SER C 188 8.18 -10.13 -22.43
N PRO C 189 9.33 -10.67 -22.39
CA PRO C 189 10.53 -9.94 -22.72
C PRO C 189 10.69 -9.70 -24.23
N ASN C 190 10.10 -10.55 -25.09
CA ASN C 190 10.28 -10.34 -26.53
C ASN C 190 9.17 -10.86 -27.39
N ILE C 191 9.33 -10.63 -28.70
CA ILE C 191 8.37 -11.01 -29.71
C ILE C 191 8.91 -11.94 -30.78
N ASN C 192 10.05 -12.53 -30.50
CA ASN C 192 10.72 -13.40 -31.45
C ASN C 192 9.88 -14.58 -31.85
N ASP C 193 9.08 -15.04 -30.90
CA ASP C 193 8.21 -16.17 -31.14
C ASP C 193 6.93 -15.80 -31.86
N HIS C 194 6.84 -14.54 -32.30
CA HIS C 194 5.63 -14.11 -33.00
C HIS C 194 5.66 -14.45 -34.48
N GLU C 195 4.49 -14.80 -34.98
CA GLU C 195 4.45 -15.13 -36.38
C GLU C 195 3.70 -13.99 -37.09
N VAL C 196 4.40 -13.35 -38.02
CA VAL C 196 3.89 -12.21 -38.75
C VAL C 196 3.71 -12.42 -40.25
N THR C 197 2.67 -11.78 -40.73
CA THR C 197 2.35 -11.75 -42.12
C THR C 197 1.87 -10.36 -42.43
N ILE C 198 2.44 -9.81 -43.48
CA ILE C 198 2.04 -8.47 -43.91
C ILE C 198 1.73 -8.55 -45.37
N GLU C 199 0.51 -8.19 -45.77
CA GLU C 199 0.16 -8.24 -47.18
C GLU C 199 0.70 -7.02 -47.94
N ALA C 200 1.99 -7.02 -48.23
CA ALA C 200 2.58 -5.89 -48.93
C ALA C 200 3.54 -6.35 -49.98
N ASP C 201 3.43 -5.83 -51.19
CA ASP C 201 4.32 -6.24 -52.27
C ASP C 201 5.63 -5.47 -52.34
N THR C 202 5.51 -4.22 -51.85
CA THR C 202 6.56 -3.22 -51.81
C THR C 202 6.69 -2.62 -50.42
N TYR C 203 7.82 -2.01 -50.21
CA TYR C 203 8.12 -1.39 -48.95
C TYR C 203 8.93 -0.17 -49.32
N LEU C 204 9.19 0.71 -48.35
CA LEU C 204 9.98 1.89 -48.64
C LEU C 204 11.28 1.80 -47.92
N PRO C 205 12.39 1.66 -48.67
CA PRO C 205 13.69 1.63 -48.05
C PRO C 205 13.98 3.06 -47.54
N VAL C 206 14.77 3.20 -46.49
CA VAL C 206 15.04 4.53 -45.97
C VAL C 206 16.50 4.88 -45.93
N ASP C 207 16.80 6.16 -45.71
CA ASP C 207 18.17 6.64 -45.63
C ASP C 207 18.68 6.62 -44.20
N GLU C 208 19.80 7.25 -44.04
CA GLU C 208 20.53 7.38 -42.81
C GLU C 208 19.74 8.10 -41.70
N THR C 209 18.81 8.95 -42.09
CA THR C 209 18.02 9.63 -41.08
C THR C 209 16.63 9.06 -40.96
N LEU C 210 16.46 7.93 -41.62
CA LEU C 210 15.21 7.19 -41.55
C LEU C 210 14.13 7.79 -42.44
N ILE C 211 14.56 8.46 -43.50
CA ILE C 211 13.62 9.07 -44.38
C ILE C 211 13.62 8.23 -45.63
N PRO C 212 12.43 7.95 -46.11
CA PRO C 212 12.35 7.14 -47.29
C PRO C 212 13.21 7.72 -48.42
N THR C 213 13.91 6.84 -49.10
CA THR C 213 14.75 7.26 -50.20
C THR C 213 13.94 7.66 -51.38
N GLY C 214 12.70 7.29 -51.36
CA GLY C 214 11.86 7.65 -52.49
C GLY C 214 11.53 6.43 -53.31
N GLU C 215 12.29 5.38 -53.08
CA GLU C 215 12.06 4.17 -53.80
C GLU C 215 10.95 3.32 -53.23
N VAL C 216 10.17 2.74 -54.15
CA VAL C 216 9.09 1.83 -53.79
C VAL C 216 9.62 0.48 -54.24
N ALA C 217 10.38 -0.13 -53.35
CA ALA C 217 11.03 -1.39 -53.61
C ALA C 217 10.13 -2.60 -53.33
N PRO C 218 10.28 -3.55 -54.23
CA PRO C 218 9.58 -4.81 -54.20
C PRO C 218 10.15 -5.62 -53.06
N VAL C 219 9.33 -6.45 -52.41
CA VAL C 219 9.85 -7.18 -51.28
C VAL C 219 10.44 -8.55 -51.59
N GLN C 220 10.20 -9.01 -52.82
CA GLN C 220 10.64 -10.32 -53.25
C GLN C 220 12.11 -10.52 -53.13
N GLY C 221 12.46 -11.65 -52.55
CA GLY C 221 13.82 -12.07 -52.34
C GLY C 221 14.50 -11.20 -51.29
N THR C 222 13.69 -10.34 -50.69
CA THR C 222 14.15 -9.42 -49.69
C THR C 222 13.73 -9.87 -48.30
N ALA C 223 14.36 -9.28 -47.29
CA ALA C 223 14.09 -9.60 -45.91
C ALA C 223 12.78 -9.00 -45.45
N PHE C 224 12.24 -8.17 -46.33
CA PHE C 224 10.98 -7.46 -46.18
C PHE C 224 9.77 -8.24 -46.69
N ASP C 225 10.01 -9.38 -47.36
CA ASP C 225 8.89 -10.20 -47.82
C ASP C 225 8.20 -10.97 -46.70
N LEU C 226 7.09 -10.43 -46.19
CA LEU C 226 6.32 -11.04 -45.12
C LEU C 226 4.95 -11.49 -45.59
N ARG C 227 4.88 -11.76 -46.87
CA ARG C 227 3.64 -12.18 -47.46
C ARG C 227 3.19 -13.52 -46.94
N LYS C 228 4.16 -14.33 -46.56
CA LYS C 228 3.86 -15.61 -45.97
C LYS C 228 4.35 -15.57 -44.55
N PRO C 229 3.59 -16.12 -43.62
CA PRO C 229 3.92 -16.12 -42.21
C PRO C 229 5.34 -16.49 -41.94
N VAL C 230 5.91 -15.71 -41.04
CA VAL C 230 7.30 -15.92 -40.63
C VAL C 230 7.45 -15.72 -39.15
N GLU C 231 8.32 -16.53 -38.58
CA GLU C 231 8.55 -16.37 -37.19
C GLU C 231 9.54 -15.26 -37.09
N LEU C 232 9.16 -14.21 -36.39
CA LEU C 232 10.01 -13.05 -36.25
C LEU C 232 11.47 -13.34 -35.99
N GLY C 233 11.73 -14.08 -34.92
CA GLY C 233 13.10 -14.44 -34.54
C GLY C 233 13.89 -15.03 -35.70
N LYS C 234 13.56 -16.25 -36.04
CA LYS C 234 14.25 -16.91 -37.15
C LYS C 234 14.59 -15.92 -38.25
N HIS C 235 13.54 -15.16 -38.61
CA HIS C 235 13.58 -14.21 -39.69
C HIS C 235 14.65 -13.17 -39.57
N LEU C 236 14.60 -12.47 -38.44
CA LEU C 236 15.58 -11.43 -38.17
C LEU C 236 16.98 -12.01 -38.24
N GLN C 237 17.10 -13.21 -37.68
CA GLN C 237 18.39 -13.88 -37.71
C GLN C 237 18.80 -14.26 -39.14
N ASP C 238 17.97 -15.06 -39.78
CA ASP C 238 18.27 -15.48 -41.14
C ASP C 238 18.72 -14.32 -42.03
N PHE C 239 18.14 -13.14 -41.83
CA PHE C 239 18.50 -12.05 -42.68
C PHE C 239 19.40 -11.04 -42.03
N HIS C 240 19.96 -11.38 -40.89
CA HIS C 240 20.83 -10.41 -40.25
C HIS C 240 20.24 -9.02 -40.14
N LEU C 241 19.05 -8.98 -39.61
CA LEU C 241 18.35 -7.72 -39.42
C LEU C 241 18.17 -7.46 -37.96
N ASN C 242 18.30 -6.22 -37.61
CA ASN C 242 18.20 -5.83 -36.23
C ASN C 242 16.75 -5.60 -35.79
N GLY C 243 15.87 -5.56 -36.77
CA GLY C 243 14.48 -5.36 -36.47
C GLY C 243 13.89 -4.65 -37.64
N PHE C 244 12.65 -4.23 -37.49
CA PHE C 244 11.98 -3.48 -38.55
C PHE C 244 11.58 -2.13 -38.03
N ASP C 245 11.53 -1.17 -38.97
CA ASP C 245 11.09 0.19 -38.78
C ASP C 245 10.88 0.77 -40.14
N HIS C 246 9.92 0.20 -40.84
CA HIS C 246 9.68 0.55 -42.21
C HIS C 246 8.23 0.54 -42.53
N ASN C 247 7.90 1.25 -43.56
CA ASN C 247 6.57 1.35 -44.01
C ASN C 247 6.33 0.31 -45.10
N PHE C 248 5.31 -0.50 -44.89
CA PHE C 248 4.95 -1.47 -45.91
C PHE C 248 3.79 -0.89 -46.67
N CYS C 249 3.89 -1.12 -47.97
CA CYS C 249 2.94 -0.66 -48.97
C CYS C 249 1.77 -1.59 -49.14
N LEU C 250 0.65 -1.13 -48.62
CA LEU C 250 -0.58 -1.87 -48.65
C LEU C 250 -1.21 -1.66 -50.00
N LYS C 251 -1.69 -2.78 -50.54
CA LYS C 251 -2.35 -2.82 -51.82
C LYS C 251 -3.71 -2.27 -51.53
N GLY C 252 -3.77 -0.97 -51.35
CA GLY C 252 -5.07 -0.50 -50.99
C GLY C 252 -5.70 0.65 -51.75
N SER C 253 -7.02 0.47 -51.74
CA SER C 253 -8.05 1.35 -52.21
C SER C 253 -8.42 1.98 -50.89
N LYS C 254 -9.43 2.78 -50.86
CA LYS C 254 -9.73 3.34 -49.57
C LYS C 254 -10.52 2.29 -48.83
N GLU C 255 -10.98 1.35 -49.60
CA GLU C 255 -11.76 0.27 -49.04
C GLU C 255 -11.02 -0.55 -47.99
N LYS C 256 -11.75 -1.03 -47.00
CA LYS C 256 -11.11 -1.81 -45.98
C LYS C 256 -10.26 -2.90 -46.62
N HIS C 257 -9.06 -3.07 -46.13
CA HIS C 257 -8.28 -4.11 -46.71
C HIS C 257 -7.39 -4.76 -45.67
N PHE C 258 -7.08 -6.03 -45.92
CA PHE C 258 -6.25 -6.82 -45.03
C PHE C 258 -4.85 -6.21 -44.83
N CYS C 259 -4.43 -6.09 -43.59
CA CYS C 259 -3.14 -5.47 -43.43
C CYS C 259 -2.06 -6.44 -43.00
N ALA C 260 -2.30 -7.06 -41.83
CA ALA C 260 -1.37 -7.99 -41.29
C ALA C 260 -2.04 -8.96 -40.35
N ARG C 261 -1.30 -10.01 -40.05
CA ARG C 261 -1.76 -11.02 -39.12
C ARG C 261 -0.57 -11.40 -38.25
N VAL C 262 -0.76 -11.33 -36.95
CA VAL C 262 0.30 -11.71 -36.02
C VAL C 262 -0.14 -12.89 -35.23
N HIS C 263 0.71 -13.91 -35.18
CA HIS C 263 0.28 -15.11 -34.50
C HIS C 263 1.22 -15.59 -33.44
N HIS C 264 0.65 -15.86 -32.28
CA HIS C 264 1.35 -16.40 -31.14
C HIS C 264 0.76 -17.75 -30.78
N ALA C 265 1.46 -18.71 -31.32
CA ALA C 265 1.11 -20.10 -31.21
C ALA C 265 0.98 -20.70 -29.81
N ALA C 266 1.86 -20.25 -28.94
CA ALA C 266 1.93 -20.74 -27.58
C ALA C 266 0.66 -20.46 -26.78
N SER C 267 0.09 -19.29 -27.07
CA SER C 267 -1.09 -18.80 -26.40
C SER C 267 -2.22 -18.97 -27.35
N GLY C 268 -1.84 -19.14 -28.60
CA GLY C 268 -2.88 -19.30 -29.60
C GLY C 268 -3.54 -17.95 -29.95
N ARG C 269 -2.99 -16.84 -29.43
CA ARG C 269 -3.54 -15.53 -29.74
C ARG C 269 -3.22 -15.08 -31.17
N VAL C 270 -4.17 -14.41 -31.78
CA VAL C 270 -4.05 -13.94 -33.14
C VAL C 270 -4.63 -12.57 -33.25
N LEU C 271 -3.83 -11.71 -33.83
CA LEU C 271 -4.19 -10.33 -34.03
C LEU C 271 -4.16 -10.12 -35.52
N GLU C 272 -5.33 -9.80 -36.12
CA GLU C 272 -5.50 -9.52 -37.55
C GLU C 272 -5.82 -8.05 -37.66
N VAL C 273 -5.21 -7.40 -38.64
CA VAL C 273 -5.43 -5.99 -38.79
C VAL C 273 -5.86 -5.64 -40.19
N TYR C 274 -6.93 -4.83 -40.26
CA TYR C 274 -7.49 -4.33 -41.49
C TYR C 274 -7.47 -2.82 -41.47
N THR C 275 -7.36 -2.20 -42.64
CA THR C 275 -7.30 -0.76 -42.66
C THR C 275 -7.66 -0.18 -44.02
N THR C 276 -7.95 1.12 -43.99
CA THR C 276 -8.24 1.87 -45.17
C THR C 276 -6.97 2.64 -45.56
N GLN C 277 -5.92 2.58 -44.71
CA GLN C 277 -4.66 3.28 -44.96
C GLN C 277 -3.85 2.61 -46.00
N PRO C 278 -3.04 3.41 -46.68
CA PRO C 278 -2.16 3.01 -47.78
C PRO C 278 -0.92 2.32 -47.28
N GLY C 279 -0.68 2.40 -45.99
CA GLY C 279 0.51 1.75 -45.51
C GLY C 279 0.49 1.44 -44.05
N VAL C 280 1.52 0.77 -43.59
CA VAL C 280 1.57 0.47 -42.18
C VAL C 280 3.02 0.54 -41.78
N GLN C 281 3.26 1.12 -40.62
CA GLN C 281 4.62 1.16 -40.16
C GLN C 281 4.76 -0.04 -39.27
N PHE C 282 5.78 -0.79 -39.53
CA PHE C 282 6.02 -1.97 -38.73
C PHE C 282 7.31 -1.70 -37.99
N TYR C 283 7.24 -1.55 -36.69
CA TYR C 283 8.38 -1.20 -35.87
C TYR C 283 8.52 -2.14 -34.70
N THR C 284 9.65 -2.83 -34.68
CA THR C 284 9.91 -3.86 -33.66
C THR C 284 10.51 -3.38 -32.34
N GLY C 285 10.12 -2.18 -31.89
CA GLY C 285 10.56 -1.61 -30.61
C GLY C 285 12.05 -1.73 -30.42
N ASN C 286 12.74 -1.44 -31.51
CA ASN C 286 14.19 -1.47 -31.58
C ASN C 286 14.84 -0.46 -30.65
N PHE C 287 14.17 0.66 -30.38
CA PHE C 287 14.72 1.66 -29.52
C PHE C 287 14.45 1.51 -28.05
N LEU C 288 13.65 0.54 -27.65
CA LEU C 288 13.43 0.45 -26.23
C LEU C 288 14.72 -0.03 -25.65
N ASP C 289 15.04 0.45 -24.47
CA ASP C 289 16.28 0.11 -23.83
C ASP C 289 16.18 -0.47 -22.45
N GLY C 290 15.02 -1.01 -22.12
CA GLY C 290 14.80 -1.62 -20.80
C GLY C 290 14.92 -0.64 -19.64
N THR C 291 14.69 0.63 -19.83
CA THR C 291 14.79 1.48 -18.66
C THR C 291 13.44 2.09 -18.26
N LEU C 292 12.35 1.52 -18.77
CA LEU C 292 11.04 2.04 -18.43
C LEU C 292 10.27 1.14 -17.48
N LYS C 293 9.62 1.82 -16.55
CA LYS C 293 8.80 1.34 -15.46
C LYS C 293 7.38 1.04 -15.94
N GLY C 294 7.19 -0.11 -16.58
CA GLY C 294 5.89 -0.49 -17.11
C GLY C 294 4.92 -1.02 -16.07
N LYS C 295 3.88 -1.64 -16.59
CA LYS C 295 2.81 -2.24 -15.84
C LYS C 295 3.28 -3.51 -15.16
N ASN C 296 2.74 -3.76 -13.96
CA ASN C 296 3.12 -4.93 -13.20
C ASN C 296 4.65 -5.07 -13.14
N GLY C 297 5.31 -3.99 -12.73
CA GLY C 297 6.75 -4.01 -12.62
C GLY C 297 7.49 -4.44 -13.88
N ALA C 298 6.77 -4.41 -15.00
CA ALA C 298 7.38 -4.75 -16.27
C ALA C 298 8.37 -3.69 -16.71
N VAL C 299 9.48 -4.16 -17.24
CA VAL C 299 10.55 -3.30 -17.74
C VAL C 299 10.67 -3.57 -19.21
N TYR C 300 10.61 -2.53 -20.04
CA TYR C 300 10.59 -2.83 -21.45
C TYR C 300 11.88 -2.78 -22.19
N PRO C 301 12.39 -3.94 -22.43
CA PRO C 301 13.63 -4.02 -23.15
C PRO C 301 13.35 -3.98 -24.63
N LYS C 302 14.40 -3.78 -25.41
CA LYS C 302 14.32 -3.81 -26.85
C LYS C 302 13.52 -5.01 -27.35
N HIS C 303 12.70 -4.84 -28.40
CA HIS C 303 11.93 -5.92 -28.96
C HIS C 303 10.81 -6.45 -28.06
N SER C 304 10.62 -5.79 -26.94
CA SER C 304 9.60 -6.24 -26.04
C SER C 304 8.18 -6.05 -26.58
N GLY C 305 8.12 -5.25 -27.67
CA GLY C 305 6.84 -4.92 -28.31
C GLY C 305 6.93 -4.42 -29.76
N PHE C 306 5.90 -4.67 -30.55
CA PHE C 306 5.92 -4.19 -31.92
C PHE C 306 4.72 -3.26 -32.03
N CYS C 307 4.72 -2.48 -33.11
CA CYS C 307 3.70 -1.53 -33.45
C CYS C 307 3.31 -1.71 -34.89
N LEU C 308 2.02 -1.52 -35.16
CA LEU C 308 1.51 -1.60 -36.55
C LEU C 308 0.74 -0.31 -36.75
N GLU C 309 1.45 0.71 -37.23
CA GLU C 309 0.86 2.02 -37.45
C GLU C 309 0.34 2.13 -38.84
N THR C 310 -0.94 1.98 -38.92
CA THR C 310 -1.56 2.09 -40.24
C THR C 310 -1.48 3.55 -40.51
N GLN C 311 -1.03 3.90 -41.71
CA GLN C 311 -0.84 5.28 -42.00
C GLN C 311 -0.58 5.55 -43.46
N ASN C 312 -0.35 6.82 -43.75
CA ASN C 312 0.02 7.21 -45.06
C ASN C 312 1.55 7.14 -45.02
N TRP C 313 2.22 6.88 -46.13
CA TRP C 313 3.67 6.75 -46.13
C TRP C 313 4.45 7.93 -45.56
N PRO C 314 5.58 7.63 -44.94
CA PRO C 314 6.45 8.64 -44.38
C PRO C 314 6.97 9.64 -45.40
N ASP C 315 7.05 10.88 -44.91
CA ASP C 315 7.53 11.96 -45.72
C ASP C 315 6.75 12.22 -47.00
N ALA C 316 5.51 11.67 -47.11
CA ALA C 316 4.67 11.87 -48.31
C ALA C 316 4.61 13.34 -48.79
N VAL C 317 4.45 14.29 -47.86
CA VAL C 317 4.39 15.69 -48.22
C VAL C 317 5.53 16.16 -49.06
N ASN C 318 6.63 15.42 -49.05
CA ASN C 318 7.74 15.87 -49.84
C ASN C 318 8.03 14.89 -50.96
N GLN C 319 7.23 13.84 -51.05
CA GLN C 319 7.46 12.84 -52.09
C GLN C 319 6.23 12.72 -52.96
N PRO C 320 6.25 13.46 -54.04
CA PRO C 320 5.13 13.47 -54.97
C PRO C 320 4.68 12.11 -55.49
N ARG C 321 5.55 11.15 -55.60
CA ARG C 321 4.98 9.91 -56.07
C ARG C 321 4.17 9.20 -55.00
N PHE C 322 4.33 9.59 -53.75
CA PHE C 322 3.62 8.96 -52.64
C PHE C 322 2.12 9.28 -52.64
N PRO C 323 1.34 8.54 -51.85
CA PRO C 323 -0.08 8.86 -51.81
C PRO C 323 -0.22 10.23 -51.20
N PRO C 324 -1.16 10.98 -51.70
CA PRO C 324 -1.39 12.32 -51.21
C PRO C 324 -1.71 12.36 -49.74
N VAL C 325 -1.14 13.35 -49.03
CA VAL C 325 -1.38 13.55 -47.61
C VAL C 325 -2.06 14.87 -47.36
N LEU C 326 -2.33 15.67 -48.38
CA LEU C 326 -2.96 16.94 -48.07
C LEU C 326 -4.46 16.88 -47.87
N LEU C 327 -4.91 17.54 -46.82
CA LEU C 327 -6.32 17.63 -46.53
C LEU C 327 -6.63 19.08 -46.77
N ARG C 328 -7.61 19.33 -47.62
CA ARG C 328 -8.03 20.67 -47.95
C ARG C 328 -9.37 21.05 -47.31
N PRO C 329 -9.65 22.33 -47.19
CA PRO C 329 -10.94 22.68 -46.62
C PRO C 329 -11.89 22.13 -47.62
N GLY C 330 -13.06 21.71 -47.17
CA GLY C 330 -13.97 21.12 -48.12
C GLY C 330 -13.96 19.61 -48.04
N GLU C 331 -12.79 18.98 -47.94
CA GLU C 331 -12.76 17.53 -47.85
C GLU C 331 -12.66 17.02 -46.45
N GLU C 332 -12.85 15.72 -46.31
CA GLU C 332 -12.77 15.12 -45.01
C GLU C 332 -11.78 13.99 -44.99
N TYR C 333 -11.08 14.00 -43.88
CA TYR C 333 -10.13 12.99 -43.62
C TYR C 333 -10.87 11.93 -42.86
N ASP C 334 -10.77 10.71 -43.35
CA ASP C 334 -11.50 9.58 -42.76
C ASP C 334 -10.82 8.24 -42.99
N HIS C 335 -10.30 7.68 -41.91
CA HIS C 335 -9.60 6.43 -42.00
C HIS C 335 -9.93 5.53 -40.85
N THR C 336 -9.90 4.25 -41.12
CA THR C 336 -10.26 3.29 -40.10
C THR C 336 -9.38 2.09 -40.13
N THR C 337 -9.11 1.65 -38.90
CA THR C 337 -8.37 0.46 -38.67
C THR C 337 -9.11 -0.45 -37.71
N TRP C 338 -9.09 -1.74 -38.10
CA TRP C 338 -9.71 -2.85 -37.37
C TRP C 338 -8.69 -3.75 -36.71
N PHE C 339 -8.79 -3.90 -35.41
CA PHE C 339 -7.88 -4.75 -34.65
C PHE C 339 -8.72 -5.91 -34.18
N LYS C 340 -8.67 -7.00 -34.94
CA LYS C 340 -9.41 -8.24 -34.73
C LYS C 340 -8.59 -9.30 -34.03
N PHE C 341 -9.03 -9.57 -32.81
CA PHE C 341 -8.39 -10.53 -31.95
C PHE C 341 -9.08 -11.85 -32.00
N SER C 342 -8.32 -12.93 -31.99
CA SER C 342 -8.94 -14.20 -32.02
C SER C 342 -8.00 -15.23 -31.49
N VAL C 343 -8.42 -16.47 -31.62
CA VAL C 343 -7.66 -17.59 -31.14
C VAL C 343 -7.55 -18.65 -32.21
N ALA C 344 -6.34 -19.17 -32.34
CA ALA C 344 -6.08 -20.22 -33.31
C ALA C 344 -5.19 -21.28 -32.69
N MET D 3 33.89 -25.60 -14.60
CA MET D 3 33.61 -25.15 -13.25
C MET D 3 32.76 -23.88 -13.20
N ALA D 4 32.17 -23.63 -12.02
CA ALA D 4 31.27 -22.52 -11.79
C ALA D 4 31.86 -21.22 -11.32
N SER D 5 31.17 -20.20 -11.72
CA SER D 5 31.54 -18.86 -11.36
C SER D 5 30.39 -18.45 -10.47
N VAL D 6 30.65 -17.68 -9.45
CA VAL D 6 29.51 -17.35 -8.63
C VAL D 6 29.40 -15.85 -8.46
N THR D 7 28.25 -15.26 -8.73
CA THR D 7 28.13 -13.82 -8.53
C THR D 7 27.05 -13.49 -7.54
N ARG D 8 27.19 -12.36 -6.90
CA ARG D 8 26.17 -12.02 -5.94
C ARG D 8 25.68 -10.60 -6.04
N ALA D 9 24.43 -10.42 -5.66
CA ALA D 9 23.87 -9.13 -5.70
C ALA D 9 22.65 -9.05 -4.81
N VAL D 10 22.17 -7.84 -4.62
CA VAL D 10 20.99 -7.65 -3.82
C VAL D 10 19.76 -7.98 -4.64
N PHE D 11 18.87 -8.69 -3.99
CA PHE D 11 17.67 -9.07 -4.65
C PHE D 11 16.58 -8.28 -4.05
N GLY D 12 16.75 -7.88 -2.81
CA GLY D 12 15.66 -7.12 -2.21
C GLY D 12 15.71 -7.06 -0.71
N GLU D 13 14.78 -6.32 -0.17
CA GLU D 13 14.71 -6.10 1.28
C GLU D 13 13.42 -6.58 1.94
N LEU D 14 13.52 -7.35 3.01
CA LEU D 14 12.31 -7.82 3.67
C LEU D 14 11.59 -6.75 4.45
N PRO D 15 10.29 -6.83 4.34
CA PRO D 15 9.45 -5.89 5.04
C PRO D 15 9.71 -6.01 6.52
N SER D 16 9.32 -4.96 7.24
CA SER D 16 9.46 -4.90 8.70
C SER D 16 10.87 -5.12 9.18
N GLY D 17 11.78 -4.50 8.43
CA GLY D 17 13.18 -4.58 8.75
C GLY D 17 13.61 -6.03 8.86
N GLY D 18 12.95 -6.88 8.11
CA GLY D 18 13.32 -8.28 8.16
C GLY D 18 14.75 -8.53 7.66
N GLY D 19 15.32 -7.58 6.92
CA GLY D 19 16.68 -7.73 6.39
C GLY D 19 16.77 -7.79 4.85
N THR D 20 17.99 -7.78 4.36
CA THR D 20 18.25 -7.82 2.93
C THR D 20 18.41 -9.19 2.33
N VAL D 21 17.73 -9.39 1.20
CA VAL D 21 17.80 -10.64 0.47
C VAL D 21 18.74 -10.52 -0.68
N GLU D 22 19.57 -11.53 -0.82
CA GLU D 22 20.56 -11.50 -1.85
C GLU D 22 20.40 -12.61 -2.84
N LYS D 23 20.85 -12.29 -4.02
CA LYS D 23 20.80 -13.30 -5.05
C LYS D 23 22.22 -13.72 -5.46
N PHE D 24 22.41 -15.04 -5.54
CA PHE D 24 23.63 -15.68 -5.94
C PHE D 24 23.42 -16.38 -7.24
N GLN D 25 24.29 -16.09 -8.20
CA GLN D 25 24.14 -16.70 -9.48
C GLN D 25 25.25 -17.66 -9.72
N LEU D 26 24.90 -18.90 -10.03
CA LEU D 26 25.92 -19.87 -10.28
C LEU D 26 25.95 -20.14 -11.75
N GLN D 27 27.13 -20.04 -12.34
CA GLN D 27 27.17 -20.29 -13.77
C GLN D 27 28.28 -21.19 -14.18
N SER D 28 27.91 -22.12 -15.03
CA SER D 28 28.81 -23.07 -15.64
C SER D 28 28.68 -22.84 -17.13
N ASP D 29 29.33 -23.70 -17.92
CA ASP D 29 29.25 -23.55 -19.35
C ASP D 29 28.00 -24.21 -19.83
N LEU D 30 27.37 -24.94 -18.90
CA LEU D 30 26.13 -25.65 -19.21
C LEU D 30 24.87 -25.14 -18.49
N LEU D 31 25.08 -24.58 -17.29
CA LEU D 31 23.97 -24.10 -16.52
C LEU D 31 24.17 -22.77 -15.81
N ARG D 32 23.04 -22.15 -15.58
CA ARG D 32 23.04 -20.92 -14.85
C ARG D 32 21.95 -21.01 -13.80
N VAL D 33 22.33 -20.97 -12.53
CA VAL D 33 21.33 -21.07 -11.49
C VAL D 33 21.23 -19.83 -10.64
N ASP D 34 20.01 -19.54 -10.29
CA ASP D 34 19.75 -18.40 -9.45
C ASP D 34 19.16 -18.90 -8.16
N ILE D 35 19.71 -18.42 -7.04
CA ILE D 35 19.28 -18.80 -5.71
C ILE D 35 19.30 -17.64 -4.74
N ILE D 36 18.25 -17.53 -3.93
CA ILE D 36 18.29 -16.41 -2.98
C ILE D 36 18.43 -16.86 -1.53
N SER D 37 18.89 -15.93 -0.74
CA SER D 37 19.04 -16.20 0.68
C SER D 37 17.71 -16.27 1.42
N TRP D 38 16.59 -16.15 0.74
CA TRP D 38 15.32 -16.27 1.44
C TRP D 38 14.82 -17.70 1.11
N GLY D 39 14.76 -18.57 2.13
CA GLY D 39 14.36 -19.97 1.97
C GLY D 39 15.25 -20.75 1.01
N CYS D 40 16.47 -20.28 0.83
CA CYS D 40 17.37 -20.95 -0.09
C CYS D 40 16.71 -21.27 -1.43
N THR D 41 15.88 -20.35 -1.88
CA THR D 41 15.15 -20.46 -3.14
C THR D 41 15.87 -20.36 -4.48
N ILE D 42 15.62 -21.39 -5.27
CA ILE D 42 16.12 -21.41 -6.61
C ILE D 42 15.10 -20.62 -7.39
N THR D 43 15.49 -19.47 -7.96
CA THR D 43 14.58 -18.58 -8.69
C THR D 43 14.60 -18.74 -10.21
N ALA D 44 15.68 -19.31 -10.73
CA ALA D 44 15.79 -19.50 -12.15
C ALA D 44 16.79 -20.56 -12.31
N LEU D 45 16.63 -21.33 -13.42
CA LEU D 45 17.49 -22.46 -13.78
C LEU D 45 17.44 -22.63 -15.29
N GLU D 46 18.51 -22.16 -15.89
CA GLU D 46 18.66 -22.16 -17.33
C GLU D 46 19.44 -23.32 -17.90
N VAL D 47 18.78 -23.99 -18.84
CA VAL D 47 19.27 -25.16 -19.53
C VAL D 47 19.10 -25.07 -21.04
N LYS D 48 20.03 -25.75 -21.71
CA LYS D 48 20.10 -25.75 -23.15
C LYS D 48 19.42 -26.91 -23.80
N ASP D 49 18.74 -26.60 -24.90
CA ASP D 49 18.10 -27.65 -25.70
C ASP D 49 19.14 -28.20 -26.66
N ARG D 50 18.70 -28.62 -27.84
CA ARG D 50 19.63 -29.16 -28.83
C ARG D 50 20.31 -28.06 -29.60
N GLN D 51 19.57 -27.00 -29.87
CA GLN D 51 20.11 -25.90 -30.59
C GLN D 51 20.89 -25.00 -29.63
N GLY D 52 21.35 -25.61 -28.52
CA GLY D 52 22.08 -24.91 -27.51
C GLY D 52 21.27 -23.70 -27.03
N ARG D 53 19.95 -23.73 -27.24
CA ARG D 53 19.13 -22.63 -26.74
C ARG D 53 18.89 -22.90 -25.25
N ALA D 54 19.03 -21.83 -24.46
CA ALA D 54 18.86 -21.90 -23.04
C ALA D 54 17.49 -21.42 -22.68
N SER D 55 16.88 -22.18 -21.79
CA SER D 55 15.56 -21.87 -21.37
C SER D 55 15.49 -22.03 -19.86
N ASP D 56 14.77 -21.09 -19.25
CA ASP D 56 14.60 -21.10 -17.83
C ASP D 56 13.52 -22.13 -17.56
N VAL D 57 13.97 -23.16 -16.89
CA VAL D 57 13.20 -24.34 -16.62
C VAL D 57 12.40 -24.51 -15.31
N VAL D 58 12.52 -23.53 -14.41
CA VAL D 58 11.75 -23.63 -13.17
C VAL D 58 10.81 -22.46 -13.01
N LEU D 59 9.64 -22.76 -12.54
CA LEU D 59 8.66 -21.72 -12.31
C LEU D 59 9.09 -20.84 -11.15
N GLY D 60 8.76 -19.54 -11.17
CA GLY D 60 9.13 -18.72 -10.02
C GLY D 60 8.74 -17.28 -10.22
N PHE D 61 9.33 -16.40 -9.42
CA PHE D 61 9.06 -14.98 -9.48
C PHE D 61 10.27 -14.10 -9.83
N ALA D 62 9.96 -12.98 -10.46
CA ALA D 62 10.95 -12.02 -10.88
C ALA D 62 11.49 -11.24 -9.70
N GLU D 63 10.59 -11.00 -8.79
CA GLU D 63 10.84 -10.23 -7.59
C GLU D 63 10.47 -10.92 -6.29
N LEU D 64 11.14 -10.42 -5.28
CA LEU D 64 10.99 -10.90 -3.95
C LEU D 64 9.57 -10.90 -3.44
N GLU D 65 8.88 -9.83 -3.71
CA GLU D 65 7.52 -9.80 -3.20
C GLU D 65 6.75 -10.96 -3.79
N GLY D 66 7.25 -11.48 -4.91
CA GLY D 66 6.60 -12.63 -5.53
C GLY D 66 6.65 -13.84 -4.62
N TYR D 67 7.79 -13.96 -3.94
CA TYR D 67 7.97 -15.05 -3.02
C TYR D 67 7.21 -14.86 -1.75
N LEU D 68 6.94 -13.62 -1.42
CA LEU D 68 6.22 -13.30 -0.19
C LEU D 68 4.74 -13.44 -0.27
N GLN D 69 4.22 -13.44 -1.49
CA GLN D 69 2.78 -13.59 -1.61
C GLN D 69 2.38 -14.99 -1.20
N LYS D 70 1.11 -15.31 -1.27
CA LYS D 70 0.72 -16.64 -0.88
C LYS D 70 0.97 -17.50 -2.08
N GLN D 71 2.10 -18.21 -2.06
CA GLN D 71 2.48 -19.09 -3.16
C GLN D 71 2.85 -20.46 -2.62
N PRO D 72 2.68 -21.49 -3.48
CA PRO D 72 2.92 -22.88 -3.12
C PRO D 72 4.34 -23.39 -3.02
N TYR D 73 5.16 -22.73 -2.21
CA TYR D 73 6.52 -23.24 -2.00
C TYR D 73 7.45 -23.26 -3.20
N PHE D 74 7.20 -22.43 -4.17
CA PHE D 74 8.09 -22.45 -5.32
C PHE D 74 9.55 -22.46 -4.97
N GLY D 75 10.24 -23.45 -5.56
CA GLY D 75 11.66 -23.70 -5.47
C GLY D 75 12.38 -23.52 -4.14
N ALA D 76 11.68 -23.53 -3.01
CA ALA D 76 12.36 -23.32 -1.75
C ALA D 76 12.78 -24.59 -1.00
N VAL D 77 13.63 -24.40 -0.04
CA VAL D 77 14.03 -25.50 0.79
C VAL D 77 12.92 -25.68 1.81
N ILE D 78 12.54 -26.94 2.08
CA ILE D 78 11.46 -27.28 2.99
C ILE D 78 12.02 -27.95 4.23
N GLY D 79 11.47 -27.50 5.37
CA GLY D 79 11.86 -27.97 6.68
C GLY D 79 10.96 -27.32 7.72
N ARG D 80 11.02 -27.79 8.97
CA ARG D 80 11.89 -28.85 9.50
C ARG D 80 11.63 -30.26 8.98
N VAL D 81 10.39 -30.49 8.66
CA VAL D 81 9.91 -31.75 8.13
C VAL D 81 8.97 -31.56 6.92
N ALA D 82 9.39 -32.05 5.77
CA ALA D 82 8.64 -31.94 4.54
C ALA D 82 7.40 -32.81 4.55
N ASN D 83 6.46 -32.35 3.80
CA ASN D 83 5.21 -33.06 3.65
C ASN D 83 4.35 -33.04 4.88
N ARG D 84 3.35 -33.95 4.91
CA ARG D 84 2.41 -33.99 6.01
C ARG D 84 2.68 -34.90 7.19
N ILE D 85 2.24 -34.38 8.32
CA ILE D 85 2.32 -35.06 9.56
C ILE D 85 0.89 -35.11 10.07
N ALA D 86 0.37 -36.34 10.13
CA ALA D 86 -1.00 -36.56 10.57
C ALA D 86 -1.38 -35.77 11.82
N LYS D 87 -2.53 -35.11 11.74
CA LYS D 87 -3.03 -34.32 12.85
C LYS D 87 -1.97 -33.44 13.49
N GLY D 88 -0.90 -33.15 12.72
CA GLY D 88 0.14 -32.30 13.23
C GLY D 88 0.51 -32.72 14.66
N THR D 89 0.70 -34.02 14.84
CA THR D 89 1.01 -34.49 16.14
C THR D 89 1.89 -35.74 16.07
N PHE D 90 2.95 -35.72 16.86
CA PHE D 90 3.84 -36.85 16.91
C PHE D 90 4.42 -36.93 18.29
N LYS D 91 5.02 -38.05 18.59
CA LYS D 91 5.65 -38.24 19.89
C LYS D 91 7.10 -38.62 19.72
N VAL D 92 7.87 -38.14 20.67
CA VAL D 92 9.28 -38.43 20.65
C VAL D 92 9.72 -38.82 22.04
N ASP D 93 10.32 -40.01 22.13
CA ASP D 93 10.82 -40.39 23.40
C ASP D 93 9.82 -40.10 24.48
N GLY D 94 8.65 -40.62 24.29
CA GLY D 94 7.57 -40.47 25.25
C GLY D 94 6.95 -39.09 25.29
N LYS D 95 7.46 -38.15 24.56
CA LYS D 95 6.72 -36.95 24.73
C LYS D 95 5.89 -36.61 23.51
N GLU D 96 4.72 -36.05 23.77
CA GLU D 96 3.82 -35.70 22.66
C GLU D 96 3.98 -34.26 22.16
N TYR D 97 4.16 -34.08 20.83
CA TYR D 97 4.34 -32.75 20.31
C TYR D 97 3.18 -32.34 19.42
N HIS D 98 2.91 -31.05 19.40
CA HIS D 98 1.80 -30.54 18.59
C HIS D 98 2.27 -29.46 17.62
N LEU D 99 1.95 -29.62 16.34
CA LEU D 99 2.36 -28.65 15.36
C LEU D 99 1.19 -27.83 14.93
N ALA D 100 1.49 -26.86 14.07
CA ALA D 100 0.50 -25.99 13.51
C ALA D 100 -0.34 -26.76 12.50
N ILE D 101 -1.64 -26.49 12.54
CA ILE D 101 -2.50 -27.14 11.57
C ILE D 101 -2.75 -26.20 10.40
N ASN D 102 -1.72 -26.08 9.58
CA ASN D 102 -1.72 -25.25 8.40
C ASN D 102 -2.44 -25.90 7.24
N LYS D 103 -2.77 -27.17 7.39
CA LYS D 103 -3.49 -27.87 6.34
C LYS D 103 -4.44 -28.87 6.93
N GLU D 104 -5.52 -28.34 7.55
CA GLU D 104 -6.55 -29.16 8.18
C GLU D 104 -6.70 -30.48 7.42
N PRO D 105 -6.61 -31.60 8.08
CA PRO D 105 -6.41 -31.71 9.50
C PRO D 105 -4.98 -32.01 9.88
N ASN D 106 -4.03 -31.72 9.01
CA ASN D 106 -2.62 -31.97 9.30
C ASN D 106 -1.78 -30.75 9.21
N SER D 107 -0.51 -31.02 9.46
CA SER D 107 0.53 -30.04 9.37
C SER D 107 1.31 -30.43 8.14
N LEU D 108 1.71 -29.39 7.42
CA LEU D 108 2.42 -29.50 6.17
C LEU D 108 3.70 -28.67 6.09
N HIS D 109 4.66 -29.26 5.44
CA HIS D 109 5.88 -28.60 5.18
C HIS D 109 6.46 -27.68 6.23
N GLY D 110 6.55 -28.13 7.46
CA GLY D 110 7.24 -27.29 8.45
C GLY D 110 6.43 -26.30 9.26
N GLY D 111 5.16 -26.11 8.89
CA GLY D 111 4.35 -25.21 9.69
C GLY D 111 4.02 -23.85 9.08
N VAL D 112 3.66 -22.92 9.96
CA VAL D 112 3.27 -21.62 9.49
C VAL D 112 4.41 -20.89 8.88
N ARG D 113 5.55 -20.97 9.52
CA ARG D 113 6.71 -20.29 8.93
C ARG D 113 7.81 -21.30 8.82
N GLY D 114 7.70 -22.11 7.79
CA GLY D 114 8.70 -23.14 7.62
C GLY D 114 10.06 -22.61 7.15
N PHE D 115 10.91 -23.54 6.72
CA PHE D 115 12.23 -23.19 6.29
C PHE D 115 12.30 -22.36 5.05
N ASP D 116 11.23 -22.41 4.25
CA ASP D 116 11.14 -21.67 3.02
C ASP D 116 10.85 -20.21 3.29
N LYS D 117 10.32 -19.89 4.50
CA LYS D 117 10.04 -18.50 4.75
C LYS D 117 10.86 -17.81 5.81
N VAL D 118 12.13 -18.09 5.78
CA VAL D 118 13.03 -17.50 6.72
C VAL D 118 14.28 -17.13 5.96
N LEU D 119 15.02 -16.23 6.59
CA LEU D 119 16.24 -15.74 5.96
C LEU D 119 17.44 -16.50 6.47
N TRP D 120 18.23 -17.03 5.52
CA TRP D 120 19.39 -17.82 5.78
C TRP D 120 20.62 -16.97 5.59
N THR D 121 21.74 -17.43 6.11
CA THR D 121 22.97 -16.73 5.99
C THR D 121 23.79 -17.40 4.94
N PRO D 122 24.31 -16.61 3.99
CA PRO D 122 25.08 -17.17 2.92
C PRO D 122 26.58 -17.12 3.03
N ARG D 123 27.22 -18.04 2.34
CA ARG D 123 28.66 -17.98 2.34
C ARG D 123 28.97 -18.40 0.93
N VAL D 124 29.74 -17.60 0.23
CA VAL D 124 30.07 -17.98 -1.11
C VAL D 124 31.16 -19.02 -1.14
N LEU D 125 30.95 -20.03 -1.93
CA LEU D 125 31.93 -21.09 -2.07
C LEU D 125 32.53 -20.94 -3.46
N SER D 126 33.69 -21.54 -3.64
CA SER D 126 34.42 -21.56 -4.90
C SER D 126 33.48 -22.01 -6.01
N ASN D 127 32.68 -23.04 -5.77
CA ASN D 127 31.79 -23.45 -6.84
C ASN D 127 30.33 -23.47 -6.45
N GLY D 128 29.92 -22.49 -5.64
CA GLY D 128 28.56 -22.43 -5.24
C GLY D 128 28.35 -21.54 -4.03
N VAL D 129 27.30 -21.87 -3.33
CA VAL D 129 27.00 -21.09 -2.15
C VAL D 129 26.35 -22.00 -1.11
N GLN D 130 26.58 -21.64 0.15
CA GLN D 130 26.03 -22.41 1.27
C GLN D 130 25.21 -21.55 2.19
N PHE D 131 24.09 -22.11 2.59
CA PHE D 131 23.19 -21.38 3.45
C PHE D 131 23.15 -22.08 4.78
N SER D 132 23.18 -21.27 5.78
CA SER D 132 23.16 -21.73 7.11
C SER D 132 22.13 -20.96 7.91
N ARG D 133 21.65 -21.63 8.93
CA ARG D 133 20.66 -21.07 9.79
C ARG D 133 20.43 -21.96 10.99
N ILE D 134 19.89 -21.38 12.03
CA ILE D 134 19.59 -22.11 13.20
C ILE D 134 18.12 -22.09 13.45
N SER D 135 17.55 -23.26 13.61
CA SER D 135 16.13 -23.40 13.89
C SER D 135 16.03 -23.75 15.37
N PRO D 136 15.65 -22.77 16.12
CA PRO D 136 15.59 -22.83 17.56
C PRO D 136 14.69 -23.86 18.19
N ASP D 137 15.03 -24.21 19.44
CA ASP D 137 14.14 -25.14 20.09
C ASP D 137 12.72 -24.55 20.09
N GLY D 138 11.72 -25.35 19.73
CA GLY D 138 10.32 -24.95 19.70
C GLY D 138 9.89 -24.26 18.42
N GLU D 139 10.83 -24.11 17.51
CA GLU D 139 10.40 -23.46 16.31
C GLU D 139 9.35 -24.32 15.63
N GLU D 140 8.17 -23.72 15.38
CA GLU D 140 7.09 -24.45 14.76
C GLU D 140 6.66 -25.66 15.58
N GLY D 141 6.88 -25.60 16.89
CA GLY D 141 6.49 -26.70 17.73
C GLY D 141 7.48 -27.87 17.78
N TYR D 142 8.58 -27.79 16.98
CA TYR D 142 9.54 -28.87 16.99
C TYR D 142 10.49 -28.75 18.13
N PRO D 143 10.77 -29.88 18.76
CA PRO D 143 11.72 -29.91 19.86
C PRO D 143 13.16 -29.75 19.39
N GLY D 144 13.94 -29.05 20.21
CA GLY D 144 15.37 -28.83 20.04
C GLY D 144 15.78 -27.84 18.97
N GLU D 145 17.00 -27.38 19.19
CA GLU D 145 17.69 -26.44 18.35
C GLU D 145 18.35 -27.20 17.25
N LEU D 146 18.07 -26.76 16.05
CA LEU D 146 18.60 -27.46 14.90
C LEU D 146 19.45 -26.59 14.00
N LYS D 147 20.72 -26.99 13.89
CA LYS D 147 21.64 -26.30 13.01
C LYS D 147 21.53 -26.92 11.62
N VAL D 148 21.30 -26.06 10.61
CA VAL D 148 21.17 -26.53 9.25
C VAL D 148 22.09 -25.81 8.27
N TRP D 149 22.50 -26.60 7.28
CA TRP D 149 23.33 -26.12 6.21
C TRP D 149 22.82 -26.68 4.92
N VAL D 150 22.57 -25.82 4.00
CA VAL D 150 22.09 -26.22 2.70
C VAL D 150 23.16 -25.71 1.76
N THR D 151 23.78 -26.64 1.05
CA THR D 151 24.84 -26.24 0.17
C THR D 151 24.48 -26.59 -1.22
N TYR D 152 24.55 -25.58 -2.10
CA TYR D 152 24.30 -25.82 -3.52
C TYR D 152 25.63 -25.67 -4.24
N THR D 153 25.94 -26.60 -5.13
CA THR D 153 27.13 -26.51 -5.94
C THR D 153 26.85 -26.94 -7.37
N LEU D 154 27.61 -26.37 -8.27
CA LEU D 154 27.41 -26.66 -9.65
C LEU D 154 28.65 -27.22 -10.29
N ASP D 155 28.46 -28.31 -11.00
CA ASP D 155 29.50 -29.00 -11.71
C ASP D 155 29.03 -29.38 -13.09
N GLY D 156 29.24 -28.49 -14.04
CA GLY D 156 28.78 -28.82 -15.37
C GLY D 156 27.31 -28.60 -15.50
N GLY D 157 26.62 -29.66 -15.88
CA GLY D 157 25.16 -29.68 -16.06
C GLY D 157 24.48 -30.37 -14.88
N GLU D 158 25.27 -30.46 -13.80
CA GLU D 158 24.90 -31.08 -12.54
C GLU D 158 24.89 -30.10 -11.36
N LEU D 159 23.68 -29.91 -10.80
CA LEU D 159 23.41 -29.11 -9.62
C LEU D 159 23.27 -30.06 -8.43
N ILE D 160 24.15 -29.88 -7.47
CA ILE D 160 24.16 -30.70 -6.30
C ILE D 160 23.74 -29.88 -5.07
N VAL D 161 22.79 -30.53 -4.39
CA VAL D 161 22.21 -30.03 -3.17
C VAL D 161 22.48 -30.97 -2.04
N ASN D 162 22.96 -30.39 -0.98
CA ASN D 162 23.25 -31.16 0.16
C ASN D 162 22.68 -30.46 1.38
N TYR D 163 22.08 -31.30 2.20
CA TYR D 163 21.52 -30.85 3.45
C TYR D 163 22.20 -31.51 4.60
N ARG D 164 22.61 -30.63 5.49
CA ARG D 164 23.22 -31.08 6.70
C ARG D 164 22.57 -30.48 7.89
N ALA D 165 22.59 -31.21 9.00
CA ALA D 165 21.97 -30.69 10.20
C ALA D 165 22.38 -31.46 11.44
N GLN D 166 22.31 -30.67 12.53
CA GLN D 166 22.58 -31.07 13.87
C GLN D 166 21.57 -30.54 14.86
N ALA D 167 21.04 -31.49 15.62
CA ALA D 167 20.04 -31.26 16.64
C ALA D 167 20.58 -31.30 18.04
N SER D 168 20.02 -30.45 18.91
CA SER D 168 20.47 -30.46 20.28
C SER D 168 19.61 -31.40 21.10
N GLN D 169 18.55 -31.93 20.49
CA GLN D 169 17.62 -32.80 21.14
C GLN D 169 16.91 -33.55 20.05
N ALA D 170 16.63 -34.78 20.32
CA ALA D 170 15.99 -35.68 19.40
C ALA D 170 14.89 -34.98 18.64
N THR D 171 14.92 -35.06 17.30
CA THR D 171 13.90 -34.42 16.50
C THR D 171 13.84 -35.01 15.10
N PRO D 172 12.67 -34.96 14.54
CA PRO D 172 12.47 -35.45 13.18
C PRO D 172 13.01 -34.40 12.22
N VAL D 173 13.67 -34.84 11.13
CA VAL D 173 14.18 -33.93 10.15
C VAL D 173 13.95 -34.57 8.84
N ASN D 174 13.41 -33.79 7.90
CA ASN D 174 13.15 -34.26 6.56
C ASN D 174 13.15 -33.01 5.67
N LEU D 175 14.29 -32.79 4.97
CA LEU D 175 14.59 -31.65 4.13
C LEU D 175 14.65 -31.95 2.65
N THR D 176 14.07 -31.04 1.87
CA THR D 176 14.04 -31.22 0.43
C THR D 176 13.88 -29.91 -0.29
N ASN D 177 13.83 -30.00 -1.61
CA ASN D 177 13.67 -28.81 -2.42
C ASN D 177 12.42 -28.94 -3.26
N HIS D 178 11.59 -27.92 -3.19
CA HIS D 178 10.30 -27.86 -3.87
C HIS D 178 10.30 -27.11 -5.20
N SER D 179 11.35 -27.29 -5.98
CA SER D 179 11.40 -26.63 -7.27
C SER D 179 10.38 -27.26 -8.19
N TYR D 180 9.73 -26.42 -9.00
CA TYR D 180 8.80 -26.99 -9.95
C TYR D 180 9.44 -26.88 -11.31
N PHE D 181 9.54 -27.99 -11.96
CA PHE D 181 10.16 -27.96 -13.26
C PHE D 181 9.19 -28.10 -14.41
N ASN D 182 9.69 -27.62 -15.53
CA ASN D 182 9.02 -27.75 -16.81
C ASN D 182 10.10 -27.73 -17.85
N LEU D 183 10.49 -28.92 -18.27
CA LEU D 183 11.54 -29.09 -19.25
C LEU D 183 11.34 -28.34 -20.54
N ALA D 184 10.09 -28.06 -20.89
CA ALA D 184 9.82 -27.36 -22.12
C ALA D 184 9.90 -25.87 -21.91
N GLY D 185 10.20 -25.48 -20.68
CA GLY D 185 10.28 -24.06 -20.41
C GLY D 185 9.22 -23.61 -19.44
N GLN D 186 9.69 -22.81 -18.52
CA GLN D 186 8.89 -22.25 -17.47
C GLN D 186 7.55 -21.69 -17.97
N ALA D 187 7.56 -21.17 -19.17
CA ALA D 187 6.36 -20.57 -19.71
C ALA D 187 5.42 -21.55 -20.37
N SER D 188 5.82 -22.84 -20.40
CA SER D 188 4.99 -23.91 -20.97
C SER D 188 3.80 -24.23 -20.07
N PRO D 189 2.62 -24.19 -20.67
CA PRO D 189 1.36 -24.41 -19.98
C PRO D 189 1.21 -25.76 -19.29
N ASN D 190 1.87 -26.81 -19.80
CA ASN D 190 1.76 -28.14 -19.21
C ASN D 190 2.99 -29.02 -19.37
N ILE D 191 2.89 -30.21 -18.82
CA ILE D 191 3.99 -31.14 -18.90
C ILE D 191 3.60 -32.48 -19.49
N ASN D 192 2.44 -32.49 -20.13
CA ASN D 192 1.86 -33.66 -20.74
C ASN D 192 2.81 -34.42 -21.64
N ASP D 193 3.68 -33.67 -22.29
CA ASP D 193 4.61 -34.23 -23.21
C ASP D 193 5.83 -34.74 -22.52
N HIS D 194 5.87 -34.65 -21.20
CA HIS D 194 7.07 -35.11 -20.56
C HIS D 194 7.03 -36.60 -20.39
N GLU D 195 8.16 -37.25 -20.61
CA GLU D 195 8.20 -38.68 -20.39
C GLU D 195 8.94 -38.91 -19.08
N VAL D 196 8.32 -39.69 -18.23
CA VAL D 196 8.87 -39.91 -16.91
C VAL D 196 9.17 -41.36 -16.52
N THR D 197 10.26 -41.51 -15.77
CA THR D 197 10.65 -42.81 -15.25
C THR D 197 11.04 -42.67 -13.81
N ILE D 198 10.53 -43.54 -12.98
CA ILE D 198 10.86 -43.49 -11.57
C ILE D 198 11.18 -44.91 -11.16
N GLU D 199 12.36 -45.10 -10.58
CA GLU D 199 12.82 -46.41 -10.15
C GLU D 199 12.31 -46.83 -8.80
N ALA D 200 11.04 -47.23 -8.76
CA ALA D 200 10.34 -47.63 -7.55
C ALA D 200 9.49 -48.86 -7.78
N ASP D 201 9.51 -49.78 -6.83
CA ASP D 201 8.78 -51.01 -6.94
C ASP D 201 7.56 -50.88 -6.08
N THR D 202 7.66 -49.96 -5.14
CA THR D 202 6.53 -49.70 -4.28
C THR D 202 6.20 -48.20 -4.19
N TYR D 203 4.98 -47.95 -3.72
CA TYR D 203 4.53 -46.56 -3.60
C TYR D 203 3.66 -46.49 -2.39
N LEU D 204 3.43 -45.28 -1.89
CA LEU D 204 2.61 -45.10 -0.72
C LEU D 204 1.23 -44.58 -1.04
N PRO D 205 0.27 -45.44 -0.97
CA PRO D 205 -1.09 -45.02 -1.21
C PRO D 205 -1.48 -44.14 -0.02
N VAL D 206 -2.40 -43.21 -0.23
CA VAL D 206 -2.73 -42.32 0.86
C VAL D 206 -4.20 -42.18 1.01
N ASP D 207 -4.57 -41.67 2.18
CA ASP D 207 -5.97 -41.44 2.51
C ASP D 207 -6.55 -40.12 1.99
N GLU D 208 -7.78 -39.89 2.43
CA GLU D 208 -8.57 -38.72 2.10
C GLU D 208 -7.87 -37.45 2.51
N THR D 209 -6.98 -37.51 3.48
CA THR D 209 -6.32 -36.28 3.83
C THR D 209 -4.93 -36.27 3.23
N LEU D 210 -4.68 -37.20 2.31
CA LEU D 210 -3.36 -37.24 1.72
C LEU D 210 -2.26 -37.72 2.68
N ILE D 211 -2.64 -38.45 3.71
CA ILE D 211 -1.71 -39.04 4.62
C ILE D 211 -1.57 -40.52 4.20
N PRO D 212 -0.34 -41.04 4.18
CA PRO D 212 -0.18 -42.43 3.74
C PRO D 212 -1.00 -43.38 4.58
N THR D 213 -1.59 -44.39 3.94
CA THR D 213 -2.40 -45.32 4.69
C THR D 213 -1.56 -46.24 5.56
N GLY D 214 -0.28 -46.34 5.21
CA GLY D 214 0.62 -47.20 5.97
C GLY D 214 0.97 -48.43 5.13
N GLU D 215 0.24 -48.60 4.06
CA GLU D 215 0.54 -49.70 3.23
C GLU D 215 1.66 -49.29 2.29
N VAL D 216 2.58 -50.20 2.05
CA VAL D 216 3.64 -50.02 1.09
C VAL D 216 3.16 -50.84 -0.12
N ALA D 217 2.54 -50.24 -1.11
CA ALA D 217 2.04 -51.04 -2.20
C ALA D 217 2.92 -51.14 -3.42
N PRO D 218 2.85 -52.30 -4.04
CA PRO D 218 3.60 -52.57 -5.22
C PRO D 218 2.97 -51.78 -6.30
N VAL D 219 3.81 -51.29 -7.22
CA VAL D 219 3.28 -50.56 -8.34
C VAL D 219 2.83 -51.53 -9.39
N GLN D 220 3.16 -52.80 -9.16
CA GLN D 220 2.78 -53.82 -10.11
C GLN D 220 1.35 -53.78 -10.62
N GLY D 221 1.14 -53.48 -11.89
CA GLY D 221 -0.22 -53.49 -12.37
C GLY D 221 -1.00 -52.30 -11.88
N THR D 222 -0.31 -51.20 -11.61
CA THR D 222 -1.01 -50.00 -11.19
C THR D 222 -0.54 -48.85 -12.06
N ALA D 223 -1.24 -47.73 -11.91
CA ALA D 223 -0.92 -46.53 -12.65
C ALA D 223 0.37 -45.97 -12.13
N PHE D 224 0.78 -46.54 -11.01
CA PHE D 224 1.97 -46.12 -10.34
C PHE D 224 3.21 -46.83 -10.79
N ASP D 225 3.13 -47.65 -11.81
CA ASP D 225 4.33 -48.29 -12.27
C ASP D 225 5.01 -47.34 -13.24
N LEU D 226 6.07 -46.67 -12.80
CA LEU D 226 6.81 -45.73 -13.63
C LEU D 226 8.20 -46.27 -13.91
N ARG D 227 8.32 -47.58 -13.75
CA ARG D 227 9.59 -48.25 -13.99
C ARG D 227 10.11 -48.10 -15.40
N LYS D 228 9.19 -48.00 -16.35
CA LYS D 228 9.57 -47.81 -17.73
C LYS D 228 8.99 -46.49 -18.13
N PRO D 229 9.77 -45.74 -18.90
CA PRO D 229 9.33 -44.45 -19.34
C PRO D 229 7.91 -44.46 -19.87
N VAL D 230 7.18 -43.42 -19.46
CA VAL D 230 5.83 -43.21 -19.91
C VAL D 230 5.59 -41.73 -20.17
N GLU D 231 4.77 -41.46 -21.16
CA GLU D 231 4.40 -40.12 -21.52
C GLU D 231 3.30 -39.68 -20.59
N LEU D 232 3.70 -38.88 -19.64
CA LEU D 232 2.81 -38.36 -18.65
C LEU D 232 1.36 -38.24 -19.11
N GLY D 233 1.16 -37.40 -20.12
CA GLY D 233 -0.17 -37.20 -20.68
C GLY D 233 -0.92 -38.52 -20.97
N LYS D 234 -0.43 -39.27 -21.96
CA LYS D 234 -1.06 -40.53 -22.28
C LYS D 234 -1.30 -41.32 -21.01
N HIS D 235 -0.26 -41.48 -20.23
CA HIS D 235 -0.37 -42.23 -18.99
C HIS D 235 -1.52 -41.83 -18.08
N LEU D 236 -1.59 -40.53 -17.83
CA LEU D 236 -2.62 -40.08 -16.92
C LEU D 236 -3.99 -40.39 -17.47
N GLN D 237 -4.05 -40.19 -18.76
CA GLN D 237 -5.31 -40.43 -19.43
C GLN D 237 -5.74 -41.90 -19.38
N ASP D 238 -4.83 -42.75 -19.81
CA ASP D 238 -5.03 -44.16 -19.87
C ASP D 238 -5.40 -44.72 -18.53
N PHE D 239 -4.95 -44.10 -17.45
CA PHE D 239 -5.29 -44.64 -16.17
C PHE D 239 -6.34 -43.79 -15.50
N HIS D 240 -6.86 -42.82 -16.24
CA HIS D 240 -7.87 -41.99 -15.65
C HIS D 240 -7.39 -41.50 -14.32
N LEU D 241 -6.26 -40.79 -14.36
CA LEU D 241 -5.59 -40.23 -13.21
C LEU D 241 -5.50 -38.72 -13.34
N ASN D 242 -5.79 -38.00 -12.26
CA ASN D 242 -5.75 -36.55 -12.32
C ASN D 242 -4.32 -36.02 -12.39
N GLY D 243 -3.42 -36.75 -11.75
CA GLY D 243 -2.01 -36.41 -11.72
C GLY D 243 -1.39 -37.22 -10.61
N PHE D 244 -0.17 -36.86 -10.22
CA PHE D 244 0.51 -37.52 -9.11
C PHE D 244 0.76 -36.56 -7.96
N ASP D 245 0.83 -37.16 -6.80
CA ASP D 245 1.09 -36.49 -5.55
C ASP D 245 1.30 -37.62 -4.57
N HIS D 246 2.30 -38.40 -4.94
CA HIS D 246 2.64 -39.58 -4.17
C HIS D 246 4.14 -39.69 -3.94
N ASN D 247 4.45 -40.49 -2.94
CA ASN D 247 5.81 -40.79 -2.60
C ASN D 247 6.15 -42.15 -3.15
N PHE D 248 7.14 -42.22 -3.99
CA PHE D 248 7.57 -43.50 -4.53
C PHE D 248 8.74 -43.98 -3.68
N CYS D 249 8.67 -45.21 -3.23
CA CYS D 249 9.71 -45.75 -2.38
C CYS D 249 10.90 -46.20 -3.16
N LEU D 250 11.99 -45.49 -2.94
CA LEU D 250 13.26 -45.68 -3.61
C LEU D 250 14.01 -46.87 -3.10
N LYS D 251 14.56 -47.59 -4.06
CA LYS D 251 15.35 -48.74 -3.73
C LYS D 251 16.69 -48.27 -3.22
N GLY D 252 16.77 -47.92 -1.94
CA GLY D 252 18.05 -47.44 -1.55
C GLY D 252 18.66 -47.87 -0.23
N SER D 253 19.94 -47.51 -0.24
CA SER D 253 20.96 -47.59 0.78
C SER D 253 21.01 -46.13 1.16
N LYS D 254 22.13 -45.62 1.56
CA LYS D 254 22.16 -44.20 1.82
C LYS D 254 23.06 -43.67 0.71
N GLU D 255 23.51 -44.64 -0.05
CA GLU D 255 24.39 -44.41 -1.16
C GLU D 255 23.69 -43.65 -2.29
N LYS D 256 24.47 -42.99 -3.14
CA LYS D 256 23.84 -42.31 -4.24
C LYS D 256 23.03 -43.34 -5.04
N HIS D 257 21.76 -43.06 -5.29
CA HIS D 257 20.98 -43.99 -6.08
C HIS D 257 20.14 -43.22 -7.06
N PHE D 258 19.92 -43.84 -8.20
CA PHE D 258 19.13 -43.28 -9.29
C PHE D 258 17.72 -43.13 -8.79
N CYS D 259 17.13 -42.03 -9.13
CA CYS D 259 15.78 -41.85 -8.66
C CYS D 259 14.85 -41.63 -9.84
N ALA D 260 15.15 -40.69 -10.68
CA ALA D 260 14.24 -40.53 -11.77
C ALA D 260 14.88 -39.91 -12.99
N ARG D 261 14.13 -40.01 -14.06
CA ARG D 261 14.53 -39.45 -15.31
C ARG D 261 13.29 -38.88 -15.97
N VAL D 262 13.41 -37.63 -16.39
CA VAL D 262 12.34 -36.95 -17.06
C VAL D 262 12.98 -36.45 -18.35
N HIS D 263 12.31 -36.72 -19.47
CA HIS D 263 12.78 -36.36 -20.80
C HIS D 263 11.78 -35.53 -21.60
N HIS D 264 12.30 -34.48 -22.23
CA HIS D 264 11.50 -33.63 -23.06
C HIS D 264 11.99 -33.72 -24.47
N ALA D 265 11.46 -34.70 -25.18
CA ALA D 265 11.81 -35.02 -26.55
C ALA D 265 11.86 -33.84 -27.52
N ALA D 266 10.85 -32.97 -27.51
CA ALA D 266 10.84 -31.85 -28.43
C ALA D 266 12.03 -30.93 -28.27
N SER D 267 12.52 -30.88 -27.04
CA SER D 267 13.62 -29.99 -26.72
C SER D 267 14.85 -30.80 -26.55
N GLY D 268 14.62 -32.06 -26.33
CA GLY D 268 15.69 -33.03 -26.11
C GLY D 268 16.26 -32.94 -24.71
N ARG D 269 15.63 -32.12 -23.87
CA ARG D 269 16.08 -31.94 -22.49
C ARG D 269 15.83 -33.19 -21.66
N VAL D 270 16.79 -33.46 -20.79
CA VAL D 270 16.73 -34.56 -19.88
C VAL D 270 17.15 -34.14 -18.50
N LEU D 271 16.40 -34.64 -17.53
CA LEU D 271 16.72 -34.33 -16.17
C LEU D 271 16.81 -35.68 -15.51
N GLU D 272 17.89 -35.89 -14.79
CA GLU D 272 18.07 -37.16 -14.11
C GLU D 272 18.36 -36.85 -12.68
N VAL D 273 17.63 -37.52 -11.84
CA VAL D 273 17.77 -37.29 -10.45
C VAL D 273 18.34 -38.45 -9.67
N TYR D 274 19.45 -38.18 -8.94
CA TYR D 274 20.06 -39.16 -8.04
C TYR D 274 19.90 -38.66 -6.61
N THR D 275 19.78 -39.58 -5.64
CA THR D 275 19.64 -39.13 -4.29
C THR D 275 20.07 -40.17 -3.28
N THR D 276 20.20 -39.70 -2.05
CA THR D 276 20.51 -40.56 -0.95
C THR D 276 19.24 -40.88 -0.22
N GLN D 277 18.22 -40.09 -0.49
CA GLN D 277 16.90 -40.25 0.12
C GLN D 277 16.20 -41.53 -0.29
N PRO D 278 15.47 -42.06 0.67
CA PRO D 278 14.73 -43.31 0.55
C PRO D 278 13.40 -43.17 -0.17
N GLY D 279 13.05 -41.92 -0.52
CA GLY D 279 11.77 -41.71 -1.16
C GLY D 279 11.80 -40.48 -2.02
N VAL D 280 10.73 -40.35 -2.81
CA VAL D 280 10.61 -39.23 -3.66
C VAL D 280 9.15 -38.86 -3.88
N GLN D 281 8.85 -37.62 -3.55
CA GLN D 281 7.53 -37.10 -3.72
C GLN D 281 7.35 -36.67 -5.16
N PHE D 282 6.46 -37.32 -5.86
CA PHE D 282 6.20 -36.94 -7.24
C PHE D 282 4.89 -36.16 -7.26
N TYR D 283 4.94 -34.89 -7.63
CA TYR D 283 3.74 -34.07 -7.64
C TYR D 283 3.70 -33.24 -8.88
N THR D 284 2.61 -33.43 -9.64
CA THR D 284 2.40 -32.80 -10.96
C THR D 284 1.69 -31.49 -10.88
N GLY D 285 1.94 -30.78 -9.80
CA GLY D 285 1.39 -29.45 -9.63
C GLY D 285 -0.08 -29.43 -9.91
N ASN D 286 -0.74 -30.39 -9.35
CA ASN D 286 -2.17 -30.51 -9.54
C ASN D 286 -2.95 -29.35 -8.95
N PHE D 287 -2.38 -28.71 -7.93
CA PHE D 287 -3.00 -27.60 -7.29
C PHE D 287 -2.73 -26.23 -7.88
N LEU D 288 -1.94 -26.12 -8.94
CA LEU D 288 -1.75 -24.79 -9.49
C LEU D 288 -3.04 -24.40 -10.17
N ASP D 289 -3.42 -23.13 -10.03
CA ASP D 289 -4.69 -22.70 -10.58
C ASP D 289 -4.58 -21.50 -11.47
N GLY D 290 -3.37 -21.34 -12.01
CA GLY D 290 -3.06 -20.28 -12.94
C GLY D 290 -3.42 -18.86 -12.52
N THR D 291 -3.38 -18.57 -11.24
CA THR D 291 -3.65 -17.24 -10.78
C THR D 291 -2.36 -16.56 -10.34
N LEU D 292 -1.28 -17.23 -10.66
CA LEU D 292 -0.05 -16.69 -10.22
C LEU D 292 0.71 -16.01 -11.32
N LYS D 293 1.25 -14.87 -10.87
CA LYS D 293 2.07 -13.95 -11.63
C LYS D 293 3.54 -14.37 -11.66
N GLY D 294 3.90 -15.29 -12.52
CA GLY D 294 5.28 -15.74 -12.58
C GLY D 294 6.18 -14.75 -13.31
N LYS D 295 7.29 -15.32 -13.79
CA LYS D 295 8.28 -14.59 -14.54
C LYS D 295 7.85 -14.53 -15.99
N ASN D 296 8.22 -13.43 -16.64
CA ASN D 296 7.90 -13.19 -18.06
C ASN D 296 6.44 -13.34 -18.34
N GLY D 297 5.66 -12.71 -17.48
CA GLY D 297 4.23 -12.75 -17.58
C GLY D 297 3.64 -14.15 -17.48
N ALA D 298 4.50 -15.12 -17.33
CA ALA D 298 3.98 -16.46 -17.16
C ALA D 298 3.02 -16.62 -15.97
N VAL D 299 1.87 -17.22 -16.25
CA VAL D 299 0.86 -17.54 -15.25
C VAL D 299 0.95 -19.04 -15.13
N TYR D 300 0.69 -19.58 -13.94
CA TYR D 300 0.89 -21.02 -13.86
C TYR D 300 -0.32 -21.88 -13.61
N PRO D 301 -0.87 -22.37 -14.71
CA PRO D 301 -2.02 -23.22 -14.66
C PRO D 301 -1.62 -24.57 -14.07
N LYS D 302 -2.66 -25.37 -13.76
CA LYS D 302 -2.54 -26.72 -13.22
C LYS D 302 -1.70 -27.63 -14.14
N HIS D 303 -0.78 -28.40 -13.57
CA HIS D 303 0.08 -29.28 -14.37
C HIS D 303 1.10 -28.52 -15.21
N SER D 304 1.36 -27.25 -14.88
CA SER D 304 2.30 -26.44 -15.63
C SER D 304 3.72 -26.68 -15.20
N GLY D 305 3.88 -27.47 -14.12
CA GLY D 305 5.20 -27.81 -13.58
C GLY D 305 5.18 -29.03 -12.65
N PHE D 306 6.31 -29.71 -12.49
CA PHE D 306 6.31 -30.85 -11.59
C PHE D 306 7.44 -30.77 -10.58
N CYS D 307 7.24 -31.51 -9.52
CA CYS D 307 8.21 -31.55 -8.45
C CYS D 307 8.70 -32.97 -8.26
N LEU D 308 9.96 -33.03 -7.84
CA LEU D 308 10.60 -34.28 -7.48
C LEU D 308 11.26 -34.03 -6.15
N GLU D 309 10.50 -34.19 -5.08
CA GLU D 309 11.05 -33.93 -3.78
C GLU D 309 11.67 -35.11 -3.12
N THR D 310 12.99 -35.17 -3.22
CA THR D 310 13.67 -36.31 -2.61
C THR D 310 13.51 -36.19 -1.13
N GLN D 311 13.17 -37.31 -0.50
CA GLN D 311 12.92 -37.18 0.89
C GLN D 311 12.61 -38.50 1.59
N ASN D 312 12.42 -38.41 2.88
CA ASN D 312 11.99 -39.53 3.71
C ASN D 312 10.47 -39.53 3.59
N TRP D 313 9.83 -40.70 3.76
CA TRP D 313 8.41 -40.84 3.59
C TRP D 313 7.59 -39.96 4.47
N PRO D 314 6.52 -39.46 3.89
CA PRO D 314 5.67 -38.56 4.60
C PRO D 314 5.07 -39.21 5.83
N ASP D 315 4.96 -38.47 6.89
CA ASP D 315 4.39 -39.03 8.12
C ASP D 315 5.20 -40.10 8.81
N ALA D 316 6.38 -40.37 8.31
CA ALA D 316 7.22 -41.39 8.91
C ALA D 316 7.25 -41.31 10.43
N VAL D 317 7.20 -40.09 10.94
CA VAL D 317 7.25 -39.83 12.34
C VAL D 317 6.18 -40.58 13.13
N ASN D 318 5.13 -40.97 12.45
CA ASN D 318 4.05 -41.69 13.09
C ASN D 318 3.89 -43.11 12.49
N GLN D 319 4.83 -43.52 11.64
CA GLN D 319 4.77 -44.79 10.97
C GLN D 319 6.03 -45.59 11.22
N PRO D 320 5.89 -46.55 12.12
CA PRO D 320 7.01 -47.37 12.53
C PRO D 320 7.60 -48.28 11.49
N ARG D 321 6.91 -48.51 10.39
CA ARG D 321 7.51 -49.32 9.34
C ARG D 321 8.21 -48.45 8.31
N PHE D 322 8.13 -47.13 8.47
CA PHE D 322 8.75 -46.23 7.54
C PHE D 322 10.15 -46.00 8.00
N PRO D 323 11.01 -45.55 7.11
CA PRO D 323 12.38 -45.30 7.50
C PRO D 323 12.41 -44.28 8.59
N PRO D 324 13.37 -44.46 9.47
CA PRO D 324 13.59 -43.53 10.58
C PRO D 324 13.87 -42.07 10.15
N VAL D 325 13.26 -41.14 10.86
CA VAL D 325 13.33 -39.75 10.58
C VAL D 325 13.81 -38.98 11.77
N LEU D 326 14.07 -39.73 12.83
CA LEU D 326 14.56 -38.98 13.95
C LEU D 326 16.05 -38.64 13.87
N LEU D 327 16.37 -37.43 14.28
CA LEU D 327 17.73 -36.98 14.40
C LEU D 327 18.05 -36.80 15.91
N ARG D 328 19.10 -37.47 16.44
CA ARG D 328 19.49 -37.33 17.83
C ARG D 328 20.79 -36.55 17.97
N PRO D 329 20.99 -36.03 19.15
CA PRO D 329 22.21 -35.30 19.38
C PRO D 329 23.43 -36.17 19.13
N GLY D 330 24.46 -35.55 18.59
CA GLY D 330 25.60 -36.35 18.32
C GLY D 330 25.60 -36.80 16.87
N GLU D 331 24.43 -37.11 16.32
CA GLU D 331 24.49 -37.53 14.96
C GLU D 331 24.44 -36.39 14.00
N GLU D 332 24.46 -36.73 12.71
CA GLU D 332 24.38 -35.69 11.78
C GLU D 332 23.54 -36.06 10.59
N TYR D 333 22.50 -35.26 10.33
CA TYR D 333 21.63 -35.51 9.19
C TYR D 333 22.39 -35.05 7.98
N ASP D 334 22.36 -35.85 6.93
CA ASP D 334 23.11 -35.49 5.75
C ASP D 334 22.62 -36.21 4.50
N HIS D 335 21.95 -35.47 3.60
CA HIS D 335 21.41 -36.05 2.39
C HIS D 335 21.73 -35.23 1.17
N THR D 336 21.88 -35.93 0.05
CA THR D 336 22.28 -35.17 -1.12
C THR D 336 21.48 -35.50 -2.36
N THR D 337 21.20 -34.47 -3.11
CA THR D 337 20.47 -34.74 -4.31
C THR D 337 21.19 -34.19 -5.51
N TRP D 338 21.27 -34.97 -6.60
CA TRP D 338 21.96 -34.48 -7.77
C TRP D 338 21.01 -34.24 -8.86
N PHE D 339 21.06 -33.05 -9.44
CA PHE D 339 20.17 -32.69 -10.54
C PHE D 339 20.99 -32.68 -11.83
N LYS D 340 20.99 -33.79 -12.56
CA LYS D 340 21.78 -33.92 -13.76
C LYS D 340 21.08 -33.55 -15.04
N PHE D 341 21.46 -32.40 -15.59
CA PHE D 341 20.81 -32.02 -16.82
C PHE D 341 21.58 -32.43 -18.07
N SER D 342 20.86 -32.95 -19.02
CA SER D 342 21.54 -33.35 -20.23
C SER D 342 20.65 -33.11 -21.42
N VAL D 343 21.08 -33.65 -22.54
CA VAL D 343 20.34 -33.50 -23.76
C VAL D 343 20.36 -34.83 -24.48
N ALA D 344 19.19 -35.22 -24.95
CA ALA D 344 19.07 -36.48 -25.63
C ALA D 344 18.27 -36.30 -26.91
C1 GAL E . -34.21 9.87 18.16
C2 GAL E . -35.28 8.85 18.47
C3 GAL E . -36.53 9.25 17.69
C4 GAL E . -37.02 10.56 18.27
C5 GAL E . -35.91 11.58 18.01
C6 GAL E . -36.26 12.97 18.57
O1 GAL E . -32.95 9.50 18.75
O2 GAL E . -34.91 7.47 18.21
O3 GAL E . -37.54 8.27 17.89
O4 GAL E . -37.32 10.45 19.67
O5 GAL E . -34.65 11.16 18.62
O6 GAL E . -37.31 13.46 17.76
C1 GAL F . 22.69 16.78 19.45
C2 GAL F . 23.78 17.70 18.94
C3 GAL F . 25.03 17.35 19.73
C4 GAL F . 24.83 17.74 21.19
C5 GAL F . 23.65 16.91 21.68
C6 GAL F . 23.15 17.34 23.05
O1 GAL F . 21.47 17.10 18.76
O2 GAL F . 24.05 17.61 17.52
O3 GAL F . 26.14 18.03 19.19
O4 GAL F . 24.47 19.09 21.38
O5 GAL F . 22.50 17.08 20.84
O6 GAL F . 23.53 16.34 23.98
C1 GAL G . 7.98 4.74 -35.05
C2 GAL G . 9.21 5.18 -35.83
C3 GAL G . 10.44 4.65 -35.13
C4 GAL G . 10.48 5.42 -33.82
C5 GAL G . 9.24 5.04 -33.02
C6 GAL G . 9.12 5.78 -31.68
O1 GAL G . 6.85 5.33 -35.69
O2 GAL G . 9.22 4.79 -37.19
O3 GAL G . 11.58 5.04 -35.89
O4 GAL G . 10.45 6.80 -34.14
O5 GAL G . 8.05 5.34 -33.73
O6 GAL G . 9.33 4.85 -30.62
C1 GAL H . 3.50 -31.11 -2.45
C2 GAL H . 2.40 -31.82 -1.70
C3 GAL H . 1.05 -31.38 -2.21
C4 GAL H . 0.88 -29.91 -1.87
C5 GAL H . 2.04 -29.20 -2.60
C6 GAL H . 2.14 -27.69 -2.46
O1 GAL H . 4.69 -31.49 -1.78
O2 GAL H . 2.56 -33.24 -1.68
O3 GAL H . 0.02 -32.16 -1.60
O4 GAL H . 0.83 -29.64 -0.47
O5 GAL H . 3.34 -29.70 -2.24
O6 GAL H . 1.54 -27.08 -3.61
#